data_2I88
# 
_entry.id   2I88 
# 
_audit_conform.dict_name       mmcif_pdbx.dic 
_audit_conform.dict_version    5.387 
_audit_conform.dict_location   http://mmcif.pdb.org/dictionaries/ascii/mmcif_pdbx.dic 
# 
loop_
_database_2.database_id 
_database_2.database_code 
_database_2.pdbx_database_accession 
_database_2.pdbx_DOI 
PDB   2I88         pdb_00002i88 10.2210/pdb2i88/pdb 
RCSB  RCSB039260   ?            ?                   
WWPDB D_1000039260 ?            ?                   
# 
loop_
_pdbx_audit_revision_history.ordinal 
_pdbx_audit_revision_history.data_content_type 
_pdbx_audit_revision_history.major_revision 
_pdbx_audit_revision_history.minor_revision 
_pdbx_audit_revision_history.revision_date 
1 'Structure model' 1 0 2006-09-26 
2 'Structure model' 1 1 2008-05-01 
3 'Structure model' 1 2 2011-07-13 
4 'Structure model' 1 3 2018-01-24 
5 'Structure model' 1 4 2024-02-21 
# 
_pdbx_audit_revision_details.ordinal             1 
_pdbx_audit_revision_details.revision_ordinal    1 
_pdbx_audit_revision_details.data_content_type   'Structure model' 
_pdbx_audit_revision_details.provider            repository 
_pdbx_audit_revision_details.type                'Initial release' 
_pdbx_audit_revision_details.description         ? 
_pdbx_audit_revision_details.details             ? 
# 
loop_
_pdbx_audit_revision_group.ordinal 
_pdbx_audit_revision_group.revision_ordinal 
_pdbx_audit_revision_group.data_content_type 
_pdbx_audit_revision_group.group 
1 2 'Structure model' 'Version format compliance' 
2 3 'Structure model' 'Version format compliance' 
3 4 'Structure model' Advisory                    
4 4 'Structure model' 'Structure summary'         
5 5 'Structure model' Advisory                    
6 5 'Structure model' 'Data collection'           
7 5 'Structure model' 'Database references'       
# 
loop_
_pdbx_audit_revision_category.ordinal 
_pdbx_audit_revision_category.revision_ordinal 
_pdbx_audit_revision_category.data_content_type 
_pdbx_audit_revision_category.category 
1 4 'Structure model' audit_author                    
2 4 'Structure model' pdbx_unobs_or_zero_occ_residues 
3 5 'Structure model' chem_comp_atom                  
4 5 'Structure model' chem_comp_bond                  
5 5 'Structure model' database_2                      
6 5 'Structure model' pdbx_unobs_or_zero_occ_residues 
# 
loop_
_pdbx_audit_revision_item.ordinal 
_pdbx_audit_revision_item.revision_ordinal 
_pdbx_audit_revision_item.data_content_type 
_pdbx_audit_revision_item.item 
1 4 'Structure model' '_audit_author.name'                  
2 5 'Structure model' '_database_2.pdbx_DOI'                
3 5 'Structure model' '_database_2.pdbx_database_accession' 
# 
_pdbx_database_status.entry_id                        2I88 
_pdbx_database_status.deposit_site                    RCSB 
_pdbx_database_status.process_site                    RCSB 
_pdbx_database_status.recvd_initial_deposition_date   2006-09-01 
_pdbx_database_status.status_code                     REL 
_pdbx_database_status.status_code_sf                  REL 
_pdbx_database_status.status_code_mr                  ? 
_pdbx_database_status.SG_entry                        ? 
_pdbx_database_status.pdb_format_compatible           Y 
_pdbx_database_status.status_code_cs                  ? 
_pdbx_database_status.methods_development_category    ? 
_pdbx_database_status.status_code_nmr_data            ? 
# 
loop_
_pdbx_database_related.db_name 
_pdbx_database_related.db_id 
_pdbx_database_related.details 
_pdbx_database_related.content_type 
PDB 1COL 'REFINED STRUCTURE OF THE PORE-FORMING DOMAIN OF COLICIN A AT 2.4 ANGSTROMS RESOLUTION' unspecified 
PDB 1A87 'Crystal structure of a colicin N fragment suggests a model for toxicity.'              unspecified 
PDB 1CII 'Crystal structure of colicin Ia.'                                                      unspecified 
PDB 1ujw 'The structure of BtuB with bound colicin E3 R-domain implies a translocon'             unspecified 
# 
loop_
_audit_author.name 
_audit_author.pdbx_ordinal 
'Elkins, P.'        1 
'Bunker, A.'        2 
'Cramer, W.A.'      3 
'Stauffacher, C.V.' 4 
# 
_citation.id                        primary 
_citation.title                     
'A mechanism for toxin insertion into membranes is suggested by the crystal structure of the channel-forming domain of colicin E1' 
_citation.journal_abbrev            Structure 
_citation.journal_volume            5 
_citation.page_first                443 
_citation.page_last                 458 
_citation.year                      1997 
_citation.journal_id_ASTM           STRUE6 
_citation.country                   UK 
_citation.journal_id_ISSN           0969-2126 
_citation.journal_id_CSD            2005 
_citation.book_publisher            ? 
_citation.pdbx_database_id_PubMed   9083117 
_citation.pdbx_database_id_DOI      '10.1016/S0969-2126(97)00200-1' 
# 
loop_
_citation_author.citation_id 
_citation_author.name 
_citation_author.ordinal 
_citation_author.identifier_ORCID 
primary 'Elkins, P.'        1 ? 
primary 'Bunker, A.'        2 ? 
primary 'Cramer, W.A.'      3 ? 
primary 'Stauffacher, C.V.' 4 ? 
# 
loop_
_entity.id 
_entity.type 
_entity.src_method 
_entity.pdbx_description 
_entity.formula_weight 
_entity.pdbx_number_of_molecules 
_entity.pdbx_ec 
_entity.pdbx_mutation 
_entity.pdbx_fragment 
_entity.details 
1 polymer man Colicin-E1 21196.420 1  ? ? 'C-terminal domain' ? 
2 water   nat water      18.015    22 ? ? ?                   ? 
# 
_entity_poly.entity_id                      1 
_entity_poly.type                           'polypeptide(L)' 
_entity_poly.nstd_linkage                   no 
_entity_poly.nstd_monomer                   no 
_entity_poly.pdbx_seq_one_letter_code       
;NLKKAQNNLLNSQIKDAVDATVSFYQTLTEKYGEKYSKMAQELADKSKGKKIGNVNEALAAFEKYKDVLNKKFSKADRDA
IFNALASVKYDDWAKHLDQFAKYLKITGHVSFGYDVVSDILKIKDTGDWKPLFLTLEKKAADAGVSYVVALLFSLLAGTT
LGIWGIAIVTGILCSYIDKNKLNTINEVLGI
;
_entity_poly.pdbx_seq_one_letter_code_can   
;NLKKAQNNLLNSQIKDAVDATVSFYQTLTEKYGEKYSKMAQELADKSKGKKIGNVNEALAAFEKYKDVLNKKFSKADRDA
IFNALASVKYDDWAKHLDQFAKYLKITGHVSFGYDVVSDILKIKDTGDWKPLFLTLEKKAADAGVSYVVALLFSLLAGTT
LGIWGIAIVTGILCSYIDKNKLNTINEVLGI
;
_entity_poly.pdbx_strand_id                 A 
_entity_poly.pdbx_target_identifier         ? 
# 
_pdbx_entity_nonpoly.entity_id   2 
_pdbx_entity_nonpoly.name        water 
_pdbx_entity_nonpoly.comp_id     HOH 
# 
loop_
_entity_poly_seq.entity_id 
_entity_poly_seq.num 
_entity_poly_seq.mon_id 
_entity_poly_seq.hetero 
1 1   ASN n 
1 2   LEU n 
1 3   LYS n 
1 4   LYS n 
1 5   ALA n 
1 6   GLN n 
1 7   ASN n 
1 8   ASN n 
1 9   LEU n 
1 10  LEU n 
1 11  ASN n 
1 12  SER n 
1 13  GLN n 
1 14  ILE n 
1 15  LYS n 
1 16  ASP n 
1 17  ALA n 
1 18  VAL n 
1 19  ASP n 
1 20  ALA n 
1 21  THR n 
1 22  VAL n 
1 23  SER n 
1 24  PHE n 
1 25  TYR n 
1 26  GLN n 
1 27  THR n 
1 28  LEU n 
1 29  THR n 
1 30  GLU n 
1 31  LYS n 
1 32  TYR n 
1 33  GLY n 
1 34  GLU n 
1 35  LYS n 
1 36  TYR n 
1 37  SER n 
1 38  LYS n 
1 39  MET n 
1 40  ALA n 
1 41  GLN n 
1 42  GLU n 
1 43  LEU n 
1 44  ALA n 
1 45  ASP n 
1 46  LYS n 
1 47  SER n 
1 48  LYS n 
1 49  GLY n 
1 50  LYS n 
1 51  LYS n 
1 52  ILE n 
1 53  GLY n 
1 54  ASN n 
1 55  VAL n 
1 56  ASN n 
1 57  GLU n 
1 58  ALA n 
1 59  LEU n 
1 60  ALA n 
1 61  ALA n 
1 62  PHE n 
1 63  GLU n 
1 64  LYS n 
1 65  TYR n 
1 66  LYS n 
1 67  ASP n 
1 68  VAL n 
1 69  LEU n 
1 70  ASN n 
1 71  LYS n 
1 72  LYS n 
1 73  PHE n 
1 74  SER n 
1 75  LYS n 
1 76  ALA n 
1 77  ASP n 
1 78  ARG n 
1 79  ASP n 
1 80  ALA n 
1 81  ILE n 
1 82  PHE n 
1 83  ASN n 
1 84  ALA n 
1 85  LEU n 
1 86  ALA n 
1 87  SER n 
1 88  VAL n 
1 89  LYS n 
1 90  TYR n 
1 91  ASP n 
1 92  ASP n 
1 93  TRP n 
1 94  ALA n 
1 95  LYS n 
1 96  HIS n 
1 97  LEU n 
1 98  ASP n 
1 99  GLN n 
1 100 PHE n 
1 101 ALA n 
1 102 LYS n 
1 103 TYR n 
1 104 LEU n 
1 105 LYS n 
1 106 ILE n 
1 107 THR n 
1 108 GLY n 
1 109 HIS n 
1 110 VAL n 
1 111 SER n 
1 112 PHE n 
1 113 GLY n 
1 114 TYR n 
1 115 ASP n 
1 116 VAL n 
1 117 VAL n 
1 118 SER n 
1 119 ASP n 
1 120 ILE n 
1 121 LEU n 
1 122 LYS n 
1 123 ILE n 
1 124 LYS n 
1 125 ASP n 
1 126 THR n 
1 127 GLY n 
1 128 ASP n 
1 129 TRP n 
1 130 LYS n 
1 131 PRO n 
1 132 LEU n 
1 133 PHE n 
1 134 LEU n 
1 135 THR n 
1 136 LEU n 
1 137 GLU n 
1 138 LYS n 
1 139 LYS n 
1 140 ALA n 
1 141 ALA n 
1 142 ASP n 
1 143 ALA n 
1 144 GLY n 
1 145 VAL n 
1 146 SER n 
1 147 TYR n 
1 148 VAL n 
1 149 VAL n 
1 150 ALA n 
1 151 LEU n 
1 152 LEU n 
1 153 PHE n 
1 154 SER n 
1 155 LEU n 
1 156 LEU n 
1 157 ALA n 
1 158 GLY n 
1 159 THR n 
1 160 THR n 
1 161 LEU n 
1 162 GLY n 
1 163 ILE n 
1 164 TRP n 
1 165 GLY n 
1 166 ILE n 
1 167 ALA n 
1 168 ILE n 
1 169 VAL n 
1 170 THR n 
1 171 GLY n 
1 172 ILE n 
1 173 LEU n 
1 174 CYS n 
1 175 SER n 
1 176 TYR n 
1 177 ILE n 
1 178 ASP n 
1 179 LYS n 
1 180 ASN n 
1 181 LYS n 
1 182 LEU n 
1 183 ASN n 
1 184 THR n 
1 185 ILE n 
1 186 ASN n 
1 187 GLU n 
1 188 VAL n 
1 189 LEU n 
1 190 GLY n 
1 191 ILE n 
# 
_entity_src_gen.entity_id                          1 
_entity_src_gen.pdbx_src_id                        1 
_entity_src_gen.pdbx_alt_source_flag               sample 
_entity_src_gen.pdbx_seq_type                      ? 
_entity_src_gen.pdbx_beg_seq_num                   ? 
_entity_src_gen.pdbx_end_seq_num                   ? 
_entity_src_gen.gene_src_common_name               ? 
_entity_src_gen.gene_src_genus                     Escherichia 
_entity_src_gen.pdbx_gene_src_gene                 cea 
_entity_src_gen.gene_src_species                   ? 
_entity_src_gen.gene_src_strain                    DM1187 
_entity_src_gen.gene_src_tissue                    ? 
_entity_src_gen.gene_src_tissue_fraction           ? 
_entity_src_gen.gene_src_details                   ? 
_entity_src_gen.pdbx_gene_src_fragment             ? 
_entity_src_gen.pdbx_gene_src_scientific_name      'Escherichia coli' 
_entity_src_gen.pdbx_gene_src_ncbi_taxonomy_id     562 
_entity_src_gen.pdbx_gene_src_variant              ? 
_entity_src_gen.pdbx_gene_src_cell_line            ? 
_entity_src_gen.pdbx_gene_src_atcc                 ? 
_entity_src_gen.pdbx_gene_src_organ                ? 
_entity_src_gen.pdbx_gene_src_organelle            ? 
_entity_src_gen.pdbx_gene_src_cell                 ? 
_entity_src_gen.pdbx_gene_src_cellular_location    ? 
_entity_src_gen.host_org_common_name               ? 
_entity_src_gen.pdbx_host_org_scientific_name      'Escherichia coli' 
_entity_src_gen.pdbx_host_org_ncbi_taxonomy_id     562 
_entity_src_gen.host_org_genus                     Escherichia 
_entity_src_gen.pdbx_host_org_gene                 ? 
_entity_src_gen.pdbx_host_org_organ                ? 
_entity_src_gen.host_org_species                   ? 
_entity_src_gen.pdbx_host_org_tissue               ? 
_entity_src_gen.pdbx_host_org_tissue_fraction      ? 
_entity_src_gen.pdbx_host_org_strain               ? 
_entity_src_gen.pdbx_host_org_variant              ? 
_entity_src_gen.pdbx_host_org_cell_line            ? 
_entity_src_gen.pdbx_host_org_atcc                 ? 
_entity_src_gen.pdbx_host_org_culture_collection   ? 
_entity_src_gen.pdbx_host_org_cell                 ? 
_entity_src_gen.pdbx_host_org_organelle            ? 
_entity_src_gen.pdbx_host_org_cellular_location    ? 
_entity_src_gen.pdbx_host_org_vector_type          plasmid 
_entity_src_gen.pdbx_host_org_vector               ? 
_entity_src_gen.host_org_details                   ? 
_entity_src_gen.expression_system_id               ? 
_entity_src_gen.plasmid_name                       pSKHY 
_entity_src_gen.plasmid_details                    ? 
_entity_src_gen.pdbx_description                   ? 
# 
loop_
_chem_comp.id 
_chem_comp.type 
_chem_comp.mon_nstd_flag 
_chem_comp.name 
_chem_comp.pdbx_synonyms 
_chem_comp.formula 
_chem_comp.formula_weight 
ALA 'L-peptide linking' y ALANINE         ? 'C3 H7 N O2'     89.093  
ARG 'L-peptide linking' y ARGININE        ? 'C6 H15 N4 O2 1' 175.209 
ASN 'L-peptide linking' y ASPARAGINE      ? 'C4 H8 N2 O3'    132.118 
ASP 'L-peptide linking' y 'ASPARTIC ACID' ? 'C4 H7 N O4'     133.103 
CYS 'L-peptide linking' y CYSTEINE        ? 'C3 H7 N O2 S'   121.158 
GLN 'L-peptide linking' y GLUTAMINE       ? 'C5 H10 N2 O3'   146.144 
GLU 'L-peptide linking' y 'GLUTAMIC ACID' ? 'C5 H9 N O4'     147.129 
GLY 'peptide linking'   y GLYCINE         ? 'C2 H5 N O2'     75.067  
HIS 'L-peptide linking' y HISTIDINE       ? 'C6 H10 N3 O2 1' 156.162 
HOH non-polymer         . WATER           ? 'H2 O'           18.015  
ILE 'L-peptide linking' y ISOLEUCINE      ? 'C6 H13 N O2'    131.173 
LEU 'L-peptide linking' y LEUCINE         ? 'C6 H13 N O2'    131.173 
LYS 'L-peptide linking' y LYSINE          ? 'C6 H15 N2 O2 1' 147.195 
MET 'L-peptide linking' y METHIONINE      ? 'C5 H11 N O2 S'  149.211 
PHE 'L-peptide linking' y PHENYLALANINE   ? 'C9 H11 N O2'    165.189 
PRO 'L-peptide linking' y PROLINE         ? 'C5 H9 N O2'     115.130 
SER 'L-peptide linking' y SERINE          ? 'C3 H7 N O3'     105.093 
THR 'L-peptide linking' y THREONINE       ? 'C4 H9 N O3'     119.119 
TRP 'L-peptide linking' y TRYPTOPHAN      ? 'C11 H12 N2 O2'  204.225 
TYR 'L-peptide linking' y TYROSINE        ? 'C9 H11 N O3'    181.189 
VAL 'L-peptide linking' y VALINE          ? 'C5 H11 N O2'    117.146 
# 
loop_
_pdbx_poly_seq_scheme.asym_id 
_pdbx_poly_seq_scheme.entity_id 
_pdbx_poly_seq_scheme.seq_id 
_pdbx_poly_seq_scheme.mon_id 
_pdbx_poly_seq_scheme.ndb_seq_num 
_pdbx_poly_seq_scheme.pdb_seq_num 
_pdbx_poly_seq_scheme.auth_seq_num 
_pdbx_poly_seq_scheme.pdb_mon_id 
_pdbx_poly_seq_scheme.auth_mon_id 
_pdbx_poly_seq_scheme.pdb_strand_id 
_pdbx_poly_seq_scheme.pdb_ins_code 
_pdbx_poly_seq_scheme.hetero 
A 1 1   ASN 1   332 ?   ?   ?   A . n 
A 1 2   LEU 2   333 ?   ?   ?   A . n 
A 1 3   LYS 3   334 ?   ?   ?   A . n 
A 1 4   LYS 4   335 ?   ?   ?   A . n 
A 1 5   ALA 5   336 ?   ?   ?   A . n 
A 1 6   GLN 6   337 ?   ?   ?   A . n 
A 1 7   ASN 7   338 ?   ?   ?   A . n 
A 1 8   ASN 8   339 ?   ?   ?   A . n 
A 1 9   LEU 9   340 ?   ?   ?   A . n 
A 1 10  LEU 10  341 ?   ?   ?   A . n 
A 1 11  ASN 11  342 ?   ?   ?   A . n 
A 1 12  SER 12  343 ?   ?   ?   A . n 
A 1 13  GLN 13  344 ?   ?   ?   A . n 
A 1 14  ILE 14  345 345 ILE ILE A . n 
A 1 15  LYS 15  346 346 LYS LYS A . n 
A 1 16  ASP 16  347 347 ASP ASP A . n 
A 1 17  ALA 17  348 348 ALA ALA A . n 
A 1 18  VAL 18  349 349 VAL VAL A . n 
A 1 19  ASP 19  350 350 ASP ASP A . n 
A 1 20  ALA 20  351 351 ALA ALA A . n 
A 1 21  THR 21  352 352 THR THR A . n 
A 1 22  VAL 22  353 353 VAL VAL A . n 
A 1 23  SER 23  354 354 SER SER A . n 
A 1 24  PHE 24  355 355 PHE PHE A . n 
A 1 25  TYR 25  356 356 TYR TYR A . n 
A 1 26  GLN 26  357 357 GLN GLN A . n 
A 1 27  THR 27  358 358 THR THR A . n 
A 1 28  LEU 28  359 359 LEU LEU A . n 
A 1 29  THR 29  360 360 THR THR A . n 
A 1 30  GLU 30  361 361 GLU GLU A . n 
A 1 31  LYS 31  362 362 LYS LYS A . n 
A 1 32  TYR 32  363 363 TYR TYR A . n 
A 1 33  GLY 33  364 364 GLY GLY A . n 
A 1 34  GLU 34  365 365 GLU GLU A . n 
A 1 35  LYS 35  366 366 LYS LYS A . n 
A 1 36  TYR 36  367 367 TYR TYR A . n 
A 1 37  SER 37  368 368 SER SER A . n 
A 1 38  LYS 38  369 369 LYS LYS A . n 
A 1 39  MET 39  370 370 MET MET A . n 
A 1 40  ALA 40  371 371 ALA ALA A . n 
A 1 41  GLN 41  372 372 GLN GLN A . n 
A 1 42  GLU 42  373 373 GLU GLU A . n 
A 1 43  LEU 43  374 374 LEU LEU A . n 
A 1 44  ALA 44  375 375 ALA ALA A . n 
A 1 45  ASP 45  376 376 ASP ASP A . n 
A 1 46  LYS 46  377 377 LYS LYS A . n 
A 1 47  SER 47  378 378 SER SER A . n 
A 1 48  LYS 48  379 379 LYS LYS A . n 
A 1 49  GLY 49  380 380 GLY GLY A . n 
A 1 50  LYS 50  381 381 LYS LYS A . n 
A 1 51  LYS 51  382 382 LYS LYS A . n 
A 1 52  ILE 52  383 383 ILE ILE A . n 
A 1 53  GLY 53  384 384 GLY GLY A . n 
A 1 54  ASN 54  385 385 ASN ASN A . n 
A 1 55  VAL 55  386 386 VAL VAL A . n 
A 1 56  ASN 56  387 387 ASN ASN A . n 
A 1 57  GLU 57  388 388 GLU GLU A . n 
A 1 58  ALA 58  389 389 ALA ALA A . n 
A 1 59  LEU 59  390 390 LEU LEU A . n 
A 1 60  ALA 60  391 391 ALA ALA A . n 
A 1 61  ALA 61  392 392 ALA ALA A . n 
A 1 62  PHE 62  393 393 PHE PHE A . n 
A 1 63  GLU 63  394 394 GLU GLU A . n 
A 1 64  LYS 64  395 395 LYS LYS A . n 
A 1 65  TYR 65  396 396 TYR TYR A . n 
A 1 66  LYS 66  397 397 LYS LYS A . n 
A 1 67  ASP 67  398 398 ASP ASP A . n 
A 1 68  VAL 68  399 399 VAL VAL A . n 
A 1 69  LEU 69  400 400 LEU LEU A . n 
A 1 70  ASN 70  401 401 ASN ASN A . n 
A 1 71  LYS 71  402 402 LYS LYS A . n 
A 1 72  LYS 72  403 403 LYS LYS A . n 
A 1 73  PHE 73  404 404 PHE PHE A . n 
A 1 74  SER 74  405 405 SER SER A . n 
A 1 75  LYS 75  406 406 LYS LYS A . n 
A 1 76  ALA 76  407 407 ALA ALA A . n 
A 1 77  ASP 77  408 408 ASP ASP A . n 
A 1 78  ARG 78  409 409 ARG ARG A . n 
A 1 79  ASP 79  410 410 ASP ASP A . n 
A 1 80  ALA 80  411 411 ALA ALA A . n 
A 1 81  ILE 81  412 412 ILE ILE A . n 
A 1 82  PHE 82  413 413 PHE PHE A . n 
A 1 83  ASN 83  414 414 ASN ASN A . n 
A 1 84  ALA 84  415 415 ALA ALA A . n 
A 1 85  LEU 85  416 416 LEU LEU A . n 
A 1 86  ALA 86  417 417 ALA ALA A . n 
A 1 87  SER 87  418 418 SER SER A . n 
A 1 88  VAL 88  419 419 VAL VAL A . n 
A 1 89  LYS 89  420 420 LYS LYS A . n 
A 1 90  TYR 90  421 421 TYR TYR A . n 
A 1 91  ASP 91  422 422 ASP ASP A . n 
A 1 92  ASP 92  423 423 ASP ASP A . n 
A 1 93  TRP 93  424 424 TRP TRP A . n 
A 1 94  ALA 94  425 425 ALA ALA A . n 
A 1 95  LYS 95  426 426 LYS LYS A . n 
A 1 96  HIS 96  427 427 HIS HIS A . n 
A 1 97  LEU 97  428 428 LEU LEU A . n 
A 1 98  ASP 98  429 429 ASP ASP A . n 
A 1 99  GLN 99  430 430 GLN GLN A . n 
A 1 100 PHE 100 431 431 PHE PHE A . n 
A 1 101 ALA 101 432 432 ALA ALA A . n 
A 1 102 LYS 102 433 433 LYS LYS A . n 
A 1 103 TYR 103 434 434 TYR TYR A . n 
A 1 104 LEU 104 435 435 LEU LEU A . n 
A 1 105 LYS 105 436 436 LYS LYS A . n 
A 1 106 ILE 106 437 437 ILE ILE A . n 
A 1 107 THR 107 438 438 THR THR A . n 
A 1 108 GLY 108 439 439 GLY GLY A . n 
A 1 109 HIS 109 440 440 HIS HIS A . n 
A 1 110 VAL 110 441 441 VAL VAL A . n 
A 1 111 SER 111 442 442 SER SER A . n 
A 1 112 PHE 112 443 443 PHE PHE A . n 
A 1 113 GLY 113 444 444 GLY GLY A . n 
A 1 114 TYR 114 445 445 TYR TYR A . n 
A 1 115 ASP 115 446 446 ASP ASP A . n 
A 1 116 VAL 116 447 447 VAL VAL A . n 
A 1 117 VAL 117 448 448 VAL VAL A . n 
A 1 118 SER 118 449 449 SER SER A . n 
A 1 119 ASP 119 450 450 ASP ASP A . n 
A 1 120 ILE 120 451 451 ILE ILE A . n 
A 1 121 LEU 121 452 452 LEU LEU A . n 
A 1 122 LYS 122 453 453 LYS LYS A . n 
A 1 123 ILE 123 454 454 ILE ILE A . n 
A 1 124 LYS 124 455 455 LYS LYS A . n 
A 1 125 ASP 125 456 456 ASP ASP A . n 
A 1 126 THR 126 457 457 THR THR A . n 
A 1 127 GLY 127 458 458 GLY GLY A . n 
A 1 128 ASP 128 459 459 ASP ASP A . n 
A 1 129 TRP 129 460 460 TRP TRP A . n 
A 1 130 LYS 130 461 461 LYS LYS A . n 
A 1 131 PRO 131 462 462 PRO PRO A . n 
A 1 132 LEU 132 463 463 LEU LEU A . n 
A 1 133 PHE 133 464 464 PHE PHE A . n 
A 1 134 LEU 134 465 465 LEU LEU A . n 
A 1 135 THR 135 466 466 THR THR A . n 
A 1 136 LEU 136 467 467 LEU LEU A . n 
A 1 137 GLU 137 468 468 GLU GLU A . n 
A 1 138 LYS 138 469 469 LYS LYS A . n 
A 1 139 LYS 139 470 470 LYS LYS A . n 
A 1 140 ALA 140 471 471 ALA ALA A . n 
A 1 141 ALA 141 472 472 ALA ALA A . n 
A 1 142 ASP 142 473 473 ASP ASP A . n 
A 1 143 ALA 143 474 474 ALA ALA A . n 
A 1 144 GLY 144 475 475 GLY GLY A . n 
A 1 145 VAL 145 476 476 VAL VAL A . n 
A 1 146 SER 146 477 477 SER SER A . n 
A 1 147 TYR 147 478 478 TYR TYR A . n 
A 1 148 VAL 148 479 479 VAL VAL A . n 
A 1 149 VAL 149 480 480 VAL VAL A . n 
A 1 150 ALA 150 481 481 ALA ALA A . n 
A 1 151 LEU 151 482 482 LEU LEU A . n 
A 1 152 LEU 152 483 483 LEU LEU A . n 
A 1 153 PHE 153 484 484 PHE PHE A . n 
A 1 154 SER 154 485 485 SER SER A . n 
A 1 155 LEU 155 486 486 LEU LEU A . n 
A 1 156 LEU 156 487 487 LEU LEU A . n 
A 1 157 ALA 157 488 488 ALA ALA A . n 
A 1 158 GLY 158 489 489 GLY GLY A . n 
A 1 159 THR 159 490 490 THR THR A . n 
A 1 160 THR 160 491 491 THR THR A . n 
A 1 161 LEU 161 492 492 LEU LEU A . n 
A 1 162 GLY 162 493 493 GLY GLY A . n 
A 1 163 ILE 163 494 494 ILE ILE A . n 
A 1 164 TRP 164 495 495 TRP TRP A . n 
A 1 165 GLY 165 496 496 GLY GLY A . n 
A 1 166 ILE 166 497 497 ILE ILE A . n 
A 1 167 ALA 167 498 498 ALA ALA A . n 
A 1 168 ILE 168 499 499 ILE ILE A . n 
A 1 169 VAL 169 500 500 VAL VAL A . n 
A 1 170 THR 170 501 501 THR THR A . n 
A 1 171 GLY 171 502 502 GLY GLY A . n 
A 1 172 ILE 172 503 503 ILE ILE A . n 
A 1 173 LEU 173 504 504 LEU LEU A . n 
A 1 174 CYS 174 505 505 CYS CYS A . n 
A 1 175 SER 175 506 506 SER SER A . n 
A 1 176 TYR 176 507 507 TYR TYR A . n 
A 1 177 ILE 177 508 508 ILE ILE A . n 
A 1 178 ASP 178 509 509 ASP ASP A . n 
A 1 179 LYS 179 510 510 LYS LYS A . n 
A 1 180 ASN 180 511 511 ASN ASN A . n 
A 1 181 LYS 181 512 512 LYS LYS A . n 
A 1 182 LEU 182 513 513 LEU LEU A . n 
A 1 183 ASN 183 514 514 ASN ASN A . n 
A 1 184 THR 184 515 515 THR THR A . n 
A 1 185 ILE 185 516 516 ILE ILE A . n 
A 1 186 ASN 186 517 517 ASN ASN A . n 
A 1 187 GLU 187 518 518 GLU GLU A . n 
A 1 188 VAL 188 519 519 VAL VAL A . n 
A 1 189 LEU 189 520 520 LEU LEU A . n 
A 1 190 GLY 190 521 521 GLY GLY A . n 
A 1 191 ILE 191 522 522 ILE ILE A . n 
# 
loop_
_pdbx_nonpoly_scheme.asym_id 
_pdbx_nonpoly_scheme.entity_id 
_pdbx_nonpoly_scheme.mon_id 
_pdbx_nonpoly_scheme.ndb_seq_num 
_pdbx_nonpoly_scheme.pdb_seq_num 
_pdbx_nonpoly_scheme.auth_seq_num 
_pdbx_nonpoly_scheme.pdb_mon_id 
_pdbx_nonpoly_scheme.auth_mon_id 
_pdbx_nonpoly_scheme.pdb_strand_id 
_pdbx_nonpoly_scheme.pdb_ins_code 
B 2 HOH 1  1  1  HOH HOH A . 
B 2 HOH 2  2  2  HOH HOH A . 
B 2 HOH 3  3  3  HOH HOH A . 
B 2 HOH 4  4  4  HOH HOH A . 
B 2 HOH 5  5  5  HOH HOH A . 
B 2 HOH 6  6  6  HOH HOH A . 
B 2 HOH 7  7  7  HOH HOH A . 
B 2 HOH 8  8  8  HOH HOH A . 
B 2 HOH 9  9  9  HOH HOH A . 
B 2 HOH 10 10 10 HOH HOH A . 
B 2 HOH 11 11 11 HOH HOH A . 
B 2 HOH 12 12 12 HOH HOH A . 
B 2 HOH 13 13 13 HOH HOH A . 
B 2 HOH 14 14 14 HOH HOH A . 
B 2 HOH 15 15 15 HOH HOH A . 
B 2 HOH 16 16 16 HOH HOH A . 
B 2 HOH 17 17 17 HOH HOH A . 
B 2 HOH 18 18 18 HOH HOH A . 
B 2 HOH 19 19 19 HOH HOH A . 
B 2 HOH 20 20 20 HOH HOH A . 
B 2 HOH 21 21 21 HOH HOH A . 
B 2 HOH 22 22 22 HOH HOH A . 
# 
loop_
_software.name 
_software.version 
_software.date 
_software.type 
_software.contact_author 
_software.contact_author_email 
_software.classification 
_software.location 
_software.language 
_software.citation_id 
_software.pdbx_ordinal 
CNS          .              ?                package 'Axel T. Brunger' axel.brunger@yale.edu    refinement        
http://cns.csb.yale.edu/v1.1/    Fortran_77 ? 1 
PDB_EXTRACT  2.000          'April. 3, 2006' package PDB               sw-help@rcsb.rutgers.edu 'data extraction' 
http://pdb.rutgers.edu/software/ C++        ? 2 
CrystalClear '(MSC/RIGAKU)' ?                ?       ?                 ?                        'data collection' ? ?          ? 3 
DENZO        .              ?                ?       ?                 ?                        'data reduction'  ? ?          ? 4 
CCP4         '(ROTAVATA)'   ?                ?       ?                 ?                        'data scaling'    ? ?          ? 5 
CCP4         .              ?                ?       ?                 ?                        phasing           ? ?          ? 6 
# 
_cell.length_a           87.46 
_cell.length_b           87.46 
_cell.length_c           59.10 
_cell.angle_alpha        90.000 
_cell.angle_beta         90.000 
_cell.angle_gamma        90.000 
_cell.entry_id           2I88 
_cell.pdbx_unique_axis   ? 
_cell.Z_PDB              8 
_cell.length_a_esd       ? 
_cell.length_b_esd       ? 
_cell.length_c_esd       ? 
_cell.angle_alpha_esd    ? 
_cell.angle_beta_esd     ? 
_cell.angle_gamma_esd    ? 
# 
_symmetry.space_group_name_H-M             'I 4' 
_symmetry.entry_id                         2I88 
_symmetry.pdbx_full_space_group_name_H-M   ? 
_symmetry.Int_Tables_number                79 
_symmetry.cell_setting                     ? 
_symmetry.space_group_name_Hall            ? 
# 
_exptl.crystals_number   1 
_exptl.entry_id          2I88 
_exptl.method            'X-RAY DIFFRACTION' 
# 
_exptl_crystal.id                    1 
_exptl_crystal.density_Matthews      2.67 
_exptl_crystal.density_meas          ? 
_exptl_crystal.density_percent_sol   53.86 
_exptl_crystal.description           ? 
_exptl_crystal.F_000                 ? 
_exptl_crystal.preparation           ? 
# 
_exptl_crystal_grow.crystal_id      1 
_exptl_crystal_grow.method          'VAPOR DIFFUSION' 
_exptl_crystal_grow.pH              ? 
_exptl_crystal_grow.temp            295 
_exptl_crystal_grow.temp_details    ? 
_exptl_crystal_grow.pdbx_details    
;50 mM MES at pH 6.0 
25 mM Tris-HCl pH 7-8 
100 mM NaCo or NaNO3 
23-27% PEG 3350 
very sensitive to temperatue 
stabilized by slow addition to of PEG 20,000 to 2-3%, VAPOR DIFFUSION, temperature 295K
;
_exptl_crystal_grow.pdbx_pH_range   . 
# 
_diffrn.id                     1 
_diffrn.ambient_temp           295 
_diffrn.ambient_temp_details   ? 
_diffrn.crystal_id             1 
# 
_diffrn_detector.diffrn_id              1 
_diffrn_detector.detector               'IMAGE PLATE' 
_diffrn_detector.type                   'RIGAKU RAXIS II' 
_diffrn_detector.pdbx_collection_date   ? 
_diffrn_detector.details                ? 
# 
_diffrn_radiation.diffrn_id                        1 
_diffrn_radiation.wavelength_id                    1 
_diffrn_radiation.pdbx_diffrn_protocol             'SINGLE WAVELENGTH' 
_diffrn_radiation.monochromator                    ? 
_diffrn_radiation.pdbx_monochromatic_or_laue_m_l   M 
_diffrn_radiation.pdbx_scattering_type             x-ray 
# 
_diffrn_radiation_wavelength.id           1 
_diffrn_radiation_wavelength.wavelength   1.5418 
_diffrn_radiation_wavelength.wt           1.0 
# 
_diffrn_source.diffrn_id                   1 
_diffrn_source.source                      'ROTATING ANODE' 
_diffrn_source.type                        'RIGAKU RU200' 
_diffrn_source.pdbx_wavelength             1.5418 
_diffrn_source.pdbx_wavelength_list        ? 
_diffrn_source.pdbx_synchrotron_site       ? 
_diffrn_source.pdbx_synchrotron_beamline   ? 
# 
_reflns.entry_id                     2I88 
_reflns.observed_criterion_sigma_F   1.0 
_reflns.observed_criterion_sigma_I   3.0 
_reflns.d_resolution_high            2.5 
_reflns.d_resolution_low             32 
_reflns.number_all                   7727 
_reflns.number_obs                   6684 
_reflns.percent_possible_obs         86.5 
_reflns.pdbx_Rmerge_I_obs            ? 
_reflns.pdbx_Rsym_value              0.035 
_reflns.pdbx_netI_over_sigmaI        13.97 
_reflns.B_iso_Wilson_estimate        51.5 
_reflns.pdbx_redundancy              3.7 
_reflns.R_free_details               ? 
_reflns.limit_h_max                  ? 
_reflns.limit_h_min                  ? 
_reflns.limit_k_max                  ? 
_reflns.limit_k_min                  ? 
_reflns.limit_l_max                  ? 
_reflns.limit_l_min                  ? 
_reflns.observed_criterion_F_max     ? 
_reflns.observed_criterion_F_min     ? 
_reflns.pdbx_chi_squared             ? 
_reflns.pdbx_scaling_rejects         ? 
_reflns.pdbx_diffrn_id               1 
_reflns.pdbx_ordinal                 1 
# 
_reflns_shell.d_res_high             2.5 
_reflns_shell.d_res_low              2.64 
_reflns_shell.percent_possible_obs   ? 
_reflns_shell.percent_possible_all   61.4 
_reflns_shell.Rmerge_I_obs           0.125 
_reflns_shell.meanI_over_sigI_obs    5.5 
_reflns_shell.pdbx_Rsym_value        ? 
_reflns_shell.pdbx_redundancy        2.2 
_reflns_shell.number_unique_all      683 
_reflns_shell.number_measured_all    ? 
_reflns_shell.number_measured_obs    ? 
_reflns_shell.number_unique_obs      ? 
_reflns_shell.pdbx_chi_squared       ? 
_reflns_shell.pdbx_diffrn_id         ? 
_reflns_shell.pdbx_ordinal           1 
# 
_refine.entry_id                                 2I88 
_refine.B_iso_mean                               38.885 
_refine.ls_d_res_high                            2.5 
_refine.ls_d_res_low                             32 
_refine.pdbx_ls_sigma_F                          1.0 
_refine.pdbx_ls_sigma_I                          3.0 
_refine.ls_number_reflns_all                     7730 
_refine.ls_number_reflns_obs                     6684 
_refine.ls_number_reflns_R_free                  562 
_refine.ls_percent_reflns_obs                    86.5 
_refine.ls_R_factor_all                          0.182 
_refine.ls_R_factor_obs                          0.176 
_refine.ls_R_factor_R_work                       0.172 
_refine.ls_R_factor_R_free                       0.284 
_refine.ls_redundancy_reflns_obs                 ? 
_refine.pdbx_data_cutoff_high_absF               ? 
_refine.pdbx_data_cutoff_low_absF                ? 
_refine.ls_number_parameters                     ? 
_refine.ls_number_restraints                     ? 
_refine.ls_percent_reflns_R_free                 ? 
_refine.ls_R_factor_R_free_error                 ? 
_refine.ls_R_factor_R_free_error_details         ? 
_refine.pdbx_method_to_determine_struct          MIR 
_refine.pdbx_starting_model                      ? 
_refine.pdbx_ls_cross_valid_method               ? 
_refine.pdbx_R_Free_selection_details            random 
_refine.pdbx_stereochem_target_val_spec_case     ? 
_refine.pdbx_stereochemistry_target_values       'Engh & Huber' 
_refine.solvent_model_details                    ? 
_refine.solvent_model_param_bsol                 ? 
_refine.solvent_model_param_ksol                 ? 
_refine.occupancy_max                            ? 
_refine.occupancy_min                            ? 
_refine.pdbx_isotropic_thermal_model             ? 
_refine.aniso_B[1][1]                            ? 
_refine.aniso_B[1][2]                            ? 
_refine.aniso_B[1][3]                            ? 
_refine.aniso_B[2][2]                            ? 
_refine.aniso_B[2][3]                            ? 
_refine.aniso_B[3][3]                            ? 
_refine.details                                  ? 
_refine.B_iso_min                                ? 
_refine.B_iso_max                                ? 
_refine.correlation_coeff_Fo_to_Fc               ? 
_refine.correlation_coeff_Fo_to_Fc_free          ? 
_refine.pdbx_solvent_vdw_probe_radii             ? 
_refine.pdbx_solvent_ion_probe_radii             ? 
_refine.pdbx_solvent_shrinkage_radii             ? 
_refine.overall_SU_R_Cruickshank_DPI             ? 
_refine.overall_SU_R_free                        ? 
_refine.overall_SU_ML                            ? 
_refine.overall_SU_B                             ? 
_refine.pdbx_overall_ESU_R_Free                  ? 
_refine.pdbx_data_cutoff_high_rms_absF           ? 
_refine.pdbx_overall_ESU_R                       ? 
_refine.ls_wR_factor_R_free                      ? 
_refine.ls_wR_factor_R_work                      ? 
_refine.overall_FOM_free_R_set                   ? 
_refine.overall_FOM_work_R_set                   ? 
_refine.pdbx_refine_id                           'X-RAY DIFFRACTION' 
_refine.pdbx_diffrn_id                           1 
_refine.pdbx_TLS_residual_ADP_flag               ? 
_refine.pdbx_overall_phase_error                 ? 
_refine.pdbx_overall_SU_R_free_Cruickshank_DPI   ? 
_refine.pdbx_overall_SU_R_Blow_DPI               ? 
_refine.pdbx_overall_SU_R_free_Blow_DPI          ? 
# 
_refine_hist.pdbx_refine_id                   'X-RAY DIFFRACTION' 
_refine_hist.cycle_id                         LAST 
_refine_hist.pdbx_number_atoms_protein        1392 
_refine_hist.pdbx_number_atoms_nucleic_acid   0 
_refine_hist.pdbx_number_atoms_ligand         0 
_refine_hist.number_atoms_solvent             22 
_refine_hist.number_atoms_total               1414 
_refine_hist.d_res_high                       2.5 
_refine_hist.d_res_low                        32 
# 
loop_
_refine_ls_restr.type 
_refine_ls_restr.dev_ideal 
_refine_ls_restr.dev_ideal_target 
_refine_ls_restr.number 
_refine_ls_restr.weight 
_refine_ls_restr.pdbx_refine_id 
_refine_ls_restr.pdbx_restraint_function 
c_angle_deg 1.6   ? ? ? 'X-RAY DIFFRACTION' ? 
c_bond_d    0.013 ? ? ? 'X-RAY DIFFRACTION' ? 
# 
_struct.entry_id                  2I88 
_struct.title                     'Crystal structure of the Channel-forming Domain of Colicin E1' 
_struct.pdbx_model_details        ? 
_struct.pdbx_CASP_flag            N 
_struct.pdbx_model_type_details   ? 
# 
_struct_keywords.entry_id        2I88 
_struct_keywords.pdbx_keywords   'MEMBRANE PROTEIN' 
_struct_keywords.text            
'protein-membrane interactions, toxin-membrane interactions, toxin structure, voltage-gated channel, colicin, MEMBRANE PROTEIN' 
# 
loop_
_struct_asym.id 
_struct_asym.pdbx_blank_PDB_chainid_flag 
_struct_asym.pdbx_modified 
_struct_asym.entity_id 
_struct_asym.details 
A N N 1 ? 
B N N 2 ? 
# 
_struct_ref.id                         1 
_struct_ref.db_name                    UNP 
_struct_ref.db_code                    CEA1_ECOLI 
_struct_ref.pdbx_db_accession          P02978 
_struct_ref.entity_id                  1 
_struct_ref.pdbx_align_begin           332 
_struct_ref.pdbx_db_isoform            ? 
_struct_ref.pdbx_seq_one_letter_code   ? 
# 
_struct_ref_seq.align_id                      1 
_struct_ref_seq.ref_id                        1 
_struct_ref_seq.pdbx_PDB_id_code              2I88 
_struct_ref_seq.pdbx_strand_id                A 
_struct_ref_seq.seq_align_beg                 1 
_struct_ref_seq.pdbx_seq_align_beg_ins_code   ? 
_struct_ref_seq.seq_align_end                 191 
_struct_ref_seq.pdbx_seq_align_end_ins_code   ? 
_struct_ref_seq.pdbx_db_accession             P02978 
_struct_ref_seq.db_align_beg                  332 
_struct_ref_seq.pdbx_db_align_beg_ins_code    ? 
_struct_ref_seq.db_align_end                  522 
_struct_ref_seq.pdbx_db_align_end_ins_code    ? 
_struct_ref_seq.pdbx_auth_seq_align_beg       332 
_struct_ref_seq.pdbx_auth_seq_align_end       522 
# 
_pdbx_struct_assembly.id                   1 
_pdbx_struct_assembly.details              author_defined_assembly 
_pdbx_struct_assembly.method_details       ? 
_pdbx_struct_assembly.oligomeric_details   monomeric 
_pdbx_struct_assembly.oligomeric_count     1 
# 
_pdbx_struct_assembly_gen.assembly_id       1 
_pdbx_struct_assembly_gen.oper_expression   1 
_pdbx_struct_assembly_gen.asym_id_list      A,B 
# 
_pdbx_struct_oper_list.id                   1 
_pdbx_struct_oper_list.type                 'identity operation' 
_pdbx_struct_oper_list.name                 1_555 
_pdbx_struct_oper_list.symmetry_operation   x,y,z 
_pdbx_struct_oper_list.matrix[1][1]         1.0000000000 
_pdbx_struct_oper_list.matrix[1][2]         0.0000000000 
_pdbx_struct_oper_list.matrix[1][3]         0.0000000000 
_pdbx_struct_oper_list.vector[1]            0.0000000000 
_pdbx_struct_oper_list.matrix[2][1]         0.0000000000 
_pdbx_struct_oper_list.matrix[2][2]         1.0000000000 
_pdbx_struct_oper_list.matrix[2][3]         0.0000000000 
_pdbx_struct_oper_list.vector[2]            0.0000000000 
_pdbx_struct_oper_list.matrix[3][1]         0.0000000000 
_pdbx_struct_oper_list.matrix[3][2]         0.0000000000 
_pdbx_struct_oper_list.matrix[3][3]         1.0000000000 
_pdbx_struct_oper_list.vector[3]            0.0000000000 
# 
_struct_biol.id                    1 
_struct_biol.details               ? 
_struct_biol.pdbx_parent_biol_id   ? 
# 
loop_
_struct_conf.conf_type_id 
_struct_conf.id 
_struct_conf.pdbx_PDB_helix_id 
_struct_conf.beg_label_comp_id 
_struct_conf.beg_label_asym_id 
_struct_conf.beg_label_seq_id 
_struct_conf.pdbx_beg_PDB_ins_code 
_struct_conf.end_label_comp_id 
_struct_conf.end_label_asym_id 
_struct_conf.end_label_seq_id 
_struct_conf.pdbx_end_PDB_ins_code 
_struct_conf.beg_auth_comp_id 
_struct_conf.beg_auth_asym_id 
_struct_conf.beg_auth_seq_id 
_struct_conf.end_auth_comp_id 
_struct_conf.end_auth_asym_id 
_struct_conf.end_auth_seq_id 
_struct_conf.pdbx_PDB_helix_class 
_struct_conf.details 
_struct_conf.pdbx_PDB_helix_length 
HELX_P HELX_P1  1  ILE A 14  ? TYR A 32  ? ILE A 345 TYR A 363 1 ? 19 
HELX_P HELX_P2  2  GLY A 33  ? LYS A 48  ? GLY A 364 LYS A 379 1 ? 16 
HELX_P HELX_P3  3  ASN A 54  ? LYS A 72  ? ASN A 385 LYS A 403 1 ? 19 
HELX_P HELX_P4  4  SER A 74  ? ALA A 86  ? SER A 405 ALA A 417 1 ? 13 
HELX_P HELX_P5  5  SER A 87  ? LYS A 89  ? SER A 418 LYS A 420 5 ? 3  
HELX_P HELX_P6  6  TYR A 90  ? LYS A 95  ? TYR A 421 LYS A 426 1 ? 6  
HELX_P HELX_P7  7  HIS A 96  ? LEU A 104 ? HIS A 427 LEU A 435 1 ? 9  
HELX_P HELX_P8  8  ASP A 115 ? GLY A 127 ? ASP A 446 GLY A 458 1 ? 13 
HELX_P HELX_P9  9  TRP A 129 ? ALA A 141 ? TRP A 460 ALA A 472 1 ? 13 
HELX_P HELX_P10 10 GLY A 144 ? GLY A 158 ? GLY A 475 GLY A 489 1 ? 15 
HELX_P HELX_P11 11 GLY A 162 ? ILE A 177 ? GLY A 493 ILE A 508 1 ? 16 
HELX_P HELX_P12 12 LYS A 181 ? ASN A 183 ? LYS A 512 ASN A 514 5 ? 3  
HELX_P HELX_P13 13 THR A 184 ? GLY A 190 ? THR A 515 GLY A 521 1 ? 7  
# 
_struct_conf_type.id          HELX_P 
_struct_conf_type.criteria    ? 
_struct_conf_type.reference   ? 
# 
loop_
_pdbx_validate_torsion.id 
_pdbx_validate_torsion.PDB_model_num 
_pdbx_validate_torsion.auth_comp_id 
_pdbx_validate_torsion.auth_asym_id 
_pdbx_validate_torsion.auth_seq_id 
_pdbx_validate_torsion.PDB_ins_code 
_pdbx_validate_torsion.label_alt_id 
_pdbx_validate_torsion.phi 
_pdbx_validate_torsion.psi 
1 1 ALA A 472 ? ? 47.52 -133.59 
2 1 ASP A 509 ? ? -8.04 -29.44  
# 
_pdbx_validate_planes.id              1 
_pdbx_validate_planes.PDB_model_num   1 
_pdbx_validate_planes.auth_comp_id    TYR 
_pdbx_validate_planes.auth_asym_id    A 
_pdbx_validate_planes.auth_seq_id     367 
_pdbx_validate_planes.PDB_ins_code    ? 
_pdbx_validate_planes.label_alt_id    ? 
_pdbx_validate_planes.rmsd            0.086 
_pdbx_validate_planes.type            'SIDE CHAIN' 
# 
loop_
_pdbx_unobs_or_zero_occ_residues.id 
_pdbx_unobs_or_zero_occ_residues.PDB_model_num 
_pdbx_unobs_or_zero_occ_residues.polymer_flag 
_pdbx_unobs_or_zero_occ_residues.occupancy_flag 
_pdbx_unobs_or_zero_occ_residues.auth_asym_id 
_pdbx_unobs_or_zero_occ_residues.auth_comp_id 
_pdbx_unobs_or_zero_occ_residues.auth_seq_id 
_pdbx_unobs_or_zero_occ_residues.PDB_ins_code 
_pdbx_unobs_or_zero_occ_residues.label_asym_id 
_pdbx_unobs_or_zero_occ_residues.label_comp_id 
_pdbx_unobs_or_zero_occ_residues.label_seq_id 
1  1 Y 1 A ASN 332 ? A ASN 1  
2  1 Y 1 A LEU 333 ? A LEU 2  
3  1 Y 1 A LYS 334 ? A LYS 3  
4  1 Y 1 A LYS 335 ? A LYS 4  
5  1 Y 1 A ALA 336 ? A ALA 5  
6  1 Y 1 A GLN 337 ? A GLN 6  
7  1 Y 1 A ASN 338 ? A ASN 7  
8  1 Y 1 A ASN 339 ? A ASN 8  
9  1 Y 1 A LEU 340 ? A LEU 9  
10 1 Y 1 A LEU 341 ? A LEU 10 
11 1 Y 1 A ASN 342 ? A ASN 11 
12 1 Y 1 A SER 343 ? A SER 12 
13 1 Y 1 A GLN 344 ? A GLN 13 
14 1 N 0 A HOH 4   ? B HOH ?  
# 
loop_
_chem_comp_atom.comp_id 
_chem_comp_atom.atom_id 
_chem_comp_atom.type_symbol 
_chem_comp_atom.pdbx_aromatic_flag 
_chem_comp_atom.pdbx_stereo_config 
_chem_comp_atom.pdbx_ordinal 
ALA N    N N N 1   
ALA CA   C N S 2   
ALA C    C N N 3   
ALA O    O N N 4   
ALA CB   C N N 5   
ALA OXT  O N N 6   
ALA H    H N N 7   
ALA H2   H N N 8   
ALA HA   H N N 9   
ALA HB1  H N N 10  
ALA HB2  H N N 11  
ALA HB3  H N N 12  
ALA HXT  H N N 13  
ARG N    N N N 14  
ARG CA   C N S 15  
ARG C    C N N 16  
ARG O    O N N 17  
ARG CB   C N N 18  
ARG CG   C N N 19  
ARG CD   C N N 20  
ARG NE   N N N 21  
ARG CZ   C N N 22  
ARG NH1  N N N 23  
ARG NH2  N N N 24  
ARG OXT  O N N 25  
ARG H    H N N 26  
ARG H2   H N N 27  
ARG HA   H N N 28  
ARG HB2  H N N 29  
ARG HB3  H N N 30  
ARG HG2  H N N 31  
ARG HG3  H N N 32  
ARG HD2  H N N 33  
ARG HD3  H N N 34  
ARG HE   H N N 35  
ARG HH11 H N N 36  
ARG HH12 H N N 37  
ARG HH21 H N N 38  
ARG HH22 H N N 39  
ARG HXT  H N N 40  
ASN N    N N N 41  
ASN CA   C N S 42  
ASN C    C N N 43  
ASN O    O N N 44  
ASN CB   C N N 45  
ASN CG   C N N 46  
ASN OD1  O N N 47  
ASN ND2  N N N 48  
ASN OXT  O N N 49  
ASN H    H N N 50  
ASN H2   H N N 51  
ASN HA   H N N 52  
ASN HB2  H N N 53  
ASN HB3  H N N 54  
ASN HD21 H N N 55  
ASN HD22 H N N 56  
ASN HXT  H N N 57  
ASP N    N N N 58  
ASP CA   C N S 59  
ASP C    C N N 60  
ASP O    O N N 61  
ASP CB   C N N 62  
ASP CG   C N N 63  
ASP OD1  O N N 64  
ASP OD2  O N N 65  
ASP OXT  O N N 66  
ASP H    H N N 67  
ASP H2   H N N 68  
ASP HA   H N N 69  
ASP HB2  H N N 70  
ASP HB3  H N N 71  
ASP HD2  H N N 72  
ASP HXT  H N N 73  
CYS N    N N N 74  
CYS CA   C N R 75  
CYS C    C N N 76  
CYS O    O N N 77  
CYS CB   C N N 78  
CYS SG   S N N 79  
CYS OXT  O N N 80  
CYS H    H N N 81  
CYS H2   H N N 82  
CYS HA   H N N 83  
CYS HB2  H N N 84  
CYS HB3  H N N 85  
CYS HG   H N N 86  
CYS HXT  H N N 87  
GLN N    N N N 88  
GLN CA   C N S 89  
GLN C    C N N 90  
GLN O    O N N 91  
GLN CB   C N N 92  
GLN CG   C N N 93  
GLN CD   C N N 94  
GLN OE1  O N N 95  
GLN NE2  N N N 96  
GLN OXT  O N N 97  
GLN H    H N N 98  
GLN H2   H N N 99  
GLN HA   H N N 100 
GLN HB2  H N N 101 
GLN HB3  H N N 102 
GLN HG2  H N N 103 
GLN HG3  H N N 104 
GLN HE21 H N N 105 
GLN HE22 H N N 106 
GLN HXT  H N N 107 
GLU N    N N N 108 
GLU CA   C N S 109 
GLU C    C N N 110 
GLU O    O N N 111 
GLU CB   C N N 112 
GLU CG   C N N 113 
GLU CD   C N N 114 
GLU OE1  O N N 115 
GLU OE2  O N N 116 
GLU OXT  O N N 117 
GLU H    H N N 118 
GLU H2   H N N 119 
GLU HA   H N N 120 
GLU HB2  H N N 121 
GLU HB3  H N N 122 
GLU HG2  H N N 123 
GLU HG3  H N N 124 
GLU HE2  H N N 125 
GLU HXT  H N N 126 
GLY N    N N N 127 
GLY CA   C N N 128 
GLY C    C N N 129 
GLY O    O N N 130 
GLY OXT  O N N 131 
GLY H    H N N 132 
GLY H2   H N N 133 
GLY HA2  H N N 134 
GLY HA3  H N N 135 
GLY HXT  H N N 136 
HIS N    N N N 137 
HIS CA   C N S 138 
HIS C    C N N 139 
HIS O    O N N 140 
HIS CB   C N N 141 
HIS CG   C Y N 142 
HIS ND1  N Y N 143 
HIS CD2  C Y N 144 
HIS CE1  C Y N 145 
HIS NE2  N Y N 146 
HIS OXT  O N N 147 
HIS H    H N N 148 
HIS H2   H N N 149 
HIS HA   H N N 150 
HIS HB2  H N N 151 
HIS HB3  H N N 152 
HIS HD1  H N N 153 
HIS HD2  H N N 154 
HIS HE1  H N N 155 
HIS HE2  H N N 156 
HIS HXT  H N N 157 
HOH O    O N N 158 
HOH H1   H N N 159 
HOH H2   H N N 160 
ILE N    N N N 161 
ILE CA   C N S 162 
ILE C    C N N 163 
ILE O    O N N 164 
ILE CB   C N S 165 
ILE CG1  C N N 166 
ILE CG2  C N N 167 
ILE CD1  C N N 168 
ILE OXT  O N N 169 
ILE H    H N N 170 
ILE H2   H N N 171 
ILE HA   H N N 172 
ILE HB   H N N 173 
ILE HG12 H N N 174 
ILE HG13 H N N 175 
ILE HG21 H N N 176 
ILE HG22 H N N 177 
ILE HG23 H N N 178 
ILE HD11 H N N 179 
ILE HD12 H N N 180 
ILE HD13 H N N 181 
ILE HXT  H N N 182 
LEU N    N N N 183 
LEU CA   C N S 184 
LEU C    C N N 185 
LEU O    O N N 186 
LEU CB   C N N 187 
LEU CG   C N N 188 
LEU CD1  C N N 189 
LEU CD2  C N N 190 
LEU OXT  O N N 191 
LEU H    H N N 192 
LEU H2   H N N 193 
LEU HA   H N N 194 
LEU HB2  H N N 195 
LEU HB3  H N N 196 
LEU HG   H N N 197 
LEU HD11 H N N 198 
LEU HD12 H N N 199 
LEU HD13 H N N 200 
LEU HD21 H N N 201 
LEU HD22 H N N 202 
LEU HD23 H N N 203 
LEU HXT  H N N 204 
LYS N    N N N 205 
LYS CA   C N S 206 
LYS C    C N N 207 
LYS O    O N N 208 
LYS CB   C N N 209 
LYS CG   C N N 210 
LYS CD   C N N 211 
LYS CE   C N N 212 
LYS NZ   N N N 213 
LYS OXT  O N N 214 
LYS H    H N N 215 
LYS H2   H N N 216 
LYS HA   H N N 217 
LYS HB2  H N N 218 
LYS HB3  H N N 219 
LYS HG2  H N N 220 
LYS HG3  H N N 221 
LYS HD2  H N N 222 
LYS HD3  H N N 223 
LYS HE2  H N N 224 
LYS HE3  H N N 225 
LYS HZ1  H N N 226 
LYS HZ2  H N N 227 
LYS HZ3  H N N 228 
LYS HXT  H N N 229 
MET N    N N N 230 
MET CA   C N S 231 
MET C    C N N 232 
MET O    O N N 233 
MET CB   C N N 234 
MET CG   C N N 235 
MET SD   S N N 236 
MET CE   C N N 237 
MET OXT  O N N 238 
MET H    H N N 239 
MET H2   H N N 240 
MET HA   H N N 241 
MET HB2  H N N 242 
MET HB3  H N N 243 
MET HG2  H N N 244 
MET HG3  H N N 245 
MET HE1  H N N 246 
MET HE2  H N N 247 
MET HE3  H N N 248 
MET HXT  H N N 249 
PHE N    N N N 250 
PHE CA   C N S 251 
PHE C    C N N 252 
PHE O    O N N 253 
PHE CB   C N N 254 
PHE CG   C Y N 255 
PHE CD1  C Y N 256 
PHE CD2  C Y N 257 
PHE CE1  C Y N 258 
PHE CE2  C Y N 259 
PHE CZ   C Y N 260 
PHE OXT  O N N 261 
PHE H    H N N 262 
PHE H2   H N N 263 
PHE HA   H N N 264 
PHE HB2  H N N 265 
PHE HB3  H N N 266 
PHE HD1  H N N 267 
PHE HD2  H N N 268 
PHE HE1  H N N 269 
PHE HE2  H N N 270 
PHE HZ   H N N 271 
PHE HXT  H N N 272 
PRO N    N N N 273 
PRO CA   C N S 274 
PRO C    C N N 275 
PRO O    O N N 276 
PRO CB   C N N 277 
PRO CG   C N N 278 
PRO CD   C N N 279 
PRO OXT  O N N 280 
PRO H    H N N 281 
PRO HA   H N N 282 
PRO HB2  H N N 283 
PRO HB3  H N N 284 
PRO HG2  H N N 285 
PRO HG3  H N N 286 
PRO HD2  H N N 287 
PRO HD3  H N N 288 
PRO HXT  H N N 289 
SER N    N N N 290 
SER CA   C N S 291 
SER C    C N N 292 
SER O    O N N 293 
SER CB   C N N 294 
SER OG   O N N 295 
SER OXT  O N N 296 
SER H    H N N 297 
SER H2   H N N 298 
SER HA   H N N 299 
SER HB2  H N N 300 
SER HB3  H N N 301 
SER HG   H N N 302 
SER HXT  H N N 303 
THR N    N N N 304 
THR CA   C N S 305 
THR C    C N N 306 
THR O    O N N 307 
THR CB   C N R 308 
THR OG1  O N N 309 
THR CG2  C N N 310 
THR OXT  O N N 311 
THR H    H N N 312 
THR H2   H N N 313 
THR HA   H N N 314 
THR HB   H N N 315 
THR HG1  H N N 316 
THR HG21 H N N 317 
THR HG22 H N N 318 
THR HG23 H N N 319 
THR HXT  H N N 320 
TRP N    N N N 321 
TRP CA   C N S 322 
TRP C    C N N 323 
TRP O    O N N 324 
TRP CB   C N N 325 
TRP CG   C Y N 326 
TRP CD1  C Y N 327 
TRP CD2  C Y N 328 
TRP NE1  N Y N 329 
TRP CE2  C Y N 330 
TRP CE3  C Y N 331 
TRP CZ2  C Y N 332 
TRP CZ3  C Y N 333 
TRP CH2  C Y N 334 
TRP OXT  O N N 335 
TRP H    H N N 336 
TRP H2   H N N 337 
TRP HA   H N N 338 
TRP HB2  H N N 339 
TRP HB3  H N N 340 
TRP HD1  H N N 341 
TRP HE1  H N N 342 
TRP HE3  H N N 343 
TRP HZ2  H N N 344 
TRP HZ3  H N N 345 
TRP HH2  H N N 346 
TRP HXT  H N N 347 
TYR N    N N N 348 
TYR CA   C N S 349 
TYR C    C N N 350 
TYR O    O N N 351 
TYR CB   C N N 352 
TYR CG   C Y N 353 
TYR CD1  C Y N 354 
TYR CD2  C Y N 355 
TYR CE1  C Y N 356 
TYR CE2  C Y N 357 
TYR CZ   C Y N 358 
TYR OH   O N N 359 
TYR OXT  O N N 360 
TYR H    H N N 361 
TYR H2   H N N 362 
TYR HA   H N N 363 
TYR HB2  H N N 364 
TYR HB3  H N N 365 
TYR HD1  H N N 366 
TYR HD2  H N N 367 
TYR HE1  H N N 368 
TYR HE2  H N N 369 
TYR HH   H N N 370 
TYR HXT  H N N 371 
VAL N    N N N 372 
VAL CA   C N S 373 
VAL C    C N N 374 
VAL O    O N N 375 
VAL CB   C N N 376 
VAL CG1  C N N 377 
VAL CG2  C N N 378 
VAL OXT  O N N 379 
VAL H    H N N 380 
VAL H2   H N N 381 
VAL HA   H N N 382 
VAL HB   H N N 383 
VAL HG11 H N N 384 
VAL HG12 H N N 385 
VAL HG13 H N N 386 
VAL HG21 H N N 387 
VAL HG22 H N N 388 
VAL HG23 H N N 389 
VAL HXT  H N N 390 
# 
loop_
_chem_comp_bond.comp_id 
_chem_comp_bond.atom_id_1 
_chem_comp_bond.atom_id_2 
_chem_comp_bond.value_order 
_chem_comp_bond.pdbx_aromatic_flag 
_chem_comp_bond.pdbx_stereo_config 
_chem_comp_bond.pdbx_ordinal 
ALA N   CA   sing N N 1   
ALA N   H    sing N N 2   
ALA N   H2   sing N N 3   
ALA CA  C    sing N N 4   
ALA CA  CB   sing N N 5   
ALA CA  HA   sing N N 6   
ALA C   O    doub N N 7   
ALA C   OXT  sing N N 8   
ALA CB  HB1  sing N N 9   
ALA CB  HB2  sing N N 10  
ALA CB  HB3  sing N N 11  
ALA OXT HXT  sing N N 12  
ARG N   CA   sing N N 13  
ARG N   H    sing N N 14  
ARG N   H2   sing N N 15  
ARG CA  C    sing N N 16  
ARG CA  CB   sing N N 17  
ARG CA  HA   sing N N 18  
ARG C   O    doub N N 19  
ARG C   OXT  sing N N 20  
ARG CB  CG   sing N N 21  
ARG CB  HB2  sing N N 22  
ARG CB  HB3  sing N N 23  
ARG CG  CD   sing N N 24  
ARG CG  HG2  sing N N 25  
ARG CG  HG3  sing N N 26  
ARG CD  NE   sing N N 27  
ARG CD  HD2  sing N N 28  
ARG CD  HD3  sing N N 29  
ARG NE  CZ   sing N N 30  
ARG NE  HE   sing N N 31  
ARG CZ  NH1  sing N N 32  
ARG CZ  NH2  doub N N 33  
ARG NH1 HH11 sing N N 34  
ARG NH1 HH12 sing N N 35  
ARG NH2 HH21 sing N N 36  
ARG NH2 HH22 sing N N 37  
ARG OXT HXT  sing N N 38  
ASN N   CA   sing N N 39  
ASN N   H    sing N N 40  
ASN N   H2   sing N N 41  
ASN CA  C    sing N N 42  
ASN CA  CB   sing N N 43  
ASN CA  HA   sing N N 44  
ASN C   O    doub N N 45  
ASN C   OXT  sing N N 46  
ASN CB  CG   sing N N 47  
ASN CB  HB2  sing N N 48  
ASN CB  HB3  sing N N 49  
ASN CG  OD1  doub N N 50  
ASN CG  ND2  sing N N 51  
ASN ND2 HD21 sing N N 52  
ASN ND2 HD22 sing N N 53  
ASN OXT HXT  sing N N 54  
ASP N   CA   sing N N 55  
ASP N   H    sing N N 56  
ASP N   H2   sing N N 57  
ASP CA  C    sing N N 58  
ASP CA  CB   sing N N 59  
ASP CA  HA   sing N N 60  
ASP C   O    doub N N 61  
ASP C   OXT  sing N N 62  
ASP CB  CG   sing N N 63  
ASP CB  HB2  sing N N 64  
ASP CB  HB3  sing N N 65  
ASP CG  OD1  doub N N 66  
ASP CG  OD2  sing N N 67  
ASP OD2 HD2  sing N N 68  
ASP OXT HXT  sing N N 69  
CYS N   CA   sing N N 70  
CYS N   H    sing N N 71  
CYS N   H2   sing N N 72  
CYS CA  C    sing N N 73  
CYS CA  CB   sing N N 74  
CYS CA  HA   sing N N 75  
CYS C   O    doub N N 76  
CYS C   OXT  sing N N 77  
CYS CB  SG   sing N N 78  
CYS CB  HB2  sing N N 79  
CYS CB  HB3  sing N N 80  
CYS SG  HG   sing N N 81  
CYS OXT HXT  sing N N 82  
GLN N   CA   sing N N 83  
GLN N   H    sing N N 84  
GLN N   H2   sing N N 85  
GLN CA  C    sing N N 86  
GLN CA  CB   sing N N 87  
GLN CA  HA   sing N N 88  
GLN C   O    doub N N 89  
GLN C   OXT  sing N N 90  
GLN CB  CG   sing N N 91  
GLN CB  HB2  sing N N 92  
GLN CB  HB3  sing N N 93  
GLN CG  CD   sing N N 94  
GLN CG  HG2  sing N N 95  
GLN CG  HG3  sing N N 96  
GLN CD  OE1  doub N N 97  
GLN CD  NE2  sing N N 98  
GLN NE2 HE21 sing N N 99  
GLN NE2 HE22 sing N N 100 
GLN OXT HXT  sing N N 101 
GLU N   CA   sing N N 102 
GLU N   H    sing N N 103 
GLU N   H2   sing N N 104 
GLU CA  C    sing N N 105 
GLU CA  CB   sing N N 106 
GLU CA  HA   sing N N 107 
GLU C   O    doub N N 108 
GLU C   OXT  sing N N 109 
GLU CB  CG   sing N N 110 
GLU CB  HB2  sing N N 111 
GLU CB  HB3  sing N N 112 
GLU CG  CD   sing N N 113 
GLU CG  HG2  sing N N 114 
GLU CG  HG3  sing N N 115 
GLU CD  OE1  doub N N 116 
GLU CD  OE2  sing N N 117 
GLU OE2 HE2  sing N N 118 
GLU OXT HXT  sing N N 119 
GLY N   CA   sing N N 120 
GLY N   H    sing N N 121 
GLY N   H2   sing N N 122 
GLY CA  C    sing N N 123 
GLY CA  HA2  sing N N 124 
GLY CA  HA3  sing N N 125 
GLY C   O    doub N N 126 
GLY C   OXT  sing N N 127 
GLY OXT HXT  sing N N 128 
HIS N   CA   sing N N 129 
HIS N   H    sing N N 130 
HIS N   H2   sing N N 131 
HIS CA  C    sing N N 132 
HIS CA  CB   sing N N 133 
HIS CA  HA   sing N N 134 
HIS C   O    doub N N 135 
HIS C   OXT  sing N N 136 
HIS CB  CG   sing N N 137 
HIS CB  HB2  sing N N 138 
HIS CB  HB3  sing N N 139 
HIS CG  ND1  sing Y N 140 
HIS CG  CD2  doub Y N 141 
HIS ND1 CE1  doub Y N 142 
HIS ND1 HD1  sing N N 143 
HIS CD2 NE2  sing Y N 144 
HIS CD2 HD2  sing N N 145 
HIS CE1 NE2  sing Y N 146 
HIS CE1 HE1  sing N N 147 
HIS NE2 HE2  sing N N 148 
HIS OXT HXT  sing N N 149 
HOH O   H1   sing N N 150 
HOH O   H2   sing N N 151 
ILE N   CA   sing N N 152 
ILE N   H    sing N N 153 
ILE N   H2   sing N N 154 
ILE CA  C    sing N N 155 
ILE CA  CB   sing N N 156 
ILE CA  HA   sing N N 157 
ILE C   O    doub N N 158 
ILE C   OXT  sing N N 159 
ILE CB  CG1  sing N N 160 
ILE CB  CG2  sing N N 161 
ILE CB  HB   sing N N 162 
ILE CG1 CD1  sing N N 163 
ILE CG1 HG12 sing N N 164 
ILE CG1 HG13 sing N N 165 
ILE CG2 HG21 sing N N 166 
ILE CG2 HG22 sing N N 167 
ILE CG2 HG23 sing N N 168 
ILE CD1 HD11 sing N N 169 
ILE CD1 HD12 sing N N 170 
ILE CD1 HD13 sing N N 171 
ILE OXT HXT  sing N N 172 
LEU N   CA   sing N N 173 
LEU N   H    sing N N 174 
LEU N   H2   sing N N 175 
LEU CA  C    sing N N 176 
LEU CA  CB   sing N N 177 
LEU CA  HA   sing N N 178 
LEU C   O    doub N N 179 
LEU C   OXT  sing N N 180 
LEU CB  CG   sing N N 181 
LEU CB  HB2  sing N N 182 
LEU CB  HB3  sing N N 183 
LEU CG  CD1  sing N N 184 
LEU CG  CD2  sing N N 185 
LEU CG  HG   sing N N 186 
LEU CD1 HD11 sing N N 187 
LEU CD1 HD12 sing N N 188 
LEU CD1 HD13 sing N N 189 
LEU CD2 HD21 sing N N 190 
LEU CD2 HD22 sing N N 191 
LEU CD2 HD23 sing N N 192 
LEU OXT HXT  sing N N 193 
LYS N   CA   sing N N 194 
LYS N   H    sing N N 195 
LYS N   H2   sing N N 196 
LYS CA  C    sing N N 197 
LYS CA  CB   sing N N 198 
LYS CA  HA   sing N N 199 
LYS C   O    doub N N 200 
LYS C   OXT  sing N N 201 
LYS CB  CG   sing N N 202 
LYS CB  HB2  sing N N 203 
LYS CB  HB3  sing N N 204 
LYS CG  CD   sing N N 205 
LYS CG  HG2  sing N N 206 
LYS CG  HG3  sing N N 207 
LYS CD  CE   sing N N 208 
LYS CD  HD2  sing N N 209 
LYS CD  HD3  sing N N 210 
LYS CE  NZ   sing N N 211 
LYS CE  HE2  sing N N 212 
LYS CE  HE3  sing N N 213 
LYS NZ  HZ1  sing N N 214 
LYS NZ  HZ2  sing N N 215 
LYS NZ  HZ3  sing N N 216 
LYS OXT HXT  sing N N 217 
MET N   CA   sing N N 218 
MET N   H    sing N N 219 
MET N   H2   sing N N 220 
MET CA  C    sing N N 221 
MET CA  CB   sing N N 222 
MET CA  HA   sing N N 223 
MET C   O    doub N N 224 
MET C   OXT  sing N N 225 
MET CB  CG   sing N N 226 
MET CB  HB2  sing N N 227 
MET CB  HB3  sing N N 228 
MET CG  SD   sing N N 229 
MET CG  HG2  sing N N 230 
MET CG  HG3  sing N N 231 
MET SD  CE   sing N N 232 
MET CE  HE1  sing N N 233 
MET CE  HE2  sing N N 234 
MET CE  HE3  sing N N 235 
MET OXT HXT  sing N N 236 
PHE N   CA   sing N N 237 
PHE N   H    sing N N 238 
PHE N   H2   sing N N 239 
PHE CA  C    sing N N 240 
PHE CA  CB   sing N N 241 
PHE CA  HA   sing N N 242 
PHE C   O    doub N N 243 
PHE C   OXT  sing N N 244 
PHE CB  CG   sing N N 245 
PHE CB  HB2  sing N N 246 
PHE CB  HB3  sing N N 247 
PHE CG  CD1  doub Y N 248 
PHE CG  CD2  sing Y N 249 
PHE CD1 CE1  sing Y N 250 
PHE CD1 HD1  sing N N 251 
PHE CD2 CE2  doub Y N 252 
PHE CD2 HD2  sing N N 253 
PHE CE1 CZ   doub Y N 254 
PHE CE1 HE1  sing N N 255 
PHE CE2 CZ   sing Y N 256 
PHE CE2 HE2  sing N N 257 
PHE CZ  HZ   sing N N 258 
PHE OXT HXT  sing N N 259 
PRO N   CA   sing N N 260 
PRO N   CD   sing N N 261 
PRO N   H    sing N N 262 
PRO CA  C    sing N N 263 
PRO CA  CB   sing N N 264 
PRO CA  HA   sing N N 265 
PRO C   O    doub N N 266 
PRO C   OXT  sing N N 267 
PRO CB  CG   sing N N 268 
PRO CB  HB2  sing N N 269 
PRO CB  HB3  sing N N 270 
PRO CG  CD   sing N N 271 
PRO CG  HG2  sing N N 272 
PRO CG  HG3  sing N N 273 
PRO CD  HD2  sing N N 274 
PRO CD  HD3  sing N N 275 
PRO OXT HXT  sing N N 276 
SER N   CA   sing N N 277 
SER N   H    sing N N 278 
SER N   H2   sing N N 279 
SER CA  C    sing N N 280 
SER CA  CB   sing N N 281 
SER CA  HA   sing N N 282 
SER C   O    doub N N 283 
SER C   OXT  sing N N 284 
SER CB  OG   sing N N 285 
SER CB  HB2  sing N N 286 
SER CB  HB3  sing N N 287 
SER OG  HG   sing N N 288 
SER OXT HXT  sing N N 289 
THR N   CA   sing N N 290 
THR N   H    sing N N 291 
THR N   H2   sing N N 292 
THR CA  C    sing N N 293 
THR CA  CB   sing N N 294 
THR CA  HA   sing N N 295 
THR C   O    doub N N 296 
THR C   OXT  sing N N 297 
THR CB  OG1  sing N N 298 
THR CB  CG2  sing N N 299 
THR CB  HB   sing N N 300 
THR OG1 HG1  sing N N 301 
THR CG2 HG21 sing N N 302 
THR CG2 HG22 sing N N 303 
THR CG2 HG23 sing N N 304 
THR OXT HXT  sing N N 305 
TRP N   CA   sing N N 306 
TRP N   H    sing N N 307 
TRP N   H2   sing N N 308 
TRP CA  C    sing N N 309 
TRP CA  CB   sing N N 310 
TRP CA  HA   sing N N 311 
TRP C   O    doub N N 312 
TRP C   OXT  sing N N 313 
TRP CB  CG   sing N N 314 
TRP CB  HB2  sing N N 315 
TRP CB  HB3  sing N N 316 
TRP CG  CD1  doub Y N 317 
TRP CG  CD2  sing Y N 318 
TRP CD1 NE1  sing Y N 319 
TRP CD1 HD1  sing N N 320 
TRP CD2 CE2  doub Y N 321 
TRP CD2 CE3  sing Y N 322 
TRP NE1 CE2  sing Y N 323 
TRP NE1 HE1  sing N N 324 
TRP CE2 CZ2  sing Y N 325 
TRP CE3 CZ3  doub Y N 326 
TRP CE3 HE3  sing N N 327 
TRP CZ2 CH2  doub Y N 328 
TRP CZ2 HZ2  sing N N 329 
TRP CZ3 CH2  sing Y N 330 
TRP CZ3 HZ3  sing N N 331 
TRP CH2 HH2  sing N N 332 
TRP OXT HXT  sing N N 333 
TYR N   CA   sing N N 334 
TYR N   H    sing N N 335 
TYR N   H2   sing N N 336 
TYR CA  C    sing N N 337 
TYR CA  CB   sing N N 338 
TYR CA  HA   sing N N 339 
TYR C   O    doub N N 340 
TYR C   OXT  sing N N 341 
TYR CB  CG   sing N N 342 
TYR CB  HB2  sing N N 343 
TYR CB  HB3  sing N N 344 
TYR CG  CD1  doub Y N 345 
TYR CG  CD2  sing Y N 346 
TYR CD1 CE1  sing Y N 347 
TYR CD1 HD1  sing N N 348 
TYR CD2 CE2  doub Y N 349 
TYR CD2 HD2  sing N N 350 
TYR CE1 CZ   doub Y N 351 
TYR CE1 HE1  sing N N 352 
TYR CE2 CZ   sing Y N 353 
TYR CE2 HE2  sing N N 354 
TYR CZ  OH   sing N N 355 
TYR OH  HH   sing N N 356 
TYR OXT HXT  sing N N 357 
VAL N   CA   sing N N 358 
VAL N   H    sing N N 359 
VAL N   H2   sing N N 360 
VAL CA  C    sing N N 361 
VAL CA  CB   sing N N 362 
VAL CA  HA   sing N N 363 
VAL C   O    doub N N 364 
VAL C   OXT  sing N N 365 
VAL CB  CG1  sing N N 366 
VAL CB  CG2  sing N N 367 
VAL CB  HB   sing N N 368 
VAL CG1 HG11 sing N N 369 
VAL CG1 HG12 sing N N 370 
VAL CG1 HG13 sing N N 371 
VAL CG2 HG21 sing N N 372 
VAL CG2 HG22 sing N N 373 
VAL CG2 HG23 sing N N 374 
VAL OXT HXT  sing N N 375 
# 
_atom_sites.entry_id                    2I88 
_atom_sites.fract_transf_matrix[1][1]   0.00647632 
_atom_sites.fract_transf_matrix[1][2]   -0.00848452 
_atom_sites.fract_transf_matrix[1][3]   -0.00409959 
_atom_sites.fract_transf_matrix[2][1]   -0.00711955 
_atom_sites.fract_transf_matrix[2][2]   -0.00766456 
_atom_sites.fract_transf_matrix[2][3]   0.00461551 
_atom_sites.fract_transf_matrix[3][1]   -0.00913477 
_atom_sites.fract_transf_matrix[3][2]   -0.00009114 
_atom_sites.fract_transf_matrix[3][3]   -0.01424198 
_atom_sites.fract_transf_vector[1]      0.349519 
_atom_sites.fract_transf_vector[2]      0.223798 
_atom_sites.fract_transf_vector[3]      0.297887 
# 
loop_
_atom_type.symbol 
C 
N 
O 
S 
# 
loop_
_atom_site.group_PDB 
_atom_site.id 
_atom_site.type_symbol 
_atom_site.label_atom_id 
_atom_site.label_alt_id 
_atom_site.label_comp_id 
_atom_site.label_asym_id 
_atom_site.label_entity_id 
_atom_site.label_seq_id 
_atom_site.pdbx_PDB_ins_code 
_atom_site.Cartn_x 
_atom_site.Cartn_y 
_atom_site.Cartn_z 
_atom_site.occupancy 
_atom_site.B_iso_or_equiv 
_atom_site.pdbx_formal_charge 
_atom_site.auth_seq_id 
_atom_site.auth_comp_id 
_atom_site.auth_asym_id 
_atom_site.auth_atom_id 
_atom_site.pdbx_PDB_model_num 
ATOM   1    N N   . ILE A 1 14  ? -6.621  20.976  9.014   1.00 64.05 ? 345 ILE A N   1 
ATOM   2    C CA  . ILE A 1 14  ? -5.605  20.395  8.077   1.00 64.18 ? 345 ILE A CA  1 
ATOM   3    C C   . ILE A 1 14  ? -4.199  20.629  8.611   1.00 64.66 ? 345 ILE A C   1 
ATOM   4    O O   . ILE A 1 14  ? -3.246  19.965  8.202   1.00 64.45 ? 345 ILE A O   1 
ATOM   5    C CB  . ILE A 1 14  ? -5.739  20.961  6.624   1.00 64.40 ? 345 ILE A CB  1 
ATOM   6    C CG1 . ILE A 1 14  ? -6.972  20.358  5.929   1.00 62.68 ? 345 ILE A CG1 1 
ATOM   7    C CG2 . ILE A 1 14  ? -4.512  20.622  5.782   1.00 61.99 ? 345 ILE A CG2 1 
ATOM   8    C CD1 . ILE A 1 14  ? -8.322  20.880  6.434   1.00 63.32 ? 345 ILE A CD1 1 
ATOM   9    N N   . LYS A 1 15  ? -4.087  21.576  9.538   1.00 65.70 ? 346 LYS A N   1 
ATOM   10   C CA  . LYS A 1 15  ? -2.811  21.890  10.193  1.00 67.16 ? 346 LYS A CA  1 
ATOM   11   C C   . LYS A 1 15  ? -2.262  20.521  10.556  1.00 66.66 ? 346 LYS A C   1 
ATOM   12   O O   . LYS A 1 15  ? -1.240  20.056  10.038  1.00 65.93 ? 346 LYS A O   1 
ATOM   13   C CB  . LYS A 1 15  ? -3.045  22.671  11.521  1.00 69.40 ? 346 LYS A CB  1 
ATOM   14   C CG  . LYS A 1 15  ? -4.274  23.622  11.586  1.00 71.26 ? 346 LYS A CG  1 
ATOM   15   C CD  . LYS A 1 15  ? -5.623  22.898  11.727  1.00 72.11 ? 346 LYS A CD  1 
ATOM   16   C CE  . LYS A 1 15  ? -6.748  23.696  11.052  1.00 74.83 ? 346 LYS A CE  1 
ATOM   17   N NZ  . LYS A 1 15  ? -6.511  23.943  9.580   1.00 74.15 ? 346 LYS A NZ  1 
ATOM   18   N N   . ASP A 1 16  ? -3.108  19.829  11.311  1.00 66.27 ? 347 ASP A N   1 
ATOM   19   C CA  . ASP A 1 16  ? -2.843  18.510  11.830  1.00 66.30 ? 347 ASP A CA  1 
ATOM   20   C C   . ASP A 1 16  ? -2.562  17.446  10.780  1.00 63.88 ? 347 ASP A C   1 
ATOM   21   O O   . ASP A 1 16  ? -1.507  16.814  10.847  1.00 64.08 ? 347 ASP A O   1 
ATOM   22   C CB  . ASP A 1 16  ? -3.995  18.084  12.753  1.00 69.27 ? 347 ASP A CB  1 
ATOM   23   C CG  . ASP A 1 16  ? -4.216  19.065  13.915  1.00 73.58 ? 347 ASP A CG  1 
ATOM   24   O OD1 . ASP A 1 16  ? -3.240  19.723  14.362  1.00 77.16 ? 347 ASP A OD1 1 
ATOM   25   O OD2 . ASP A 1 16  ? -5.366  19.175  14.391  1.00 75.61 ? 347 ASP A OD2 1 
ATOM   26   N N   . ALA A 1 17  ? -3.471  17.266  9.812   1.00 59.34 ? 348 ALA A N   1 
ATOM   27   C CA  . ALA A 1 17  ? -3.308  16.244  8.765   1.00 55.56 ? 348 ALA A CA  1 
ATOM   28   C C   . ALA A 1 17  ? -1.879  16.207  8.244   1.00 55.05 ? 348 ALA A C   1 
ATOM   29   O O   . ALA A 1 17  ? -1.234  15.151  8.266   1.00 55.71 ? 348 ALA A O   1 
ATOM   30   C CB  . ALA A 1 17  ? -4.280  16.474  7.625   1.00 52.07 ? 348 ALA A CB  1 
ATOM   31   N N   . VAL A 1 18  ? -1.358  17.384  7.894   1.00 54.41 ? 349 VAL A N   1 
ATOM   32   C CA  . VAL A 1 18  ? -0.004  17.519  7.370   1.00 52.37 ? 349 VAL A CA  1 
ATOM   33   C C   . VAL A 1 18  ? 1.026   17.221  8.444   1.00 52.15 ? 349 VAL A C   1 
ATOM   34   O O   . VAL A 1 18  ? 1.994   16.512  8.194   1.00 52.39 ? 349 VAL A O   1 
ATOM   35   C CB  . VAL A 1 18  ? 0.247   18.926  6.752   1.00 51.60 ? 349 VAL A CB  1 
ATOM   36   C CG1 . VAL A 1 18  ? 1.710   19.078  6.377   1.00 51.48 ? 349 VAL A CG1 1 
ATOM   37   C CG2 . VAL A 1 18  ? -0.618  19.131  5.490   1.00 49.38 ? 349 VAL A CG2 1 
ATOM   38   N N   . ASP A 1 19  ? 0.818   17.741  9.643   1.00 52.96 ? 350 ASP A N   1 
ATOM   39   C CA  . ASP A 1 19  ? 1.758   17.474  10.720  1.00 55.24 ? 350 ASP A CA  1 
ATOM   40   C C   . ASP A 1 19  ? 1.815   15.977  10.991  1.00 55.05 ? 350 ASP A C   1 
ATOM   41   O O   . ASP A 1 19  ? 2.902   15.402  11.138  1.00 57.85 ? 350 ASP A O   1 
ATOM   42   C CB  . ASP A 1 19  ? 1.343   18.195  12.002  1.00 60.01 ? 350 ASP A CB  1 
ATOM   43   C CG  . ASP A 1 19  ? 1.408   19.702  11.880  1.00 63.88 ? 350 ASP A CG  1 
ATOM   44   O OD1 . ASP A 1 19  ? 1.421   20.212  10.733  1.00 66.89 ? 350 ASP A OD1 1 
ATOM   45   O OD2 . ASP A 1 19  ? 1.441   20.373  12.938  1.00 65.36 ? 350 ASP A OD2 1 
ATOM   46   N N   . ALA A 1 20  ? 0.642   15.347  11.030  1.00 50.52 ? 351 ALA A N   1 
ATOM   47   C CA  . ALA A 1 20  ? 0.527   13.923  11.296  1.00 46.70 ? 351 ALA A CA  1 
ATOM   48   C C   . ALA A 1 20  ? 1.252   13.132  10.214  1.00 45.98 ? 351 ALA A C   1 
ATOM   49   O O   . ALA A 1 20  ? 2.037   12.223  10.505  1.00 47.05 ? 351 ALA A O   1 
ATOM   50   C CB  . ALA A 1 20  ? -0.918  13.526  11.347  1.00 42.85 ? 351 ALA A CB  1 
ATOM   51   N N   . THR A 1 21  ? 1.008   13.490  8.961   1.00 42.53 ? 352 THR A N   1 
ATOM   52   C CA  . THR A 1 21  ? 1.648   12.805  7.857   1.00 41.06 ? 352 THR A CA  1 
ATOM   53   C C   . THR A 1 21  ? 3.177   12.822  7.986   1.00 42.07 ? 352 THR A C   1 
ATOM   54   O O   . THR A 1 21  ? 3.836   11.804  7.794   1.00 40.60 ? 352 THR A O   1 
ATOM   55   C CB  . THR A 1 21  ? 1.231   13.422  6.536   1.00 41.18 ? 352 THR A CB  1 
ATOM   56   O OG1 . THR A 1 21  ? -0.189  13.263  6.356   1.00 40.54 ? 352 THR A OG1 1 
ATOM   57   C CG2 . THR A 1 21  ? 1.976   12.763  5.411   1.00 39.88 ? 352 THR A CG2 1 
ATOM   58   N N   . VAL A 1 22  ? 3.733   13.971  8.350   1.00 42.87 ? 353 VAL A N   1 
ATOM   59   C CA  . VAL A 1 22  ? 5.171   14.100  8.523   1.00 43.18 ? 353 VAL A CA  1 
ATOM   60   C C   . VAL A 1 22  ? 5.660   13.145  9.619   1.00 44.42 ? 353 VAL A C   1 
ATOM   61   O O   . VAL A 1 22  ? 6.738   12.547  9.481   1.00 45.70 ? 353 VAL A O   1 
ATOM   62   C CB  . VAL A 1 22  ? 5.557   15.561  8.879   1.00 46.37 ? 353 VAL A CB  1 
ATOM   63   C CG1 . VAL A 1 22  ? 7.035   15.662  9.292   1.00 46.96 ? 353 VAL A CG1 1 
ATOM   64   C CG2 . VAL A 1 22  ? 5.273   16.477  7.697   1.00 46.75 ? 353 VAL A CG2 1 
ATOM   65   N N   . SER A 1 23  ? 4.869   12.988  10.689  1.00 43.81 ? 354 SER A N   1 
ATOM   66   C CA  . SER A 1 23  ? 5.231   12.086  11.794  1.00 42.99 ? 354 SER A CA  1 
ATOM   67   C C   . SER A 1 23  ? 5.304   10.674  11.243  1.00 42.34 ? 354 SER A C   1 
ATOM   68   O O   . SER A 1 23  ? 6.232   9.923   11.554  1.00 42.31 ? 354 SER A O   1 
ATOM   69   C CB  . SER A 1 23  ? 4.190   12.124  12.910  1.00 44.27 ? 354 SER A CB  1 
ATOM   70   O OG  . SER A 1 23  ? 3.976   13.438  13.406  1.00 52.04 ? 354 SER A OG  1 
ATOM   71   N N   . PHE A 1 24  ? 4.325   10.338  10.399  1.00 40.25 ? 355 PHE A N   1 
ATOM   72   C CA  . PHE A 1 24  ? 4.229   9.034   9.735   1.00 36.75 ? 355 PHE A CA  1 
ATOM   73   C C   . PHE A 1 24  ? 5.534   8.741   9.021   1.00 34.99 ? 355 PHE A C   1 
ATOM   74   O O   . PHE A 1 24  ? 6.135   7.678   9.205   1.00 32.44 ? 355 PHE A O   1 
ATOM   75   C CB  . PHE A 1 24  ? 3.091   9.063   8.705   1.00 35.50 ? 355 PHE A CB  1 
ATOM   76   C CG  . PHE A 1 24  ? 3.050   7.863   7.809   1.00 33.80 ? 355 PHE A CG  1 
ATOM   77   C CD1 . PHE A 1 24  ? 2.966   6.578   8.340   1.00 33.61 ? 355 PHE A CD1 1 
ATOM   78   C CD2 . PHE A 1 24  ? 3.074   8.018   6.432   1.00 30.50 ? 355 PHE A CD2 1 
ATOM   79   C CE1 . PHE A 1 24  ? 2.903   5.473   7.506   1.00 31.48 ? 355 PHE A CE1 1 
ATOM   80   C CE2 . PHE A 1 24  ? 3.014   6.926   5.604   1.00 28.37 ? 355 PHE A CE2 1 
ATOM   81   C CZ  . PHE A 1 24  ? 2.927   5.645   6.143   1.00 30.03 ? 355 PHE A CZ  1 
ATOM   82   N N   . TYR A 1 25  ? 5.980   9.730   8.247   1.00 34.88 ? 356 TYR A N   1 
ATOM   83   C CA  . TYR A 1 25  ? 7.213   9.637   7.487   1.00 33.81 ? 356 TYR A CA  1 
ATOM   84   C C   . TYR A 1 25  ? 8.399   9.375   8.387   1.00 36.91 ? 356 TYR A C   1 
ATOM   85   O O   . TYR A 1 25  ? 9.198   8.489   8.086   1.00 40.50 ? 356 TYR A O   1 
ATOM   86   C CB  . TYR A 1 25  ? 7.411   10.865  6.611   1.00 29.53 ? 356 TYR A CB  1 
ATOM   87   C CG  . TYR A 1 25  ? 6.435   10.929  5.425   1.00 27.89 ? 356 TYR A CG  1 
ATOM   88   C CD1 . TYR A 1 25  ? 5.715   12.086  5.149   1.00 27.34 ? 356 TYR A CD1 1 
ATOM   89   C CD2 . TYR A 1 25  ? 6.253   9.835   4.564   1.00 28.40 ? 356 TYR A CD2 1 
ATOM   90   C CE1 . TYR A 1 25  ? 4.840   12.157  4.050   1.00 23.95 ? 356 TYR A CE1 1 
ATOM   91   C CE2 . TYR A 1 25  ? 5.382   9.906   3.454   1.00 24.35 ? 356 TYR A CE2 1 
ATOM   92   C CZ  . TYR A 1 25  ? 4.683   11.075  3.212   1.00 24.10 ? 356 TYR A CZ  1 
ATOM   93   O OH  . TYR A 1 25  ? 3.825   11.180  2.131   1.00 28.63 ? 356 TYR A OH  1 
ATOM   94   N N   . GLN A 1 26  ? 8.494   10.040  9.532   1.00 37.78 ? 357 GLN A N   1 
ATOM   95   C CA  . GLN A 1 26  ? 9.626   9.734   10.407  1.00 40.62 ? 357 GLN A CA  1 
ATOM   96   C C   . GLN A 1 26  ? 9.555   8.334   11.007  1.00 40.67 ? 357 GLN A C   1 
ATOM   97   O O   . GLN A 1 26  ? 10.588  7.696   11.231  1.00 43.01 ? 357 GLN A O   1 
ATOM   98   C CB  . GLN A 1 26  ? 9.844   10.788  11.490  1.00 43.80 ? 357 GLN A CB  1 
ATOM   99   C CG  . GLN A 1 26  ? 10.701  11.967  11.004  1.00 53.42 ? 357 GLN A CG  1 
ATOM   100  C CD  . GLN A 1 26  ? 12.046  11.536  10.366  1.00 59.02 ? 357 GLN A CD  1 
ATOM   101  O OE1 . GLN A 1 26  ? 12.964  11.089  11.067  1.00 60.47 ? 357 GLN A OE1 1 
ATOM   102  N NE2 . GLN A 1 26  ? 12.159  11.677  9.031   1.00 60.53 ? 357 GLN A NE2 1 
ATOM   103  N N   . THR A 1 27  ? 8.353   7.830   11.261  1.00 39.60 ? 358 THR A N   1 
ATOM   104  C CA  . THR A 1 27  ? 8.242   6.482   11.800  1.00 36.04 ? 358 THR A CA  1 
ATOM   105  C C   . THR A 1 27  ? 8.583   5.468   10.701  1.00 32.78 ? 358 THR A C   1 
ATOM   106  O O   . THR A 1 27  ? 9.156   4.410   10.976  1.00 29.26 ? 358 THR A O   1 
ATOM   107  C CB  . THR A 1 27  ? 6.871   6.239   12.402  1.00 38.03 ? 358 THR A CB  1 
ATOM   108  O OG1 . THR A 1 27  ? 6.681   7.143   13.497  1.00 43.65 ? 358 THR A OG1 1 
ATOM   109  C CG2 . THR A 1 27  ? 6.781   4.839   12.944  1.00 41.70 ? 358 THR A CG2 1 
ATOM   110  N N   . LEU A 1 28  ? 8.270   5.814   9.455   1.00 30.74 ? 359 LEU A N   1 
ATOM   111  C CA  . LEU A 1 28  ? 8.609   4.947   8.346   1.00 30.08 ? 359 LEU A CA  1 
ATOM   112  C C   . LEU A 1 28  ? 10.136  4.810   8.320   1.00 32.01 ? 359 LEU A C   1 
ATOM   113  O O   . LEU A 1 28  ? 10.664  3.719   8.130   1.00 32.64 ? 359 LEU A O   1 
ATOM   114  C CB  . LEU A 1 28  ? 8.111   5.526   7.023   1.00 26.73 ? 359 LEU A CB  1 
ATOM   115  C CG  . LEU A 1 28  ? 6.659   5.237   6.669   1.00 26.85 ? 359 LEU A CG  1 
ATOM   116  C CD1 . LEU A 1 28  ? 6.408   5.587   5.219   1.00 23.29 ? 359 LEU A CD1 1 
ATOM   117  C CD2 . LEU A 1 28  ? 6.344   3.776   6.915   1.00 24.89 ? 359 LEU A CD2 1 
ATOM   118  N N   . THR A 1 29  ? 10.836  5.921   8.540   1.00 34.09 ? 360 THR A N   1 
ATOM   119  C CA  . THR A 1 29  ? 12.300  5.956   8.560   1.00 35.39 ? 360 THR A CA  1 
ATOM   120  C C   . THR A 1 29  ? 12.836  5.132   9.725   1.00 37.40 ? 360 THR A C   1 
ATOM   121  O O   . THR A 1 29  ? 13.845  4.417   9.602   1.00 38.63 ? 360 THR A O   1 
ATOM   122  C CB  . THR A 1 29  ? 12.807  7.412   8.683   1.00 34.63 ? 360 THR A CB  1 
ATOM   123  O OG1 . THR A 1 29  ? 12.471  8.144   7.494   1.00 35.33 ? 360 THR A OG1 1 
ATOM   124  C CG2 . THR A 1 29  ? 14.293  7.448   8.881   1.00 34.27 ? 360 THR A CG2 1 
ATOM   125  N N   . GLU A 1 30  ? 12.170  5.254   10.867  1.00 39.27 ? 361 GLU A N   1 
ATOM   126  C CA  . GLU A 1 30  ? 12.565  4.505   12.050  1.00 40.52 ? 361 GLU A CA  1 
ATOM   127  C C   . GLU A 1 30  ? 12.462  2.995   11.797  1.00 42.23 ? 361 GLU A C   1 
ATOM   128  O O   . GLU A 1 30  ? 13.380  2.232   12.126  1.00 44.81 ? 361 GLU A O   1 
ATOM   129  C CB  . GLU A 1 30  ? 11.680  4.873   13.249  1.00 41.60 ? 361 GLU A CB  1 
ATOM   130  C CG  . GLU A 1 30  ? 11.902  6.246   13.854  1.00 42.06 ? 361 GLU A CG  1 
ATOM   131  C CD  . GLU A 1 30  ? 11.357  6.334   15.279  1.00 45.58 ? 361 GLU A CD  1 
ATOM   132  O OE1 . GLU A 1 30  ? 11.378  5.306   15.989  1.00 48.88 ? 361 GLU A OE1 1 
ATOM   133  O OE2 . GLU A 1 30  ? 10.916  7.424   15.706  1.00 47.08 ? 361 GLU A OE2 1 
ATOM   134  N N   . LYS A 1 31  ? 11.333  2.571   11.224  1.00 42.18 ? 362 LYS A N   1 
ATOM   135  C CA  . LYS A 1 31  ? 11.060  1.162   10.953  1.00 39.37 ? 362 LYS A CA  1 
ATOM   136  C C   . LYS A 1 31  ? 11.792  0.540   9.796   1.00 39.35 ? 362 LYS A C   1 
ATOM   137  O O   . LYS A 1 31  ? 12.177  -0.617  9.877   1.00 40.48 ? 362 LYS A O   1 
ATOM   138  C CB  . LYS A 1 31  ? 9.565   0.951   10.757  1.00 38.57 ? 362 LYS A CB  1 
ATOM   139  C CG  . LYS A 1 31  ? 8.775   0.813   12.047  1.00 36.64 ? 362 LYS A CG  1 
ATOM   140  C CD  . LYS A 1 31  ? 7.335   1.141   11.773  1.00 33.97 ? 362 LYS A CD  1 
ATOM   141  C CE  . LYS A 1 31  ? 6.397   0.599   12.835  1.00 37.41 ? 362 LYS A CE  1 
ATOM   142  N NZ  . LYS A 1 31  ? 4.951   0.919   12.520  1.00 40.13 ? 362 LYS A NZ  1 
ATOM   143  N N   . TYR A 1 32  ? 11.933  1.281   8.702   1.00 41.28 ? 363 TYR A N   1 
ATOM   144  C CA  . TYR A 1 32  ? 12.602  0.784   7.495   1.00 42.77 ? 363 TYR A CA  1 
ATOM   145  C C   . TYR A 1 32  ? 13.651  1.771   6.999   1.00 46.01 ? 363 TYR A C   1 
ATOM   146  O O   . TYR A 1 32  ? 14.106  2.674   7.718   1.00 45.29 ? 363 TYR A O   1 
ATOM   147  C CB  . TYR A 1 32  ? 11.562  0.520   6.395   1.00 42.20 ? 363 TYR A CB  1 
ATOM   148  C CG  . TYR A 1 32  ? 10.280  -0.088  6.948   1.00 41.19 ? 363 TYR A CG  1 
ATOM   149  C CD1 . TYR A 1 32  ? 9.100   0.665   7.027   1.00 41.61 ? 363 TYR A CD1 1 
ATOM   150  C CD2 . TYR A 1 32  ? 10.261  -1.386  7.474   1.00 39.72 ? 363 TYR A CD2 1 
ATOM   151  C CE1 . TYR A 1 32  ? 7.927   0.138   7.628   1.00 39.80 ? 363 TYR A CE1 1 
ATOM   152  C CE2 . TYR A 1 32  ? 9.089   -1.924  8.082   1.00 38.47 ? 363 TYR A CE2 1 
ATOM   153  C CZ  . TYR A 1 32  ? 7.936   -1.153  8.152   1.00 38.93 ? 363 TYR A CZ  1 
ATOM   154  O OH  . TYR A 1 32  ? 6.800   -1.658  8.739   1.00 39.28 ? 363 TYR A OH  1 
ATOM   155  N N   . GLY A 1 33  ? 14.085  1.582   5.771   1.00 49.08 ? 364 GLY A N   1 
ATOM   156  C CA  . GLY A 1 33  ? 15.074  2.509   5.271   1.00 55.72 ? 364 GLY A CA  1 
ATOM   157  C C   . GLY A 1 33  ? 14.682  3.989   5.344   1.00 57.19 ? 364 GLY A C   1 
ATOM   158  O O   . GLY A 1 33  ? 13.511  4.381   5.488   1.00 58.08 ? 364 GLY A O   1 
ATOM   159  N N   . GLU A 1 34  ? 15.709  4.825   5.290   1.00 59.72 ? 365 GLU A N   1 
ATOM   160  C CA  . GLU A 1 34  ? 15.539  6.277   5.234   1.00 58.66 ? 365 GLU A CA  1 
ATOM   161  C C   . GLU A 1 34  ? 15.078  6.395   3.774   1.00 54.75 ? 365 GLU A C   1 
ATOM   162  O O   . GLU A 1 34  ? 14.152  7.126   3.435   1.00 54.11 ? 365 GLU A O   1 
ATOM   163  C CB  . GLU A 1 34  ? 16.917  6.950   5.395   1.00 63.97 ? 365 GLU A CB  1 
ATOM   164  C CG  . GLU A 1 34  ? 17.050  7.981   6.523   1.00 70.61 ? 365 GLU A CG  1 
ATOM   165  C CD  . GLU A 1 34  ? 16.705  9.422   6.100   1.00 75.02 ? 365 GLU A CD  1 
ATOM   166  O OE1 . GLU A 1 34  ? 16.660  9.714   4.873   1.00 76.58 ? 365 GLU A OE1 1 
ATOM   167  O OE2 . GLU A 1 34  ? 16.496  10.269  7.009   1.00 77.22 ? 365 GLU A OE2 1 
ATOM   168  N N   . LYS A 1 35  ? 15.699  5.550   2.949   1.00 52.80 ? 366 LYS A N   1 
ATOM   169  C CA  . LYS A 1 35  ? 15.456  5.444   1.520   1.00 49.17 ? 366 LYS A CA  1 
ATOM   170  C C   . LYS A 1 35  ? 14.017  5.044   1.317   1.00 45.66 ? 366 LYS A C   1 
ATOM   171  O O   . LYS A 1 35  ? 13.332  5.555   0.426   1.00 43.46 ? 366 LYS A O   1 
ATOM   172  C CB  . LYS A 1 35  ? 16.402  4.383   0.921   1.00 53.09 ? 366 LYS A CB  1 
ATOM   173  C CG  . LYS A 1 35  ? 17.900  4.661   1.169   1.00 56.43 ? 366 LYS A CG  1 
ATOM   174  C CD  . LYS A 1 35  ? 18.841  3.763   0.357   1.00 60.97 ? 366 LYS A CD  1 
ATOM   175  C CE  . LYS A 1 35  ? 19.021  2.362   0.971   1.00 63.40 ? 366 LYS A CE  1 
ATOM   176  N NZ  . LYS A 1 35  ? 19.948  1.502   0.146   1.00 64.28 ? 366 LYS A NZ  1 
ATOM   177  N N   . TYR A 1 36  ? 13.557  4.144   2.184   1.00 42.84 ? 367 TYR A N   1 
ATOM   178  C CA  . TYR A 1 36  ? 12.190  3.669   2.107   1.00 40.62 ? 367 TYR A CA  1 
ATOM   179  C C   . TYR A 1 36  ? 11.196  4.816   2.255   1.00 41.74 ? 367 TYR A C   1 
ATOM   180  O O   . TYR A 1 36  ? 10.348  5.056   1.378   1.00 41.12 ? 367 TYR A O   1 
ATOM   181  C CB  . TYR A 1 36  ? 11.896  2.585   3.152   1.00 36.81 ? 367 TYR A CB  1 
ATOM   182  C CG  . TYR A 1 36  ? 10.507  2.073   2.928   1.00 33.51 ? 367 TYR A CG  1 
ATOM   183  C CD1 . TYR A 1 36  ? 10.205  1.392   1.747   1.00 32.82 ? 367 TYR A CD1 1 
ATOM   184  C CD2 . TYR A 1 36  ? 9.450   2.465   3.755   1.00 30.58 ? 367 TYR A CD2 1 
ATOM   185  C CE1 . TYR A 1 36  ? 8.897   1.137   1.365   1.00 29.42 ? 367 TYR A CE1 1 
ATOM   186  C CE2 . TYR A 1 36  ? 8.126   2.215   3.384   1.00 30.34 ? 367 TYR A CE2 1 
ATOM   187  C CZ  . TYR A 1 36  ? 7.861   1.551   2.173   1.00 29.71 ? 367 TYR A CZ  1 
ATOM   188  O OH  . TYR A 1 36  ? 6.564   1.334   1.737   1.00 28.33 ? 367 TYR A OH  1 
ATOM   189  N N   . SER A 1 37  ? 11.343  5.546   3.354   1.00 42.03 ? 368 SER A N   1 
ATOM   190  C CA  . SER A 1 37  ? 10.478  6.676   3.666   1.00 42.19 ? 368 SER A CA  1 
ATOM   191  C C   . SER A 1 37  ? 10.306  7.713   2.536   1.00 43.96 ? 368 SER A C   1 
ATOM   192  O O   . SER A 1 37  ? 9.182   8.160   2.251   1.00 42.43 ? 368 SER A O   1 
ATOM   193  C CB  . SER A 1 37  ? 11.006  7.345   4.922   1.00 40.07 ? 368 SER A CB  1 
ATOM   194  O OG  . SER A 1 37  ? 9.995   8.100   5.530   1.00 39.75 ? 368 SER A OG  1 
ATOM   195  N N   . LYS A 1 38  ? 11.410  8.049   1.866   1.00 45.20 ? 369 LYS A N   1 
ATOM   196  C CA  . LYS A 1 38  ? 11.407  9.040   0.786   1.00 46.14 ? 369 LYS A CA  1 
ATOM   197  C C   . LYS A 1 38  ? 10.715  8.496   -0.449  1.00 45.10 ? 369 LYS A C   1 
ATOM   198  O O   . LYS A 1 38  ? 10.064  9.239   -1.214  1.00 44.51 ? 369 LYS A O   1 
ATOM   199  C CB  . LYS A 1 38  ? 12.843  9.433   0.438   1.00 51.33 ? 369 LYS A CB  1 
ATOM   200  C CG  . LYS A 1 38  ? 13.700  9.754   1.660   1.00 59.26 ? 369 LYS A CG  1 
ATOM   201  C CD  . LYS A 1 38  ? 14.284  11.185  1.655   1.00 65.67 ? 369 LYS A CD  1 
ATOM   202  C CE  . LYS A 1 38  ? 15.438  11.361  0.637   1.00 71.14 ? 369 LYS A CE  1 
ATOM   203  N NZ  . LYS A 1 38  ? 16.247  12.621  0.857   1.00 72.23 ? 369 LYS A NZ  1 
ATOM   204  N N   . MET A 1 39  ? 10.890  7.197   -0.658  1.00 42.68 ? 370 MET A N   1 
ATOM   205  C CA  . MET A 1 39  ? 10.273  6.528   -1.776  1.00 41.10 ? 370 MET A CA  1 
ATOM   206  C C   . MET A 1 39  ? 8.765   6.671   -1.595  1.00 40.16 ? 370 MET A C   1 
ATOM   207  O O   . MET A 1 39  ? 8.052   7.020   -2.527  1.00 40.65 ? 370 MET A O   1 
ATOM   208  C CB  . MET A 1 39  ? 10.699  5.063   -1.767  1.00 44.02 ? 370 MET A CB  1 
ATOM   209  C CG  . MET A 1 39  ? 9.930   4.167   -2.710  1.00 46.12 ? 370 MET A CG  1 
ATOM   210  S SD  . MET A 1 39  ? 10.845  2.659   -3.087  1.00 53.20 ? 370 MET A SD  1 
ATOM   211  C CE  . MET A 1 39  ? 10.428  2.461   -4.839  1.00 46.64 ? 370 MET A CE  1 
ATOM   212  N N   . ALA A 1 40  ? 8.295   6.469   -0.363  1.00 38.77 ? 371 ALA A N   1 
ATOM   213  C CA  . ALA A 1 40  ? 6.867   6.576   -0.035  1.00 36.29 ? 371 ALA A CA  1 
ATOM   214  C C   . ALA A 1 40  ? 6.311   7.963   -0.385  1.00 37.04 ? 371 ALA A C   1 
ATOM   215  O O   . ALA A 1 40  ? 5.253   8.092   -1.024  1.00 35.93 ? 371 ALA A O   1 
ATOM   216  C CB  . ALA A 1 40  ? 6.649   6.252   1.444   1.00 33.02 ? 371 ALA A CB  1 
ATOM   217  N N   . GLN A 1 41  ? 7.057   8.993   0.016   1.00 39.25 ? 372 GLN A N   1 
ATOM   218  C CA  . GLN A 1 41  ? 6.712   10.387  -0.262  1.00 39.12 ? 372 GLN A CA  1 
ATOM   219  C C   . GLN A 1 41  ? 6.657   10.635  -1.747  1.00 38.67 ? 372 GLN A C   1 
ATOM   220  O O   . GLN A 1 41  ? 5.723   11.264  -2.225  1.00 39.53 ? 372 GLN A O   1 
ATOM   221  C CB  . GLN A 1 41  ? 7.750   11.317  0.301   1.00 39.21 ? 372 GLN A CB  1 
ATOM   222  C CG  . GLN A 1 41  ? 8.073   11.082  1.730   1.00 42.41 ? 372 GLN A CG  1 
ATOM   223  C CD  . GLN A 1 41  ? 8.957   12.184  2.253   1.00 45.83 ? 372 GLN A CD  1 
ATOM   224  O OE1 . GLN A 1 41  ? 8.803   13.346  1.860   1.00 48.60 ? 372 GLN A OE1 1 
ATOM   225  N NE2 . GLN A 1 41  ? 9.905   11.835  3.116   1.00 47.86 ? 372 GLN A NE2 1 
ATOM   226  N N   . GLU A 1 42  ? 7.670   10.177  -2.477  1.00 37.90 ? 373 GLU A N   1 
ATOM   227  C CA  . GLU A 1 42  ? 7.665   10.365  -3.909  1.00 37.32 ? 373 GLU A CA  1 
ATOM   228  C C   . GLU A 1 42  ? 6.339   9.833   -4.459  1.00 37.65 ? 373 GLU A C   1 
ATOM   229  O O   . GLU A 1 42  ? 5.676   10.492  -5.267  1.00 39.99 ? 373 GLU A O   1 
ATOM   230  C CB  . GLU A 1 42  ? 8.803   9.590   -4.559  1.00 42.73 ? 373 GLU A CB  1 
ATOM   231  C CG  . GLU A 1 42  ? 10.233  10.028  -4.212  1.00 52.17 ? 373 GLU A CG  1 
ATOM   232  C CD  . GLU A 1 42  ? 11.314  9.398   -5.154  1.00 56.62 ? 373 GLU A CD  1 
ATOM   233  O OE1 . GLU A 1 42  ? 11.152  9.515   -6.393  1.00 60.45 ? 373 GLU A OE1 1 
ATOM   234  O OE2 . GLU A 1 42  ? 12.323  8.801   -4.671  1.00 56.28 ? 373 GLU A OE2 1 
ATOM   235  N N   . LEU A 1 43  ? 5.940   8.654   -3.985  1.00 36.44 ? 374 LEU A N   1 
ATOM   236  C CA  . LEU A 1 43  ? 4.715   7.987   -4.432  1.00 33.43 ? 374 LEU A CA  1 
ATOM   237  C C   . LEU A 1 43  ? 3.489   8.758   -4.017  1.00 32.86 ? 374 LEU A C   1 
ATOM   238  O O   . LEU A 1 43  ? 2.536   8.884   -4.791  1.00 29.75 ? 374 LEU A O   1 
ATOM   239  C CB  . LEU A 1 43  ? 4.642   6.555   -3.873  1.00 33.31 ? 374 LEU A CB  1 
ATOM   240  C CG  . LEU A 1 43  ? 5.737   5.566   -4.316  1.00 31.75 ? 374 LEU A CG  1 
ATOM   241  C CD1 . LEU A 1 43  ? 5.588   4.205   -3.643  1.00 27.53 ? 374 LEU A CD1 1 
ATOM   242  C CD2 . LEU A 1 43  ? 5.685   5.416   -5.834  1.00 32.25 ? 374 LEU A CD2 1 
ATOM   243  N N   . ALA A 1 44  ? 3.505   9.247   -2.780  1.00 33.50 ? 375 ALA A N   1 
ATOM   244  C CA  . ALA A 1 44  ? 2.392   10.027  -2.245  1.00 37.50 ? 375 ALA A CA  1 
ATOM   245  C C   . ALA A 1 44  ? 2.176   11.247  -3.151  1.00 40.48 ? 375 ALA A C   1 
ATOM   246  O O   . ALA A 1 44  ? 1.071   11.467  -3.660  1.00 40.16 ? 375 ALA A O   1 
ATOM   247  C CB  . ALA A 1 44  ? 2.691   10.467  -0.806  1.00 34.06 ? 375 ALA A CB  1 
ATOM   248  N N   . ASP A 1 45  ? 3.264   11.976  -3.409  1.00 43.26 ? 376 ASP A N   1 
ATOM   249  C CA  . ASP A 1 45  ? 3.265   13.167  -4.269  1.00 47.29 ? 376 ASP A CA  1 
ATOM   250  C C   . ASP A 1 45  ? 2.733   12.832  -5.654  1.00 46.70 ? 376 ASP A C   1 
ATOM   251  O O   . ASP A 1 45  ? 1.686   13.300  -6.087  1.00 48.72 ? 376 ASP A O   1 
ATOM   252  C CB  . ASP A 1 45  ? 4.699   13.721  -4.404  1.00 51.00 ? 376 ASP A CB  1 
ATOM   253  C CG  . ASP A 1 45  ? 5.321   14.122  -3.048  1.00 55.48 ? 376 ASP A CG  1 
ATOM   254  O OD1 . ASP A 1 45  ? 6.581   14.115  -2.923  1.00 55.64 ? 376 ASP A OD1 1 
ATOM   255  O OD2 . ASP A 1 45  ? 4.548   14.441  -2.104  1.00 59.18 ? 376 ASP A OD2 1 
ATOM   256  N N   . LYS A 1 46  ? 3.463   11.972  -6.326  1.00 47.16 ? 377 LYS A N   1 
ATOM   257  C CA  . LYS A 1 46  ? 3.124   11.533  -7.650  1.00 49.04 ? 377 LYS A CA  1 
ATOM   258  C C   . LYS A 1 46  ? 1.653   11.240  -7.933  1.00 49.30 ? 377 LYS A C   1 
ATOM   259  O O   . LYS A 1 46  ? 1.151   11.586  -8.990  1.00 50.82 ? 377 LYS A O   1 
ATOM   260  C CB  . LYS A 1 46  ? 3.948   10.296  -7.925  1.00 52.47 ? 377 LYS A CB  1 
ATOM   261  C CG  . LYS A 1 46  ? 5.007   10.501  -8.949  1.00 60.48 ? 377 LYS A CG  1 
ATOM   262  C CD  . LYS A 1 46  ? 4.362   10.588  -10.324 1.00 68.89 ? 377 LYS A CD  1 
ATOM   263  C CE  . LYS A 1 46  ? 5.392   10.862  -11.423 1.00 73.65 ? 377 LYS A CE  1 
ATOM   264  N NZ  . LYS A 1 46  ? 4.942   10.283  -12.739 1.00 77.80 ? 377 LYS A NZ  1 
ATOM   265  N N   . SER A 1 47  ? 0.982   10.585  -6.994  1.00 51.07 ? 378 SER A N   1 
ATOM   266  C CA  . SER A 1 47  ? -0.421  10.177  -7.135  1.00 51.42 ? 378 SER A CA  1 
ATOM   267  C C   . SER A 1 47  ? -1.458  11.275  -7.165  1.00 51.38 ? 378 SER A C   1 
ATOM   268  O O   . SER A 1 47  ? -2.545  11.089  -7.731  1.00 48.37 ? 378 SER A O   1 
ATOM   269  C CB  . SER A 1 47  ? -0.800  9.243   -5.990  1.00 54.13 ? 378 SER A CB  1 
ATOM   270  O OG  . SER A 1 47  ? -0.629  9.900   -4.741  1.00 54.55 ? 378 SER A OG  1 
ATOM   271  N N   . LYS A 1 48  ? -1.168  12.356  -6.437  1.00 53.17 ? 379 LYS A N   1 
ATOM   272  C CA  . LYS A 1 48  ? -2.069  13.497  -6.349  1.00 54.23 ? 379 LYS A CA  1 
ATOM   273  C C   . LYS A 1 48  ? -2.552  13.857  -7.743  1.00 56.49 ? 379 LYS A C   1 
ATOM   274  O O   . LYS A 1 48  ? -1.742  14.134  -8.635  1.00 58.57 ? 379 LYS A O   1 
ATOM   275  C CB  . LYS A 1 48  ? -1.366  14.705  -5.734  1.00 53.69 ? 379 LYS A CB  1 
ATOM   276  C CG  . LYS A 1 48  ? -0.952  14.531  -4.294  1.00 54.14 ? 379 LYS A CG  1 
ATOM   277  C CD  . LYS A 1 48  ? -0.333  15.821  -3.731  1.00 56.80 ? 379 LYS A CD  1 
ATOM   278  C CE  . LYS A 1 48  ? 0.268   15.565  -2.339  1.00 59.74 ? 379 LYS A CE  1 
ATOM   279  N NZ  . LYS A 1 48  ? 0.843   16.752  -1.614  1.00 62.29 ? 379 LYS A NZ  1 
ATOM   280  N N   . GLY A 1 49  ? -3.859  13.742  -7.954  1.00 56.37 ? 380 GLY A N   1 
ATOM   281  C CA  . GLY A 1 49  ? -4.429  14.089  -9.243  1.00 56.85 ? 380 GLY A CA  1 
ATOM   282  C C   . GLY A 1 49  ? -4.663  12.944  -10.203 1.00 58.70 ? 380 GLY A C   1 
ATOM   283  O O   . GLY A 1 49  ? -5.667  12.938  -10.933 1.00 59.74 ? 380 GLY A O   1 
ATOM   284  N N   . LYS A 1 50  ? -3.771  11.959  -10.176 1.00 58.88 ? 381 LYS A N   1 
ATOM   285  C CA  . LYS A 1 50  ? -3.866  10.809  -11.067 1.00 58.01 ? 381 LYS A CA  1 
ATOM   286  C C   . LYS A 1 50  ? -5.103  9.957   -10.826 1.00 56.85 ? 381 LYS A C   1 
ATOM   287  O O   . LYS A 1 50  ? -5.566  9.815   -9.688  1.00 59.10 ? 381 LYS A O   1 
ATOM   288  C CB  . LYS A 1 50  ? -2.623  9.945   -10.919 1.00 58.82 ? 381 LYS A CB  1 
ATOM   289  C CG  . LYS A 1 50  ? -1.322  10.724  -11.031 1.00 62.68 ? 381 LYS A CG  1 
ATOM   290  C CD  . LYS A 1 50  ? -0.111  9.824   -10.876 1.00 62.98 ? 381 LYS A CD  1 
ATOM   291  C CE  . LYS A 1 50  ? 0.064   8.882   -12.061 1.00 63.38 ? 381 LYS A CE  1 
ATOM   292  N NZ  . LYS A 1 50  ? -1.000  7.827   -12.203 1.00 61.91 ? 381 LYS A NZ  1 
ATOM   293  N N   . LYS A 1 51  ? -5.654  9.418   -11.905 1.00 55.06 ? 382 LYS A N   1 
ATOM   294  C CA  . LYS A 1 51  ? -6.814  8.554   -11.809 1.00 54.35 ? 382 LYS A CA  1 
ATOM   295  C C   . LYS A 1 51  ? -6.286  7.146   -12.005 1.00 56.22 ? 382 LYS A C   1 
ATOM   296  O O   . LYS A 1 51  ? -5.124  6.961   -12.367 1.00 54.86 ? 382 LYS A O   1 
ATOM   297  C CB  . LYS A 1 51  ? -7.807  8.887   -12.904 1.00 53.18 ? 382 LYS A CB  1 
ATOM   298  C CG  . LYS A 1 51  ? -8.306  10.306  -12.838 1.00 55.10 ? 382 LYS A CG  1 
ATOM   299  C CD  . LYS A 1 51  ? -9.538  10.415  -11.983 1.00 53.64 ? 382 LYS A CD  1 
ATOM   300  C CE  . LYS A 1 51  ? -9.877  11.864  -11.739 1.00 54.44 ? 382 LYS A CE  1 
ATOM   301  N NZ  . LYS A 1 51  ? -11.172 11.980  -11.014 1.00 56.51 ? 382 LYS A NZ  1 
ATOM   302  N N   . ILE A 1 52  ? -7.109  6.145   -11.724 1.00 59.40 ? 383 ILE A N   1 
ATOM   303  C CA  . ILE A 1 52  ? -6.650  4.775   -11.913 1.00 63.01 ? 383 ILE A CA  1 
ATOM   304  C C   . ILE A 1 52  ? -6.825  4.401   -13.381 1.00 65.26 ? 383 ILE A C   1 
ATOM   305  O O   . ILE A 1 52  ? -7.945  4.457   -13.912 1.00 66.33 ? 383 ILE A O   1 
ATOM   306  C CB  . ILE A 1 52  ? -7.408  3.774   -11.024 1.00 62.77 ? 383 ILE A CB  1 
ATOM   307  C CG1 . ILE A 1 52  ? -6.954  3.923   -9.571  1.00 63.77 ? 383 ILE A CG1 1 
ATOM   308  C CG2 . ILE A 1 52  ? -7.142  2.352   -11.497 1.00 63.89 ? 383 ILE A CG2 1 
ATOM   309  C CD1 . ILE A 1 52  ? -7.634  2.966   -8.614  1.00 63.68 ? 383 ILE A CD1 1 
ATOM   310  N N   . GLY A 1 53  ? -5.719  4.022   -14.027 1.00 66.78 ? 384 GLY A N   1 
ATOM   311  C CA  . GLY A 1 53  ? -5.757  3.660   -15.440 1.00 68.54 ? 384 GLY A CA  1 
ATOM   312  C C   . GLY A 1 53  ? -6.209  2.251   -15.816 1.00 69.07 ? 384 GLY A C   1 
ATOM   313  O O   . GLY A 1 53  ? -7.322  1.800   -15.486 1.00 69.40 ? 384 GLY A O   1 
ATOM   314  N N   . ASN A 1 54  ? -5.362  1.570   -16.578 1.00 68.29 ? 385 ASN A N   1 
ATOM   315  C CA  . ASN A 1 54  ? -5.673  0.215   -16.987 1.00 67.58 ? 385 ASN A CA  1 
ATOM   316  C C   . ASN A 1 54  ? -5.221  -0.693  -15.852 1.00 67.53 ? 385 ASN A C   1 
ATOM   317  O O   . ASN A 1 54  ? -4.013  -0.896  -15.657 1.00 68.39 ? 385 ASN A O   1 
ATOM   318  C CB  . ASN A 1 54  ? -4.938  -0.148  -18.279 1.00 66.67 ? 385 ASN A CB  1 
ATOM   319  C CG  . ASN A 1 54  ? -5.413  -1.464  -18.862 1.00 66.38 ? 385 ASN A CG  1 
ATOM   320  O OD1 . ASN A 1 54  ? -6.359  -2.071  -18.360 1.00 67.07 ? 385 ASN A OD1 1 
ATOM   321  N ND2 . ASN A 1 54  ? -4.756  -1.917  -19.922 1.00 67.48 ? 385 ASN A ND2 1 
ATOM   322  N N   . VAL A 1 55  ? -6.186  -1.209  -15.088 1.00 66.03 ? 386 VAL A N   1 
ATOM   323  C CA  . VAL A 1 55  ? -5.900  -2.092  -13.957 1.00 63.44 ? 386 VAL A CA  1 
ATOM   324  C C   . VAL A 1 55  ? -5.101  -3.330  -14.406 1.00 62.76 ? 386 VAL A C   1 
ATOM   325  O O   . VAL A 1 55  ? -4.315  -3.890  -13.642 1.00 63.18 ? 386 VAL A O   1 
ATOM   326  C CB  . VAL A 1 55  ? -7.207  -2.502  -13.208 1.00 62.10 ? 386 VAL A CB  1 
ATOM   327  C CG1 . VAL A 1 55  ? -7.882  -3.690  -13.889 1.00 61.65 ? 386 VAL A CG1 1 
ATOM   328  C CG2 . VAL A 1 55  ? -6.918  -2.786  -11.743 1.00 61.09 ? 386 VAL A CG2 1 
ATOM   329  N N   . ASN A 1 56  ? -5.235  -3.691  -15.677 1.00 61.19 ? 387 ASN A N   1 
ATOM   330  C CA  . ASN A 1 56  ? -4.537  -4.854  -16.239 1.00 59.43 ? 387 ASN A CA  1 
ATOM   331  C C   . ASN A 1 56  ? -3.054  -4.647  -16.384 1.00 53.89 ? 387 ASN A C   1 
ATOM   332  O O   . ASN A 1 56  ? -2.254  -5.541  -16.129 1.00 50.69 ? 387 ASN A O   1 
ATOM   333  C CB  . ASN A 1 56  ? -5.135  -5.231  -17.593 1.00 65.31 ? 387 ASN A CB  1 
ATOM   334  C CG  . ASN A 1 56  ? -6.495  -5.886  -17.453 1.00 70.20 ? 387 ASN A CG  1 
ATOM   335  O OD1 . ASN A 1 56  ? -6.602  -7.119  -17.475 1.00 74.09 ? 387 ASN A OD1 1 
ATOM   336  N ND2 . ASN A 1 56  ? -7.543  -5.070  -17.264 1.00 72.68 ? 387 ASN A ND2 1 
ATOM   337  N N   . GLU A 1 57  ? -2.696  -3.463  -16.836 1.00 51.16 ? 388 GLU A N   1 
ATOM   338  C CA  . GLU A 1 57  ? -1.302  -3.132  -16.999 1.00 52.07 ? 388 GLU A CA  1 
ATOM   339  C C   . GLU A 1 57  ? -0.674  -3.185  -15.621 1.00 48.48 ? 388 GLU A C   1 
ATOM   340  O O   . GLU A 1 57  ? 0.389   -3.782  -15.451 1.00 48.96 ? 388 GLU A O   1 
ATOM   341  C CB  . GLU A 1 57  ? -1.155  -1.734  -17.614 1.00 57.70 ? 388 GLU A CB  1 
ATOM   342  C CG  . GLU A 1 57  ? -1.460  -1.695  -19.120 1.00 64.78 ? 388 GLU A CG  1 
ATOM   343  C CD  . GLU A 1 57  ? -1.660  -0.291  -19.661 1.00 68.61 ? 388 GLU A CD  1 
ATOM   344  O OE1 . GLU A 1 57  ? -2.472  -0.134  -20.611 1.00 69.73 ? 388 GLU A OE1 1 
ATOM   345  O OE2 . GLU A 1 57  ? -1.011  0.648   -19.130 1.00 69.90 ? 388 GLU A OE2 1 
ATOM   346  N N   . ALA A 1 58  ? -1.380  -2.616  -14.638 1.00 44.21 ? 389 ALA A N   1 
ATOM   347  C CA  . ALA A 1 58  ? -0.926  -2.578  -13.251 1.00 39.60 ? 389 ALA A CA  1 
ATOM   348  C C   . ALA A 1 58  ? -0.721  -3.995  -12.655 1.00 38.05 ? 389 ALA A C   1 
ATOM   349  O O   . ALA A 1 58  ? 0.346   -4.281  -12.097 1.00 34.88 ? 389 ALA A O   1 
ATOM   350  C CB  . ALA A 1 58  ? -1.895  -1.758  -12.417 1.00 35.69 ? 389 ALA A CB  1 
ATOM   351  N N   . LEU A 1 59  ? -1.721  -4.878  -12.817 1.00 36.50 ? 390 LEU A N   1 
ATOM   352  C CA  . LEU A 1 59  ? -1.653  -6.258  -12.332 1.00 36.09 ? 390 LEU A CA  1 
ATOM   353  C C   . LEU A 1 59  ? -0.437  -6.897  -12.973 1.00 38.54 ? 390 LEU A C   1 
ATOM   354  O O   . LEU A 1 59  ? 0.435   -7.452  -12.292 1.00 40.78 ? 390 LEU A O   1 
ATOM   355  C CB  . LEU A 1 59  ? -2.869  -7.066  -12.780 1.00 35.10 ? 390 LEU A CB  1 
ATOM   356  C CG  . LEU A 1 59  ? -3.442  -8.084  -11.768 1.00 39.74 ? 390 LEU A CG  1 
ATOM   357  C CD1 . LEU A 1 59  ? -4.287  -9.135  -12.484 1.00 38.52 ? 390 LEU A CD1 1 
ATOM   358  C CD2 . LEU A 1 59  ? -2.373  -8.750  -10.921 1.00 34.70 ? 390 LEU A CD2 1 
ATOM   359  N N   . ALA A 1 60  ? -0.395  -6.813  -14.297 1.00 38.30 ? 391 ALA A N   1 
ATOM   360  C CA  . ALA A 1 60  ? 0.690   -7.366  -15.087 1.00 35.45 ? 391 ALA A CA  1 
ATOM   361  C C   . ALA A 1 60  ? 2.073   -6.987  -14.562 1.00 34.06 ? 391 ALA A C   1 
ATOM   362  O O   . ALA A 1 60  ? 2.965   -7.829  -14.474 1.00 36.22 ? 391 ALA A O   1 
ATOM   363  C CB  . ALA A 1 60  ? 0.537   -6.914  -16.527 1.00 37.33 ? 391 ALA A CB  1 
ATOM   364  N N   . ALA A 1 61  ? 2.257   -5.726  -14.202 1.00 33.34 ? 392 ALA A N   1 
ATOM   365  C CA  . ALA A 1 61  ? 3.557   -5.272  -13.712 1.00 32.72 ? 392 ALA A CA  1 
ATOM   366  C C   . ALA A 1 61  ? 3.834   -5.790  -12.301 1.00 33.31 ? 392 ALA A C   1 
ATOM   367  O O   . ALA A 1 61  ? 4.984   -6.117  -11.960 1.00 34.36 ? 392 ALA A O   1 
ATOM   368  C CB  . ALA A 1 61  ? 3.622   -3.753  -13.750 1.00 30.81 ? 392 ALA A CB  1 
ATOM   369  N N   . PHE A 1 62  ? 2.766   -5.873  -11.501 1.00 31.07 ? 393 PHE A N   1 
ATOM   370  C CA  . PHE A 1 62  ? 2.844   -6.342  -10.131 1.00 28.01 ? 393 PHE A CA  1 
ATOM   371  C C   . PHE A 1 62  ? 3.153   -7.837  -10.112 1.00 29.65 ? 393 PHE A C   1 
ATOM   372  O O   . PHE A 1 62  ? 4.100   -8.263  -9.456  1.00 29.16 ? 393 PHE A O   1 
ATOM   373  C CB  . PHE A 1 62  ? 1.531   -6.017  -9.367  1.00 22.78 ? 393 PHE A CB  1 
ATOM   374  C CG  . PHE A 1 62  ? 1.456   -6.631  -7.989  1.00 17.11 ? 393 PHE A CG  1 
ATOM   375  C CD1 . PHE A 1 62  ? 2.184   -6.099  -6.931  1.00 14.87 ? 393 PHE A CD1 1 
ATOM   376  C CD2 . PHE A 1 62  ? 0.752   -7.819  -7.782  1.00 17.30 ? 393 PHE A CD2 1 
ATOM   377  C CE1 . PHE A 1 62  ? 2.221   -6.756  -5.698  1.00 12.26 ? 393 PHE A CE1 1 
ATOM   378  C CE2 . PHE A 1 62  ? 0.788   -8.468  -6.567  1.00 12.62 ? 393 PHE A CE2 1 
ATOM   379  C CZ  . PHE A 1 62  ? 1.525   -7.936  -5.532  1.00 13.74 ? 393 PHE A CZ  1 
ATOM   380  N N   . GLU A 1 63  ? 2.407   -8.629  -10.875 1.00 33.15 ? 394 GLU A N   1 
ATOM   381  C CA  . GLU A 1 63  ? 2.629   -10.072 -10.894 1.00 37.06 ? 394 GLU A CA  1 
ATOM   382  C C   . GLU A 1 63  ? 4.074   -10.371 -11.292 1.00 40.18 ? 394 GLU A C   1 
ATOM   383  O O   . GLU A 1 63  ? 4.680   -11.320 -10.794 1.00 43.12 ? 394 GLU A O   1 
ATOM   384  C CB  . GLU A 1 63  ? 1.639   -10.772 -11.833 1.00 38.59 ? 394 GLU A CB  1 
ATOM   385  C CG  . GLU A 1 63  ? 0.146   -10.649 -11.456 1.00 46.59 ? 394 GLU A CG  1 
ATOM   386  C CD  . GLU A 1 63  ? -0.445  -11.849 -10.670 1.00 52.94 ? 394 GLU A CD  1 
ATOM   387  O OE1 . GLU A 1 63  ? -1.700  -11.952 -10.520 1.00 56.82 ? 394 GLU A OE1 1 
ATOM   388  O OE2 . GLU A 1 63  ? 0.338   -12.701 -10.198 1.00 58.19 ? 394 GLU A OE2 1 
ATOM   389  N N   . LYS A 1 64  ? 4.646   -9.499  -12.120 1.00 42.45 ? 395 LYS A N   1 
ATOM   390  C CA  . LYS A 1 64  ? 6.016   -9.639  -12.599 1.00 41.13 ? 395 LYS A CA  1 
ATOM   391  C C   . LYS A 1 64  ? 7.007   -9.364  -11.468 1.00 38.43 ? 395 LYS A C   1 
ATOM   392  O O   . LYS A 1 64  ? 8.006   -10.062 -11.323 1.00 39.27 ? 395 LYS A O   1 
ATOM   393  C CB  . LYS A 1 64  ? 6.231   -8.703  -13.796 1.00 46.91 ? 395 LYS A CB  1 
ATOM   394  C CG  . LYS A 1 64  ? 7.533   -8.890  -14.566 1.00 53.84 ? 395 LYS A CG  1 
ATOM   395  C CD  . LYS A 1 64  ? 8.655   -8.085  -13.911 1.00 60.96 ? 395 LYS A CD  1 
ATOM   396  C CE  . LYS A 1 64  ? 10.005  -8.237  -14.626 1.00 63.68 ? 395 LYS A CE  1 
ATOM   397  N NZ  . LYS A 1 64  ? 11.107  -7.491  -13.900 1.00 64.34 ? 395 LYS A NZ  1 
ATOM   398  N N   . TYR A 1 65  ? 6.717   -8.369  -10.645 1.00 35.97 ? 396 TYR A N   1 
ATOM   399  C CA  . TYR A 1 65  ? 7.590   -8.039  -9.511  1.00 34.71 ? 396 TYR A CA  1 
ATOM   400  C C   . TYR A 1 65  ? 7.470   -9.080  -8.382  1.00 37.09 ? 396 TYR A C   1 
ATOM   401  O O   . TYR A 1 65  ? 8.462   -9.426  -7.718  1.00 37.31 ? 396 TYR A O   1 
ATOM   402  C CB  . TYR A 1 65  ? 7.239   -6.646  -8.984  1.00 29.18 ? 396 TYR A CB  1 
ATOM   403  C CG  . TYR A 1 65  ? 7.817   -6.320  -7.636  1.00 25.29 ? 396 TYR A CG  1 
ATOM   404  C CD1 . TYR A 1 65  ? 9.157   -5.992  -7.486  1.00 24.95 ? 396 TYR A CD1 1 
ATOM   405  C CD2 . TYR A 1 65  ? 7.034   -6.389  -6.498  1.00 24.47 ? 396 TYR A CD2 1 
ATOM   406  C CE1 . TYR A 1 65  ? 9.707   -5.743  -6.215  1.00 25.62 ? 396 TYR A CE1 1 
ATOM   407  C CE2 . TYR A 1 65  ? 7.568   -6.152  -5.221  1.00 23.13 ? 396 TYR A CE2 1 
ATOM   408  C CZ  . TYR A 1 65  ? 8.900   -5.832  -5.085  1.00 26.34 ? 396 TYR A CZ  1 
ATOM   409  O OH  . TYR A 1 65  ? 9.424   -5.624  -3.813  1.00 31.30 ? 396 TYR A OH  1 
ATOM   410  N N   . LYS A 1 66  ? 6.247   -9.571  -8.181  1.00 36.09 ? 397 LYS A N   1 
ATOM   411  C CA  . LYS A 1 66  ? 5.931   -10.558 -7.162  1.00 36.33 ? 397 LYS A CA  1 
ATOM   412  C C   . LYS A 1 66  ? 6.771   -11.824 -7.310  1.00 37.87 ? 397 LYS A C   1 
ATOM   413  O O   . LYS A 1 66  ? 7.302   -12.321 -6.321  1.00 36.52 ? 397 LYS A O   1 
ATOM   414  C CB  . LYS A 1 66  ? 4.452   -10.909 -7.253  1.00 37.07 ? 397 LYS A CB  1 
ATOM   415  C CG  . LYS A 1 66  ? 3.946   -11.849 -6.198  1.00 36.71 ? 397 LYS A CG  1 
ATOM   416  C CD  . LYS A 1 66  ? 2.446   -12.054 -6.372  1.00 36.08 ? 397 LYS A CD  1 
ATOM   417  C CE  . LYS A 1 66  ? 2.147   -12.853 -7.614  1.00 32.45 ? 397 LYS A CE  1 
ATOM   418  N NZ  . LYS A 1 66  ? 2.746   -14.206 -7.525  1.00 36.70 ? 397 LYS A NZ  1 
ATOM   419  N N   . ASP A 1 67  ? 6.886   -12.346 -8.533  1.00 38.44 ? 398 ASP A N   1 
ATOM   420  C CA  . ASP A 1 67  ? 7.682   -13.551 -8.783  1.00 40.30 ? 398 ASP A CA  1 
ATOM   421  C C   . ASP A 1 67  ? 9.114   -13.398 -8.357  1.00 37.93 ? 398 ASP A C   1 
ATOM   422  O O   . ASP A 1 67  ? 9.732   -14.339 -7.868  1.00 36.38 ? 398 ASP A O   1 
ATOM   423  C CB  . ASP A 1 67  ? 7.667   -13.941 -10.248 1.00 46.06 ? 398 ASP A CB  1 
ATOM   424  C CG  . ASP A 1 67  ? 6.339   -14.484 -10.672 1.00 53.91 ? 398 ASP A CG  1 
ATOM   425  O OD1 . ASP A 1 67  ? 5.539   -14.870 -9.773  1.00 55.07 ? 398 ASP A OD1 1 
ATOM   426  O OD2 . ASP A 1 67  ? 6.101   -14.511 -11.905 1.00 60.16 ? 398 ASP A OD2 1 
ATOM   427  N N   . VAL A 1 68  ? 9.649   -12.213 -8.583  1.00 35.37 ? 399 VAL A N   1 
ATOM   428  C CA  . VAL A 1 68  ? 11.015  -11.933 -8.206  1.00 33.69 ? 399 VAL A CA  1 
ATOM   429  C C   . VAL A 1 68  ? 11.081  -11.941 -6.687  1.00 31.95 ? 399 VAL A C   1 
ATOM   430  O O   . VAL A 1 68  ? 11.808  -12.733 -6.100  1.00 32.76 ? 399 VAL A O   1 
ATOM   431  C CB  . VAL A 1 68  ? 11.466  -10.574 -8.780  1.00 32.58 ? 399 VAL A CB  1 
ATOM   432  C CG1 . VAL A 1 68  ? 12.859  -10.224 -8.304  1.00 28.38 ? 399 VAL A CG1 1 
ATOM   433  C CG2 . VAL A 1 68  ? 11.402  -10.624 -10.311 1.00 29.87 ? 399 VAL A CG2 1 
ATOM   434  N N   . LEU A 1 69  ? 10.246  -11.123 -6.060  1.00 30.86 ? 400 LEU A N   1 
ATOM   435  C CA  . LEU A 1 69  ? 10.195  -11.027 -4.612  1.00 28.92 ? 400 LEU A CA  1 
ATOM   436  C C   . LEU A 1 69  ? 10.042  -12.410 -3.954  1.00 29.22 ? 400 LEU A C   1 
ATOM   437  O O   . LEU A 1 69  ? 10.818  -12.771 -3.075  1.00 29.22 ? 400 LEU A O   1 
ATOM   438  C CB  . LEU A 1 69  ? 9.024   -10.111 -4.209  1.00 27.84 ? 400 LEU A CB  1 
ATOM   439  C CG  . LEU A 1 69  ? 8.658   -9.930  -2.731  1.00 25.42 ? 400 LEU A CG  1 
ATOM   440  C CD1 . LEU A 1 69  ? 9.791   -9.287  -1.963  1.00 23.45 ? 400 LEU A CD1 1 
ATOM   441  C CD2 . LEU A 1 69  ? 7.394   -9.122  -2.616  1.00 23.89 ? 400 LEU A CD2 1 
ATOM   442  N N   . ASN A 1 70  ? 9.074   -13.198 -4.411  1.00 27.69 ? 401 ASN A N   1 
ATOM   443  C CA  . ASN A 1 70  ? 8.824   -14.511 -3.847  1.00 26.85 ? 401 ASN A CA  1 
ATOM   444  C C   . ASN A 1 70  ? 9.972   -15.517 -3.942  1.00 31.74 ? 401 ASN A C   1 
ATOM   445  O O   . ASN A 1 70  ? 9.937   -16.548 -3.255  1.00 34.00 ? 401 ASN A O   1 
ATOM   446  C CB  . ASN A 1 70  ? 7.539   -15.105 -4.412  1.00 22.66 ? 401 ASN A CB  1 
ATOM   447  C CG  . ASN A 1 70  ? 6.309   -14.479 -3.796  1.00 25.34 ? 401 ASN A CG  1 
ATOM   448  O OD1 . ASN A 1 70  ? 6.409   -13.652 -2.887  1.00 28.72 ? 401 ASN A OD1 1 
ATOM   449  N ND2 . ASN A 1 70  ? 5.150   -14.851 -4.284  1.00 23.53 ? 401 ASN A ND2 1 
ATOM   450  N N   . LYS A 1 71  ? 10.982  -15.245 -4.775  1.00 29.34 ? 402 LYS A N   1 
ATOM   451  C CA  . LYS A 1 71  ? 12.122  -16.142 -4.886  1.00 25.95 ? 402 LYS A CA  1 
ATOM   452  C C   . LYS A 1 71  ? 13.098  -15.873 -3.744  1.00 24.71 ? 402 LYS A C   1 
ATOM   453  O O   . LYS A 1 71  ? 13.977  -16.689 -3.466  1.00 25.45 ? 402 LYS A O   1 
ATOM   454  C CB  . LYS A 1 71  ? 12.810  -15.979 -6.238  1.00 26.82 ? 402 LYS A CB  1 
ATOM   455  C CG  . LYS A 1 71  ? 12.073  -16.661 -7.389  1.00 29.02 ? 402 LYS A CG  1 
ATOM   456  C CD  . LYS A 1 71  ? 12.792  -16.399 -8.707  1.00 30.84 ? 402 LYS A CD  1 
ATOM   457  C CE  . LYS A 1 71  ? 12.167  -17.178 -9.847  1.00 31.26 ? 402 LYS A CE  1 
ATOM   458  N NZ  . LYS A 1 71  ? 10.719  -16.877 -10.072 1.00 35.50 ? 402 LYS A NZ  1 
ATOM   459  N N   . LYS A 1 72  ? 12.956  -14.724 -3.089  1.00 23.29 ? 403 LYS A N   1 
ATOM   460  C CA  . LYS A 1 72  ? 13.820  -14.358 -1.962  1.00 24.66 ? 403 LYS A CA  1 
ATOM   461  C C   . LYS A 1 72  ? 13.187  -14.708 -0.576  1.00 22.11 ? 403 LYS A C   1 
ATOM   462  O O   . LYS A 1 72  ? 13.811  -14.534 0.481   1.00 24.66 ? 403 LYS A O   1 
ATOM   463  C CB  . LYS A 1 72  ? 14.171  -12.858 -2.037  1.00 26.60 ? 403 LYS A CB  1 
ATOM   464  C CG  . LYS A 1 72  ? 14.374  -12.362 -3.452  1.00 31.59 ? 403 LYS A CG  1 
ATOM   465  C CD  . LYS A 1 72  ? 15.713  -11.681 -3.655  1.00 39.77 ? 403 LYS A CD  1 
ATOM   466  C CE  . LYS A 1 72  ? 16.118  -11.690 -5.149  1.00 46.95 ? 403 LYS A CE  1 
ATOM   467  N NZ  . LYS A 1 72  ? 16.419  -13.071 -5.739  1.00 49.69 ? 403 LYS A NZ  1 
ATOM   468  N N   . PHE A 1 73  ? 11.967  -15.226 -0.586  1.00 19.71 ? 404 PHE A N   1 
ATOM   469  C CA  . PHE A 1 73  ? 11.268  -15.594 0.641   1.00 19.76 ? 404 PHE A CA  1 
ATOM   470  C C   . PHE A 1 73  ? 10.543  -16.923 0.496   1.00 19.18 ? 404 PHE A C   1 
ATOM   471  O O   . PHE A 1 73  ? 9.911   -17.166 -0.538  1.00 21.88 ? 404 PHE A O   1 
ATOM   472  C CB  . PHE A 1 73  ? 10.224  -14.531 0.973   1.00 17.60 ? 404 PHE A CB  1 
ATOM   473  C CG  . PHE A 1 73  ? 10.809  -13.218 1.296   1.00 16.76 ? 404 PHE A CG  1 
ATOM   474  C CD1 . PHE A 1 73  ? 10.866  -12.213 0.335   1.00 18.58 ? 404 PHE A CD1 1 
ATOM   475  C CD2 . PHE A 1 73  ? 11.285  -12.962 2.578   1.00 16.47 ? 404 PHE A CD2 1 
ATOM   476  C CE1 . PHE A 1 73  ? 11.389  -10.945 0.643   1.00 16.74 ? 404 PHE A CE1 1 
ATOM   477  C CE2 . PHE A 1 73  ? 11.809  -11.711 2.906   1.00 19.21 ? 404 PHE A CE2 1 
ATOM   478  C CZ  . PHE A 1 73  ? 11.861  -10.693 1.936   1.00 17.51 ? 404 PHE A CZ  1 
ATOM   479  N N   . SER A 1 74  ? 10.541  -17.733 1.558   1.00 19.43 ? 405 SER A N   1 
ATOM   480  C CA  . SER A 1 74  ? 9.860   -19.023 1.528   1.00 17.69 ? 405 SER A CA  1 
ATOM   481  C C   . SER A 1 74  ? 8.382   -18.891 1.826   1.00 18.97 ? 405 SER A C   1 
ATOM   482  O O   . SER A 1 74  ? 7.914   -17.838 2.263   1.00 20.07 ? 405 SER A O   1 
ATOM   483  C CB  . SER A 1 74  ? 10.478  -19.938 2.544   1.00 17.29 ? 405 SER A CB  1 
ATOM   484  O OG  . SER A 1 74  ? 10.364  -19.337 3.801   1.00 20.92 ? 405 SER A OG  1 
ATOM   485  N N   . LYS A 1 75  ? 7.645   -19.973 1.574   1.00 22.03 ? 406 LYS A N   1 
ATOM   486  C CA  . LYS A 1 75  ? 6.201   -20.062 1.821   1.00 19.11 ? 406 LYS A CA  1 
ATOM   487  C C   . LYS A 1 75  ? 5.944   -19.712 3.280   1.00 19.73 ? 406 LYS A C   1 
ATOM   488  O O   . LYS A 1 75  ? 5.114   -18.878 3.613   1.00 20.64 ? 406 LYS A O   1 
ATOM   489  C CB  . LYS A 1 75  ? 5.766   -21.496 1.632   1.00 19.97 ? 406 LYS A CB  1 
ATOM   490  C CG  . LYS A 1 75  ? 4.398   -21.673 1.044   1.00 26.07 ? 406 LYS A CG  1 
ATOM   491  C CD  . LYS A 1 75  ? 3.360   -20.834 1.704   1.00 32.32 ? 406 LYS A CD  1 
ATOM   492  C CE  . LYS A 1 75  ? 2.033   -21.583 1.750   1.00 36.69 ? 406 LYS A CE  1 
ATOM   493  N NZ  . LYS A 1 75  ? 2.127   -22.669 2.793   1.00 41.06 ? 406 LYS A NZ  1 
ATOM   494  N N   . ALA A 1 76  ? 6.689   -20.358 4.153   1.00 17.45 ? 407 ALA A N   1 
ATOM   495  C CA  . ALA A 1 76  ? 6.546   -20.126 5.558   1.00 18.44 ? 407 ALA A CA  1 
ATOM   496  C C   . ALA A 1 76  ? 6.742   -18.658 5.856   1.00 22.43 ? 407 ALA A C   1 
ATOM   497  O O   . ALA A 1 76  ? 6.011   -18.111 6.668   1.00 26.75 ? 407 ALA A O   1 
ATOM   498  C CB  . ALA A 1 76  ? 7.523   -20.958 6.312   1.00 16.64 ? 407 ALA A CB  1 
ATOM   499  N N   . ASP A 1 77  ? 7.689   -18.005 5.177   1.00 23.48 ? 408 ASP A N   1 
ATOM   500  C CA  . ASP A 1 77  ? 7.957   -16.580 5.381   1.00 23.13 ? 408 ASP A CA  1 
ATOM   501  C C   . ASP A 1 77  ? 6.745   -15.719 5.062   1.00 22.81 ? 408 ASP A C   1 
ATOM   502  O O   . ASP A 1 77  ? 6.423   -14.771 5.771   1.00 25.44 ? 408 ASP A O   1 
ATOM   503  C CB  . ASP A 1 77  ? 9.126   -16.122 4.501   1.00 26.96 ? 408 ASP A CB  1 
ATOM   504  C CG  . ASP A 1 77  ? 10.473  -16.518 5.065   1.00 31.81 ? 408 ASP A CG  1 
ATOM   505  O OD1 . ASP A 1 77  ? 10.509  -16.840 6.268   1.00 37.12 ? 408 ASP A OD1 1 
ATOM   506  O OD2 . ASP A 1 77  ? 11.497  -16.523 4.320   1.00 35.08 ? 408 ASP A OD2 1 
ATOM   507  N N   . ARG A 1 78  ? 6.122   -16.000 3.943   1.00 22.13 ? 409 ARG A N   1 
ATOM   508  C CA  . ARG A 1 78  ? 4.959   -15.249 3.560   1.00 24.99 ? 409 ARG A CA  1 
ATOM   509  C C   . ARG A 1 78  ? 3.808   -15.479 4.531   1.00 27.66 ? 409 ARG A C   1 
ATOM   510  O O   . ARG A 1 78  ? 3.206   -14.514 5.011   1.00 28.80 ? 409 ARG A O   1 
ATOM   511  C CB  . ARG A 1 78  ? 4.549   -15.649 2.164   1.00 23.67 ? 409 ARG A CB  1 
ATOM   512  C CG  . ARG A 1 78  ? 5.705   -15.587 1.267   1.00 26.50 ? 409 ARG A CG  1 
ATOM   513  C CD  . ARG A 1 78  ? 5.282   -15.805 -0.131  1.00 30.08 ? 409 ARG A CD  1 
ATOM   514  N NE  . ARG A 1 78  ? 6.411   -16.371 -0.835  1.00 34.75 ? 409 ARG A NE  1 
ATOM   515  C CZ  . ARG A 1 78  ? 6.449   -17.620 -1.270  1.00 34.50 ? 409 ARG A CZ  1 
ATOM   516  N NH1 . ARG A 1 78  ? 5.404   -18.424 -1.089  1.00 35.02 ? 409 ARG A NH1 1 
ATOM   517  N NH2 . ARG A 1 78  ? 7.561   -18.082 -1.816  1.00 36.67 ? 409 ARG A NH2 1 
ATOM   518  N N   . ASP A 1 79  ? 3.512   -16.753 4.817   1.00 27.58 ? 410 ASP A N   1 
ATOM   519  C CA  . ASP A 1 79  ? 2.424   -17.136 5.722   1.00 24.86 ? 410 ASP A CA  1 
ATOM   520  C C   . ASP A 1 79  ? 2.496   -16.343 7.010   1.00 23.62 ? 410 ASP A C   1 
ATOM   521  O O   . ASP A 1 79  ? 1.471   -15.961 7.552   1.00 26.79 ? 410 ASP A O   1 
ATOM   522  C CB  . ASP A 1 79  ? 2.461   -18.641 6.061   1.00 26.75 ? 410 ASP A CB  1 
ATOM   523  C CG  . ASP A 1 79  ? 2.067   -19.551 4.884   1.00 27.07 ? 410 ASP A CG  1 
ATOM   524  O OD1 . ASP A 1 79  ? 2.296   -20.785 5.015   1.00 28.91 ? 410 ASP A OD1 1 
ATOM   525  O OD2 . ASP A 1 79  ? 1.535   -19.056 3.852   1.00 25.15 ? 410 ASP A OD2 1 
ATOM   526  N N   . ALA A 1 80  ? 3.708   -16.094 7.493   1.00 22.09 ? 411 ALA A N   1 
ATOM   527  C CA  . ALA A 1 80  ? 3.914   -15.330 8.725   1.00 21.23 ? 411 ALA A CA  1 
ATOM   528  C C   . ALA A 1 80  ? 3.283   -13.958 8.598   1.00 21.68 ? 411 ALA A C   1 
ATOM   529  O O   . ALA A 1 80  ? 2.750   -13.436 9.579   1.00 22.78 ? 411 ALA A O   1 
ATOM   530  C CB  . ALA A 1 80  ? 5.390   -15.179 9.030   1.00 16.39 ? 411 ALA A CB  1 
ATOM   531  N N   . ILE A 1 81  ? 3.380   -13.356 7.413   1.00 20.38 ? 412 ILE A N   1 
ATOM   532  C CA  . ILE A 1 81  ? 2.772   -12.048 7.174   1.00 21.77 ? 412 ILE A CA  1 
ATOM   533  C C   . ILE A 1 81  ? 1.211   -12.150 7.245   1.00 21.55 ? 412 ILE A C   1 
ATOM   534  O O   . ILE A 1 81  ? 0.557   -11.379 7.960   1.00 25.27 ? 412 ILE A O   1 
ATOM   535  C CB  . ILE A 1 81  ? 3.233   -11.450 5.795   1.00 20.83 ? 412 ILE A CB  1 
ATOM   536  C CG1 . ILE A 1 81  ? 4.746   -11.218 5.770   1.00 19.67 ? 412 ILE A CG1 1 
ATOM   537  C CG2 . ILE A 1 81  ? 2.519   -10.188 5.507   1.00 18.78 ? 412 ILE A CG2 1 
ATOM   538  C CD1 . ILE A 1 81  ? 5.238   -10.242 6.762   1.00 15.89 ? 412 ILE A CD1 1 
ATOM   539  N N   . PHE A 1 82  ? 0.614   -13.137 6.587   1.00 20.18 ? 413 PHE A N   1 
ATOM   540  C CA  . PHE A 1 82  ? -0.835  -13.271 6.616   1.00 21.07 ? 413 PHE A CA  1 
ATOM   541  C C   . PHE A 1 82  ? -1.300  -13.537 8.027   1.00 22.94 ? 413 PHE A C   1 
ATOM   542  O O   . PHE A 1 82  ? -2.332  -13.032 8.440   1.00 24.80 ? 413 PHE A O   1 
ATOM   543  C CB  . PHE A 1 82  ? -1.294  -14.388 5.709   1.00 17.03 ? 413 PHE A CB  1 
ATOM   544  C CG  . PHE A 1 82  ? -1.086  -14.104 4.274   1.00 16.08 ? 413 PHE A CG  1 
ATOM   545  C CD1 . PHE A 1 82  ? -0.062  -14.728 3.566   1.00 16.35 ? 413 PHE A CD1 1 
ATOM   546  C CD2 . PHE A 1 82  ? -1.915  -13.220 3.609   1.00 16.49 ? 413 PHE A CD2 1 
ATOM   547  C CE1 . PHE A 1 82  ? 0.123   -14.469 2.202   1.00 17.04 ? 413 PHE A CE1 1 
ATOM   548  C CE2 . PHE A 1 82  ? -1.743  -12.947 2.243   1.00 13.67 ? 413 PHE A CE2 1 
ATOM   549  C CZ  . PHE A 1 82  ? -0.722  -13.571 1.535   1.00 15.25 ? 413 PHE A CZ  1 
ATOM   550  N N   . ASN A 1 83  ? -0.516  -14.299 8.779   1.00 24.11 ? 414 ASN A N   1 
ATOM   551  C CA  . ASN A 1 83  ? -0.854  -14.616 10.163  1.00 26.46 ? 414 ASN A CA  1 
ATOM   552  C C   . ASN A 1 83  ? -0.825  -13.366 11.051  1.00 26.82 ? 414 ASN A C   1 
ATOM   553  O O   . ASN A 1 83  ? -1.656  -13.228 11.957  1.00 30.28 ? 414 ASN A O   1 
ATOM   554  C CB  . ASN A 1 83  ? 0.079   -15.703 10.733  1.00 30.70 ? 414 ASN A CB  1 
ATOM   555  C CG  . ASN A 1 83  ? -0.164  -17.096 10.114  1.00 34.44 ? 414 ASN A CG  1 
ATOM   556  O OD1 . ASN A 1 83  ? -1.195  -17.348 9.473   1.00 37.66 ? 414 ASN A OD1 1 
ATOM   557  N ND2 . ASN A 1 83  ? 0.789   -18.002 10.306  1.00 37.54 ? 414 ASN A ND2 1 
ATOM   558  N N   . ALA A 1 84  ? 0.139   -12.473 10.830  1.00 23.57 ? 415 ALA A N   1 
ATOM   559  C CA  . ALA A 1 84  ? 0.200   -11.237 11.604  1.00 20.69 ? 415 ALA A CA  1 
ATOM   560  C C   . ALA A 1 84  ? -1.027  -10.415 11.254  1.00 21.80 ? 415 ALA A C   1 
ATOM   561  O O   . ALA A 1 84  ? -1.668  -9.847  12.134  1.00 25.71 ? 415 ALA A O   1 
ATOM   562  C CB  . ALA A 1 84  ? 1.423   -10.450 11.269  1.00 17.70 ? 415 ALA A CB  1 
ATOM   563  N N   . LEU A 1 85  ? -1.375  -10.368 9.973   1.00 19.53 ? 416 LEU A N   1 
ATOM   564  C CA  . LEU A 1 85  ? -2.521  -9.591  9.553   1.00 19.20 ? 416 LEU A CA  1 
ATOM   565  C C   . LEU A 1 85  ? -3.829  -10.086 10.122  1.00 21.32 ? 416 LEU A C   1 
ATOM   566  O O   . LEU A 1 85  ? -4.785  -9.340  10.201  1.00 22.94 ? 416 LEU A O   1 
ATOM   567  C CB  . LEU A 1 85  ? -2.623  -9.585  8.046   1.00 18.40 ? 416 LEU A CB  1 
ATOM   568  C CG  . LEU A 1 85  ? -1.570  -8.739  7.366   1.00 17.94 ? 416 LEU A CG  1 
ATOM   569  C CD1 . LEU A 1 85  ? -1.690  -8.911  5.856   1.00 19.01 ? 416 LEU A CD1 1 
ATOM   570  C CD2 . LEU A 1 85  ? -1.794  -7.296  7.789   1.00 19.39 ? 416 LEU A CD2 1 
ATOM   571  N N   . ALA A 1 86  ? -3.886  -11.359 10.481  1.00 22.98 ? 417 ALA A N   1 
ATOM   572  C CA  . ALA A 1 86  ? -5.113  -11.944 11.026  1.00 24.39 ? 417 ALA A CA  1 
ATOM   573  C C   . ALA A 1 86  ? -5.445  -11.357 12.388  1.00 22.81 ? 417 ALA A C   1 
ATOM   574  O O   . ALA A 1 86  ? -6.569  -11.484 12.853  1.00 23.20 ? 417 ALA A O   1 
ATOM   575  C CB  . ALA A 1 86  ? -4.974  -13.470 11.136  1.00 22.55 ? 417 ALA A CB  1 
ATOM   576  N N   . SER A 1 87  ? -4.473  -10.705 13.010  1.00 20.57 ? 418 SER A N   1 
ATOM   577  C CA  . SER A 1 87  ? -4.671  -10.128 14.322  1.00 21.69 ? 418 SER A CA  1 
ATOM   578  C C   . SER A 1 87  ? -4.934  -8.638  14.322  1.00 20.01 ? 418 SER A C   1 
ATOM   579  O O   . SER A 1 87  ? -5.102  -8.048  15.370  1.00 23.00 ? 418 SER A O   1 
ATOM   580  C CB  . SER A 1 87  ? -3.469  -10.426 15.195  1.00 25.03 ? 418 SER A CB  1 
ATOM   581  O OG  . SER A 1 87  ? -3.119  -11.814 15.120  1.00 38.65 ? 418 SER A OG  1 
ATOM   582  N N   . VAL A 1 88  ? -4.997  -8.030  13.155  1.00 18.36 ? 419 VAL A N   1 
ATOM   583  C CA  . VAL A 1 88  ? -5.257  -6.600  13.047  1.00 20.13 ? 419 VAL A CA  1 
ATOM   584  C C   . VAL A 1 88  ? -6.765  -6.341  12.982  1.00 20.82 ? 419 VAL A C   1 
ATOM   585  O O   . VAL A 1 88  ? -7.490  -7.045  12.265  1.00 22.83 ? 419 VAL A O   1 
ATOM   586  C CB  . VAL A 1 88  ? -4.555  -6.037  11.757  1.00 18.67 ? 419 VAL A CB  1 
ATOM   587  C CG1 . VAL A 1 88  ? -4.985  -4.602  11.433  1.00 16.02 ? 419 VAL A CG1 1 
ATOM   588  C CG2 . VAL A 1 88  ? -3.059  -6.123  11.930  1.00 16.46 ? 419 VAL A CG2 1 
ATOM   589  N N   . LYS A 1 89  ? -7.255  -5.378  13.758  1.00 21.70 ? 420 LYS A N   1 
ATOM   590  C CA  . LYS A 1 89  ? -8.676  -5.065  13.693  1.00 22.65 ? 420 LYS A CA  1 
ATOM   591  C C   . LYS A 1 89  ? -8.765  -3.731  13.023  1.00 22.60 ? 420 LYS A C   1 
ATOM   592  O O   . LYS A 1 89  ? -7.907  -2.874  13.230  1.00 25.54 ? 420 LYS A O   1 
ATOM   593  C CB  . LYS A 1 89  ? -9.366  -5.079  15.061  1.00 23.30 ? 420 LYS A CB  1 
ATOM   594  C CG  . LYS A 1 89  ? -8.794  -4.216  16.129  1.00 29.16 ? 420 LYS A CG  1 
ATOM   595  C CD  . LYS A 1 89  ? -9.502  -4.494  17.467  1.00 36.46 ? 420 LYS A CD  1 
ATOM   596  C CE  . LYS A 1 89  ? -9.141  -5.896  18.024  1.00 42.62 ? 420 LYS A CE  1 
ATOM   597  N NZ  . LYS A 1 89  ? -9.882  -6.270  19.274  1.00 43.71 ? 420 LYS A NZ  1 
ATOM   598  N N   . TYR A 1 90  ? -9.746  -3.613  12.138  1.00 23.27 ? 421 TYR A N   1 
ATOM   599  C CA  . TYR A 1 90  ? -9.990  -2.425  11.333  1.00 24.27 ? 421 TYR A CA  1 
ATOM   600  C C   . TYR A 1 90  ? -9.858  -1.098  12.070  1.00 27.67 ? 421 TYR A C   1 
ATOM   601  O O   . TYR A 1 90  ? -9.169  -0.181  11.608  1.00 28.49 ? 421 TYR A O   1 
ATOM   602  C CB  . TYR A 1 90  ? -11.362 -2.573  10.660  1.00 25.79 ? 421 TYR A CB  1 
ATOM   603  C CG  . TYR A 1 90  ? -11.839 -1.380  9.865   1.00 26.07 ? 421 TYR A CG  1 
ATOM   604  C CD1 . TYR A 1 90  ? -11.580 -1.277  8.506   1.00 24.34 ? 421 TYR A CD1 1 
ATOM   605  C CD2 . TYR A 1 90  ? -12.583 -0.372  10.475  1.00 25.45 ? 421 TYR A CD2 1 
ATOM   606  C CE1 . TYR A 1 90  ? -12.048 -0.189  7.759   1.00 26.52 ? 421 TYR A CE1 1 
ATOM   607  C CE2 . TYR A 1 90  ? -13.059 0.711   9.744   1.00 28.07 ? 421 TYR A CE2 1 
ATOM   608  C CZ  . TYR A 1 90  ? -12.788 0.803   8.387   1.00 27.68 ? 421 TYR A CZ  1 
ATOM   609  O OH  . TYR A 1 90  ? -13.245 1.895   7.688   1.00 28.35 ? 421 TYR A OH  1 
ATOM   610  N N   . ASP A 1 91  ? -10.494 -1.004  13.230  1.00 28.46 ? 422 ASP A N   1 
ATOM   611  C CA  . ASP A 1 91  ? -10.434 0.213   14.010  1.00 30.28 ? 422 ASP A CA  1 
ATOM   612  C C   . ASP A 1 91  ? -9.011  0.711   14.214  1.00 30.63 ? 422 ASP A C   1 
ATOM   613  O O   . ASP A 1 91  ? -8.763  1.906   14.141  1.00 36.55 ? 422 ASP A O   1 
ATOM   614  C CB  . ASP A 1 91  ? -11.131 0.021   15.362  1.00 31.91 ? 422 ASP A CB  1 
ATOM   615  C CG  . ASP A 1 91  ? -12.671 0.067   15.269  1.00 37.00 ? 422 ASP A CG  1 
ATOM   616  O OD1 . ASP A 1 91  ? -13.255 0.443   14.214  1.00 36.43 ? 422 ASP A OD1 1 
ATOM   617  O OD2 . ASP A 1 91  ? -13.315 -0.264  16.291  1.00 43.42 ? 422 ASP A OD2 1 
ATOM   618  N N   . ASP A 1 92  ? -8.067  -0.208  14.356  1.00 30.73 ? 423 ASP A N   1 
ATOM   619  C CA  . ASP A 1 92  ? -6.657  0.116   14.600  1.00 31.37 ? 423 ASP A CA  1 
ATOM   620  C C   . ASP A 1 92  ? -5.949  0.953   13.551  1.00 30.99 ? 423 ASP A C   1 
ATOM   621  O O   . ASP A 1 92  ? -5.038  1.726   13.845  1.00 35.66 ? 423 ASP A O   1 
ATOM   622  C CB  . ASP A 1 92  ? -5.823  -1.164  14.745  1.00 31.49 ? 423 ASP A CB  1 
ATOM   623  C CG  . ASP A 1 92  ? -6.223  -2.015  15.934  1.00 33.36 ? 423 ASP A CG  1 
ATOM   624  O OD1 . ASP A 1 92  ? -6.861  -1.494  16.889  1.00 30.24 ? 423 ASP A OD1 1 
ATOM   625  O OD2 . ASP A 1 92  ? -5.872  -3.222  15.889  1.00 34.51 ? 423 ASP A OD2 1 
ATOM   626  N N   . TRP A 1 93  ? -6.283  0.743   12.304  1.00 28.63 ? 424 TRP A N   1 
ATOM   627  C CA  . TRP A 1 93  ? -5.576  1.487   11.294  1.00 27.79 ? 424 TRP A CA  1 
ATOM   628  C C   . TRP A 1 93  ? -6.460  2.411   10.512  1.00 27.97 ? 424 TRP A C   1 
ATOM   629  O O   . TRP A 1 93  ? -5.979  3.418   9.986   1.00 28.03 ? 424 TRP A O   1 
ATOM   630  C CB  . TRP A 1 93  ? -4.885  0.525   10.336  1.00 25.48 ? 424 TRP A CB  1 
ATOM   631  C CG  . TRP A 1 93  ? -5.834  -0.452  9.656   1.00 22.95 ? 424 TRP A CG  1 
ATOM   632  C CD1 . TRP A 1 93  ? -6.178  -1.716  10.080  1.00 20.21 ? 424 TRP A CD1 1 
ATOM   633  C CD2 . TRP A 1 93  ? -6.523  -0.242  8.421   1.00 22.47 ? 424 TRP A CD2 1 
ATOM   634  N NE1 . TRP A 1 93  ? -7.027  -2.298  9.177   1.00 22.55 ? 424 TRP A NE1 1 
ATOM   635  C CE2 . TRP A 1 93  ? -7.262  -1.422  8.152   1.00 21.92 ? 424 TRP A CE2 1 
ATOM   636  C CE3 . TRP A 1 93  ? -6.587  0.831   7.512   1.00 20.16 ? 424 TRP A CE3 1 
ATOM   637  C CZ2 . TRP A 1 93  ? -8.054  -1.557  7.024   1.00 22.80 ? 424 TRP A CZ2 1 
ATOM   638  C CZ3 . TRP A 1 93  ? -7.372  0.705   6.386   1.00 19.75 ? 424 TRP A CZ3 1 
ATOM   639  C CH2 . TRP A 1 93  ? -8.101  -0.485  6.148   1.00 26.11 ? 424 TRP A CH2 1 
ATOM   640  N N   . ALA A 1 94  ? -7.739  2.050   10.425  1.00 26.47 ? 425 ALA A N   1 
ATOM   641  C CA  . ALA A 1 94  ? -8.709  2.814   9.679   1.00 27.50 ? 425 ALA A CA  1 
ATOM   642  C C   . ALA A 1 94  ? -8.793  4.205   10.263  1.00 30.32 ? 425 ALA A C   1 
ATOM   643  O O   . ALA A 1 94  ? -9.164  5.147   9.571   1.00 30.31 ? 425 ALA A O   1 
ATOM   644  C CB  . ALA A 1 94  ? -10.021 2.155   9.741   1.00 27.68 ? 425 ALA A CB  1 
ATOM   645  N N   . LYS A 1 95  ? -8.390  4.335   11.525  1.00 32.48 ? 426 LYS A N   1 
ATOM   646  C CA  . LYS A 1 95  ? -8.398  5.615   12.222  1.00 33.82 ? 426 LYS A CA  1 
ATOM   647  C C   . LYS A 1 95  ? -7.622  6.703   11.477  1.00 35.52 ? 426 LYS A C   1 
ATOM   648  O O   . LYS A 1 95  ? -7.919  7.875   11.633  1.00 40.46 ? 426 LYS A O   1 
ATOM   649  C CB  . LYS A 1 95  ? -7.790  5.461   13.628  1.00 36.81 ? 426 LYS A CB  1 
ATOM   650  C CG  . LYS A 1 95  ? -6.260  5.335   13.628  1.00 42.78 ? 426 LYS A CG  1 
ATOM   651  C CD  . LYS A 1 95  ? -5.652  4.970   14.991  1.00 46.97 ? 426 LYS A CD  1 
ATOM   652  C CE  . LYS A 1 95  ? -5.749  6.108   16.008  1.00 50.95 ? 426 LYS A CE  1 
ATOM   653  N NZ  . LYS A 1 95  ? -5.063  5.818   17.321  1.00 50.92 ? 426 LYS A NZ  1 
ATOM   654  N N   . HIS A 1 96  ? -6.637  6.324   10.667  1.00 33.59 ? 427 HIS A N   1 
ATOM   655  C CA  . HIS A 1 96  ? -5.800  7.301   9.963   1.00 30.62 ? 427 HIS A CA  1 
ATOM   656  C C   . HIS A 1 96  ? -6.310  7.740   8.592   1.00 29.82 ? 427 HIS A C   1 
ATOM   657  O O   . HIS A 1 96  ? -5.794  8.666   7.996   1.00 28.05 ? 427 HIS A O   1 
ATOM   658  C CB  . HIS A 1 96  ? -4.377  6.752   9.797   1.00 29.25 ? 427 HIS A CB  1 
ATOM   659  C CG  . HIS A 1 96  ? -3.697  6.346   11.077  1.00 28.95 ? 427 HIS A CG  1 
ATOM   660  N ND1 . HIS A 1 96  ? -3.601  5.029   11.485  1.00 31.78 ? 427 HIS A ND1 1 
ATOM   661  C CD2 . HIS A 1 96  ? -2.999  7.068   11.988  1.00 28.68 ? 427 HIS A CD2 1 
ATOM   662  C CE1 . HIS A 1 96  ? -2.868  4.958   12.586  1.00 30.93 ? 427 HIS A CE1 1 
ATOM   663  N NE2 . HIS A 1 96  ? -2.491  6.182   12.912  1.00 29.93 ? 427 HIS A NE2 1 
ATOM   664  N N   . LEU A 1 97  ? -7.324  7.068   8.083   1.00 32.37 ? 428 LEU A N   1 
ATOM   665  C CA  . LEU A 1 97  ? -7.872  7.380   6.769   1.00 32.69 ? 428 LEU A CA  1 
ATOM   666  C C   . LEU A 1 97  ? -8.089  8.854   6.449   1.00 33.89 ? 428 LEU A C   1 
ATOM   667  O O   . LEU A 1 97  ? -7.546  9.362   5.483   1.00 33.19 ? 428 LEU A O   1 
ATOM   668  C CB  . LEU A 1 97  ? -9.215  6.692   6.591   1.00 32.57 ? 428 LEU A CB  1 
ATOM   669  C CG  . LEU A 1 97  ? -9.398  5.620   5.538   1.00 33.88 ? 428 LEU A CG  1 
ATOM   670  C CD1 . LEU A 1 97  ? -8.489  5.842   4.335   1.00 31.66 ? 428 LEU A CD1 1 
ATOM   671  C CD2 . LEU A 1 97  ? -9.143  4.305   6.226   1.00 35.75 ? 428 LEU A CD2 1 
ATOM   672  N N   . ASP A 1 98  ? -8.934  9.532   7.221   1.00 37.39 ? 429 ASP A N   1 
ATOM   673  C CA  . ASP A 1 98  ? -9.247  10.942  6.944   1.00 40.15 ? 429 ASP A CA  1 
ATOM   674  C C   . ASP A 1 98  ? -8.008  11.829  6.841   1.00 38.03 ? 429 ASP A C   1 
ATOM   675  O O   . ASP A 1 98  ? -7.913  12.653  5.947   1.00 38.05 ? 429 ASP A O   1 
ATOM   676  C CB  . ASP A 1 98  ? -10.256 11.506  7.971   1.00 46.66 ? 429 ASP A CB  1 
ATOM   677  C CG  . ASP A 1 98  ? -10.721 12.931  7.630   1.00 52.76 ? 429 ASP A CG  1 
ATOM   678  O OD1 . ASP A 1 98  ? -10.686 13.810  8.532   1.00 56.33 ? 429 ASP A OD1 1 
ATOM   679  O OD2 . ASP A 1 98  ? -11.114 13.164  6.457   1.00 56.41 ? 429 ASP A OD2 1 
ATOM   680  N N   . GLN A 1 99  ? -7.062  11.622  7.742   1.00 36.24 ? 430 GLN A N   1 
ATOM   681  C CA  . GLN A 1 99  ? -5.819  12.367  7.770   1.00 38.74 ? 430 GLN A CA  1 
ATOM   682  C C   . GLN A 1 99  ? -5.118  12.299  6.418   1.00 38.25 ? 430 GLN A C   1 
ATOM   683  O O   . GLN A 1 99  ? -4.754  13.328  5.840   1.00 39.70 ? 430 GLN A O   1 
ATOM   684  C CB  . GLN A 1 99  ? -4.962  11.776  8.881   1.00 43.81 ? 430 GLN A CB  1 
ATOM   685  C CG  . GLN A 1 99  ? -3.454  11.924  8.817   1.00 51.85 ? 430 GLN A CG  1 
ATOM   686  C CD  . GLN A 1 99  ? -2.777  11.134  9.962   1.00 58.96 ? 430 GLN A CD  1 
ATOM   687  O OE1 . GLN A 1 99  ? -3.412  10.797  10.977  1.00 61.22 ? 430 GLN A OE1 1 
ATOM   688  N NE2 . GLN A 1 99  ? -1.497  10.821  9.791   1.00 64.04 ? 430 GLN A NE2 1 
ATOM   689  N N   . PHE A 1 100 ? -4.978  11.095  5.880   1.00 37.60 ? 431 PHE A N   1 
ATOM   690  C CA  . PHE A 1 100 ? -4.325  10.937  4.583   1.00 37.31 ? 431 PHE A CA  1 
ATOM   691  C C   . PHE A 1 100 ? -5.147  11.535  3.460   1.00 36.86 ? 431 PHE A C   1 
ATOM   692  O O   . PHE A 1 100 ? -4.604  12.144  2.547   1.00 37.42 ? 431 PHE A O   1 
ATOM   693  C CB  . PHE A 1 100 ? -3.988  9.469   4.312   1.00 33.11 ? 431 PHE A CB  1 
ATOM   694  C CG  . PHE A 1 100 ? -2.879  8.967   5.164   1.00 34.56 ? 431 PHE A CG  1 
ATOM   695  C CD1 . PHE A 1 100 ? -3.086  7.934   6.078   1.00 35.54 ? 431 PHE A CD1 1 
ATOM   696  C CD2 . PHE A 1 100 ? -1.624  9.572   5.109   1.00 35.44 ? 431 PHE A CD2 1 
ATOM   697  C CE1 . PHE A 1 100 ? -2.050  7.506   6.945   1.00 34.13 ? 431 PHE A CE1 1 
ATOM   698  C CE2 . PHE A 1 100 ? -0.582  9.156   5.967   1.00 36.82 ? 431 PHE A CE2 1 
ATOM   699  C CZ  . PHE A 1 100 ? -0.802  8.119   6.890   1.00 36.29 ? 431 PHE A CZ  1 
ATOM   700  N N   . ALA A 1 101 ? -6.460  11.380  3.539   1.00 37.04 ? 432 ALA A N   1 
ATOM   701  C CA  . ALA A 1 101 ? -7.329  11.934  2.525   1.00 38.29 ? 432 ALA A CA  1 
ATOM   702  C C   . ALA A 1 101 ? -7.090  13.452  2.479   1.00 40.36 ? 432 ALA A C   1 
ATOM   703  O O   . ALA A 1 101 ? -6.949  14.040  1.393   1.00 40.54 ? 432 ALA A O   1 
ATOM   704  C CB  . ALA A 1 101 ? -8.779  11.626  2.859   1.00 38.02 ? 432 ALA A CB  1 
ATOM   705  N N   . LYS A 1 102 ? -6.976  14.056  3.662   1.00 39.95 ? 433 LYS A N   1 
ATOM   706  C CA  . LYS A 1 102 ? -6.758  15.483  3.785   1.00 39.75 ? 433 LYS A CA  1 
ATOM   707  C C   . LYS A 1 102 ? -5.411  15.860  3.235   1.00 38.31 ? 433 LYS A C   1 
ATOM   708  O O   . LYS A 1 102 ? -5.322  16.782  2.432   1.00 41.10 ? 433 LYS A O   1 
ATOM   709  C CB  . LYS A 1 102 ? -6.871  15.951  5.234   1.00 42.04 ? 433 LYS A CB  1 
ATOM   710  C CG  . LYS A 1 102 ? -8.160  16.672  5.547   1.00 43.67 ? 433 LYS A CG  1 
ATOM   711  C CD  . LYS A 1 102 ? -9.337  15.751  5.753   1.00 48.30 ? 433 LYS A CD  1 
ATOM   712  C CE  . LYS A 1 102 ? -10.588 16.590  6.007   1.00 52.87 ? 433 LYS A CE  1 
ATOM   713  N NZ  . LYS A 1 102 ? -11.782 15.847  6.541   1.00 57.31 ? 433 LYS A NZ  1 
ATOM   714  N N   . TYR A 1 103 ? -4.367  15.144  3.617   1.00 36.87 ? 434 TYR A N   1 
ATOM   715  C CA  . TYR A 1 103 ? -3.051  15.476  3.100   1.00 38.67 ? 434 TYR A CA  1 
ATOM   716  C C   . TYR A 1 103 ? -2.910  15.311  1.591   1.00 39.56 ? 434 TYR A C   1 
ATOM   717  O O   . TYR A 1 103 ? -2.152  16.031  0.961   1.00 42.74 ? 434 TYR A O   1 
ATOM   718  C CB  . TYR A 1 103 ? -1.975  14.688  3.813   1.00 42.11 ? 434 TYR A CB  1 
ATOM   719  C CG  . TYR A 1 103 ? -0.675  14.588  3.043   1.00 48.65 ? 434 TYR A CG  1 
ATOM   720  C CD1 . TYR A 1 103 ? 0.438   15.373  3.381   1.00 50.53 ? 434 TYR A CD1 1 
ATOM   721  C CD2 . TYR A 1 103 ? -0.522  13.630  2.024   1.00 51.37 ? 434 TYR A CD2 1 
ATOM   722  C CE1 . TYR A 1 103 ? 1.683   15.189  2.727   1.00 52.56 ? 434 TYR A CE1 1 
ATOM   723  C CE2 . TYR A 1 103 ? 0.704   13.442  1.371   1.00 52.79 ? 434 TYR A CE2 1 
ATOM   724  C CZ  . TYR A 1 103 ? 1.800   14.214  1.727   1.00 53.01 ? 434 TYR A CZ  1 
ATOM   725  O OH  . TYR A 1 103 ? 3.002   13.954  1.102   1.00 56.64 ? 434 TYR A OH  1 
ATOM   726  N N   . LEU A 1 104 ? -3.606  14.343  1.013   1.00 41.68 ? 435 LEU A N   1 
ATOM   727  C CA  . LEU A 1 104 ? -3.547  14.104  -0.428  1.00 42.41 ? 435 LEU A CA  1 
ATOM   728  C C   . LEU A 1 104 ? -4.555  14.954  -1.200  1.00 45.18 ? 435 LEU A C   1 
ATOM   729  O O   . LEU A 1 104 ? -4.619  14.903  -2.443  1.00 44.09 ? 435 LEU A O   1 
ATOM   730  C CB  . LEU A 1 104 ? -3.804  12.624  -0.731  1.00 40.50 ? 435 LEU A CB  1 
ATOM   731  C CG  . LEU A 1 104 ? -2.777  11.620  -0.205  1.00 39.45 ? 435 LEU A CG  1 
ATOM   732  C CD1 . LEU A 1 104 ? -3.267  10.203  -0.492  1.00 39.42 ? 435 LEU A CD1 1 
ATOM   733  C CD2 . LEU A 1 104 ? -1.421  11.861  -0.850  1.00 37.37 ? 435 LEU A CD2 1 
ATOM   734  N N   . LYS A 1 105 ? -5.368  15.704  -0.462  1.00 48.98 ? 436 LYS A N   1 
ATOM   735  C CA  . LYS A 1 105 ? -6.378  16.560  -1.066  1.00 52.03 ? 436 LYS A CA  1 
ATOM   736  C C   . LYS A 1 105 ? -7.396  15.749  -1.842  1.00 51.26 ? 436 LYS A C   1 
ATOM   737  O O   . LYS A 1 105 ? -7.906  16.224  -2.847  1.00 51.88 ? 436 LYS A O   1 
ATOM   738  C CB  . LYS A 1 105 ? -5.719  17.581  -2.016  1.00 56.38 ? 436 LYS A CB  1 
ATOM   739  C CG  . LYS A 1 105 ? -5.445  18.963  -1.410  1.00 60.69 ? 436 LYS A CG  1 
ATOM   740  C CD  . LYS A 1 105 ? -6.741  19.787  -1.279  1.00 63.75 ? 436 LYS A CD  1 
ATOM   741  C CE  . LYS A 1 105 ? -7.439  20.019  -2.638  1.00 65.94 ? 436 LYS A CE  1 
ATOM   742  N NZ  . LYS A 1 105 ? -6.573  20.761  -3.622  1.00 67.10 ? 436 LYS A NZ  1 
ATOM   743  N N   . ILE A 1 106 ? -7.672  14.517  -1.434  1.00 52.63 ? 437 ILE A N   1 
ATOM   744  C CA  . ILE A 1 106 ? -8.661  13.760  -2.192  1.00 55.73 ? 437 ILE A CA  1 
ATOM   745  C C   . ILE A 1 106 ? -9.935  14.577  -2.074  1.00 59.30 ? 437 ILE A C   1 
ATOM   746  O O   . ILE A 1 106 ? -10.401 14.883  -0.971  1.00 60.90 ? 437 ILE A O   1 
ATOM   747  C CB  . ILE A 1 106 ? -8.938  12.346  -1.644  1.00 52.22 ? 437 ILE A CB  1 
ATOM   748  C CG1 . ILE A 1 106 ? -7.646  11.545  -1.536  1.00 51.25 ? 437 ILE A CG1 1 
ATOM   749  C CG2 . ILE A 1 106 ? -9.899  11.611  -2.575  1.00 48.37 ? 437 ILE A CG2 1 
ATOM   750  C CD1 . ILE A 1 106 ? -7.848  10.155  -0.928  1.00 49.42 ? 437 ILE A CD1 1 
ATOM   751  N N   . THR A 1 107 ? -10.444 15.010  -3.214  1.00 62.46 ? 438 THR A N   1 
ATOM   752  C CA  . THR A 1 107 ? -11.657 15.801  -3.219  1.00 67.00 ? 438 THR A CA  1 
ATOM   753  C C   . THR A 1 107 ? -12.881 14.951  -3.576  1.00 67.43 ? 438 THR A C   1 
ATOM   754  O O   . THR A 1 107 ? -13.974 15.142  -3.012  1.00 69.78 ? 438 THR A O   1 
ATOM   755  C CB  . THR A 1 107 ? -11.498 17.019  -4.167  1.00 70.23 ? 438 THR A CB  1 
ATOM   756  O OG1 . THR A 1 107 ? -10.960 16.586  -5.429  1.00 72.25 ? 438 THR A OG1 1 
ATOM   757  C CG2 . THR A 1 107 ? -10.558 18.077  -3.531  1.00 71.63 ? 438 THR A CG2 1 
ATOM   758  N N   . GLY A 1 108 ? -12.683 13.988  -4.477  1.00 66.14 ? 439 GLY A N   1 
ATOM   759  C CA  . GLY A 1 108 ? -13.773 13.122  -4.881  1.00 63.47 ? 439 GLY A CA  1 
ATOM   760  C C   . GLY A 1 108 ? -14.327 12.327  -3.713  1.00 61.82 ? 439 GLY A C   1 
ATOM   761  O O   . GLY A 1 108 ? -13.954 12.541  -2.552  1.00 59.35 ? 439 GLY A O   1 
ATOM   762  N N   . HIS A 1 109 ? -15.232 11.403  -4.018  1.00 62.49 ? 440 HIS A N   1 
ATOM   763  C CA  . HIS A 1 109 ? -15.833 10.579  -2.978  1.00 61.65 ? 440 HIS A CA  1 
ATOM   764  C C   . HIS A 1 109 ? -14.806 9.637   -2.371  1.00 60.49 ? 440 HIS A C   1 
ATOM   765  O O   . HIS A 1 109 ? -13.872 9.205   -3.050  1.00 62.97 ? 440 HIS A O   1 
ATOM   766  C CB  . HIS A 1 109 ? -17.012 9.781   -3.511  1.00 61.75 ? 440 HIS A CB  1 
ATOM   767  C CG  . HIS A 1 109 ? -17.680 8.947   -2.465  1.00 63.44 ? 440 HIS A CG  1 
ATOM   768  N ND1 . HIS A 1 109 ? -17.362 7.621   -2.256  1.00 64.72 ? 440 HIS A ND1 1 
ATOM   769  C CD2 . HIS A 1 109 ? -18.597 9.269   -1.522  1.00 63.59 ? 440 HIS A CD2 1 
ATOM   770  C CE1 . HIS A 1 109 ? -18.051 7.162   -1.228  1.00 63.80 ? 440 HIS A CE1 1 
ATOM   771  N NE2 . HIS A 1 109 ? -18.807 8.142   -0.765  1.00 64.72 ? 440 HIS A NE2 1 
ATOM   772  N N   . VAL A 1 110 ? -15.056 9.237   -1.129  1.00 58.31 ? 441 VAL A N   1 
ATOM   773  C CA  . VAL A 1 110 ? -14.153 8.369   -0.375  1.00 55.04 ? 441 VAL A CA  1 
ATOM   774  C C   . VAL A 1 110 ? -14.834 7.117   0.215   1.00 52.49 ? 441 VAL A C   1 
ATOM   775  O O   . VAL A 1 110 ? -15.739 7.250   1.020   1.00 53.69 ? 441 VAL A O   1 
ATOM   776  C CB  . VAL A 1 110 ? -13.524 9.208   0.783   1.00 55.26 ? 441 VAL A CB  1 
ATOM   777  C CG1 . VAL A 1 110 ? -12.091 9.622   0.440   1.00 53.13 ? 441 VAL A CG1 1 
ATOM   778  C CG2 . VAL A 1 110 ? -14.395 10.487  1.052   1.00 54.05 ? 441 VAL A CG2 1 
ATOM   779  N N   . SER A 1 111 ? -14.477 5.919   -0.236  1.00 51.61 ? 442 SER A N   1 
ATOM   780  C CA  . SER A 1 111 ? -15.062 4.699   0.338   1.00 52.46 ? 442 SER A CA  1 
ATOM   781  C C   . SER A 1 111 ? -14.331 4.414   1.662   1.00 54.76 ? 442 SER A C   1 
ATOM   782  O O   . SER A 1 111 ? -13.317 3.694   1.711   1.00 54.50 ? 442 SER A O   1 
ATOM   783  C CB  . SER A 1 111 ? -14.925 3.498   -0.603  1.00 50.94 ? 442 SER A CB  1 
ATOM   784  O OG  . SER A 1 111 ? -15.834 3.571   -1.686  1.00 52.73 ? 442 SER A OG  1 
ATOM   785  N N   . PHE A 1 112 ? -14.858 5.001   2.733   1.00 56.81 ? 443 PHE A N   1 
ATOM   786  C CA  . PHE A 1 112 ? -14.302 4.877   4.089   1.00 56.77 ? 443 PHE A CA  1 
ATOM   787  C C   . PHE A 1 112 ? -14.368 3.503   4.743   1.00 56.12 ? 443 PHE A C   1 
ATOM   788  O O   . PHE A 1 112 ? -13.412 3.096   5.417   1.00 59.83 ? 443 PHE A O   1 
ATOM   789  C CB  . PHE A 1 112 ? -15.013 5.833   5.050   1.00 57.48 ? 443 PHE A CB  1 
ATOM   790  C CG  . PHE A 1 112 ? -14.670 7.262   4.851   1.00 58.52 ? 443 PHE A CG  1 
ATOM   791  C CD1 . PHE A 1 112 ? -15.455 8.065   4.024   1.00 58.63 ? 443 PHE A CD1 1 
ATOM   792  C CD2 . PHE A 1 112 ? -13.580 7.820   5.515   1.00 58.61 ? 443 PHE A CD2 1 
ATOM   793  C CE1 . PHE A 1 112 ? -15.164 9.413   3.857   1.00 61.46 ? 443 PHE A CE1 1 
ATOM   794  C CE2 . PHE A 1 112 ? -13.267 9.171   5.362   1.00 60.64 ? 443 PHE A CE2 1 
ATOM   795  C CZ  . PHE A 1 112 ? -14.062 9.977   4.528   1.00 61.93 ? 443 PHE A CZ  1 
ATOM   796  N N   . GLY A 1 113 ? -15.505 2.817   4.591   1.00 51.18 ? 444 GLY A N   1 
ATOM   797  C CA  . GLY A 1 113 ? -15.674 1.529   5.245   1.00 43.95 ? 444 GLY A CA  1 
ATOM   798  C C   . GLY A 1 113 ? -15.178 0.248   4.623   1.00 40.36 ? 444 GLY A C   1 
ATOM   799  O O   . GLY A 1 113 ? -15.710 -0.806  4.944   1.00 40.60 ? 444 GLY A O   1 
ATOM   800  N N   . TYR A 1 114 ? -14.167 0.315   3.758   1.00 37.92 ? 445 TYR A N   1 
ATOM   801  C CA  . TYR A 1 114 ? -13.612 -0.867  3.095   1.00 30.87 ? 445 TYR A CA  1 
ATOM   802  C C   . TYR A 1 114 ? -12.434 -1.426  3.891   1.00 29.62 ? 445 TYR A C   1 
ATOM   803  O O   . TYR A 1 114 ? -11.478 -0.722  4.225   1.00 28.48 ? 445 TYR A O   1 
ATOM   804  C CB  . TYR A 1 114 ? -13.200 -0.529  1.651   1.00 30.26 ? 445 TYR A CB  1 
ATOM   805  C CG  . TYR A 1 114 ? -12.451 -1.622  0.900   1.00 29.22 ? 445 TYR A CG  1 
ATOM   806  C CD1 . TYR A 1 114 ? -12.883 -2.954  0.936   1.00 27.94 ? 445 TYR A CD1 1 
ATOM   807  C CD2 . TYR A 1 114 ? -11.292 -1.325  0.163   1.00 27.78 ? 445 TYR A CD2 1 
ATOM   808  C CE1 . TYR A 1 114 ? -12.184 -3.955  0.267   1.00 27.14 ? 445 TYR A CE1 1 
ATOM   809  C CE2 . TYR A 1 114 ? -10.585 -2.329  -0.513  1.00 25.70 ? 445 TYR A CE2 1 
ATOM   810  C CZ  . TYR A 1 114 ? -11.041 -3.641  -0.451  1.00 27.56 ? 445 TYR A CZ  1 
ATOM   811  O OH  . TYR A 1 114 ? -10.363 -4.653  -1.102  1.00 28.95 ? 445 TYR A OH  1 
ATOM   812  N N   . ASP A 1 115 ? -12.554 -2.695  4.246   1.00 29.64 ? 446 ASP A N   1 
ATOM   813  C CA  . ASP A 1 115 ? -11.530 -3.378  4.999   1.00 28.88 ? 446 ASP A CA  1 
ATOM   814  C C   . ASP A 1 115 ? -10.670 -4.236  4.083   1.00 26.11 ? 446 ASP A C   1 
ATOM   815  O O   . ASP A 1 115 ? -10.959 -5.416  3.896   1.00 23.88 ? 446 ASP A O   1 
ATOM   816  C CB  . ASP A 1 115 ? -12.172 -4.265  6.052   1.00 29.66 ? 446 ASP A CB  1 
ATOM   817  C CG  . ASP A 1 115 ? -11.160 -4.947  6.917   1.00 30.24 ? 446 ASP A CG  1 
ATOM   818  O OD1 . ASP A 1 115 ? -11.559 -5.851  7.658   1.00 31.64 ? 446 ASP A OD1 1 
ATOM   819  O OD2 . ASP A 1 115 ? -9.966  -4.577  6.880   1.00 34.66 ? 446 ASP A OD2 1 
ATOM   820  N N   . VAL A 1 116 ? -9.608  -3.641  3.549   1.00 23.22 ? 447 VAL A N   1 
ATOM   821  C CA  . VAL A 1 116 ? -8.685  -4.337  2.660   1.00 22.70 ? 447 VAL A CA  1 
ATOM   822  C C   . VAL A 1 116 ? -8.136  -5.608  3.269   1.00 22.88 ? 447 VAL A C   1 
ATOM   823  O O   . VAL A 1 116 ? -7.960  -6.586  2.566   1.00 24.17 ? 447 VAL A O   1 
ATOM   824  C CB  . VAL A 1 116 ? -7.390  -3.568  2.395   1.00 22.63 ? 447 VAL A CB  1 
ATOM   825  C CG1 . VAL A 1 116 ? -7.070  -3.586  0.923   1.00 23.21 ? 447 VAL A CG1 1 
ATOM   826  C CG2 . VAL A 1 116 ? -7.409  -2.213  3.005   1.00 21.90 ? 447 VAL A CG2 1 
ATOM   827  N N   . VAL A 1 117 ? -7.783  -5.556  4.553   1.00 20.54 ? 448 VAL A N   1 
ATOM   828  C CA  . VAL A 1 117 ? -7.190  -6.693  5.224   1.00 19.47 ? 448 VAL A CA  1 
ATOM   829  C C   . VAL A 1 117 ? -7.901  -8.013  5.078   1.00 23.25 ? 448 VAL A C   1 
ATOM   830  O O   . VAL A 1 117 ? -7.238  -9.045  4.989   1.00 26.75 ? 448 VAL A O   1 
ATOM   831  C CB  . VAL A 1 117 ? -6.938  -6.417  6.697   1.00 17.52 ? 448 VAL A CB  1 
ATOM   832  C CG1 . VAL A 1 117 ? -6.233  -7.611  7.349   1.00 15.08 ? 448 VAL A CG1 1 
ATOM   833  C CG2 . VAL A 1 117 ? -6.100  -5.169  6.836   1.00 16.66 ? 448 VAL A CG2 1 
ATOM   834  N N   . SER A 1 118 ? -9.232  -8.005  5.036   1.00 24.60 ? 449 SER A N   1 
ATOM   835  C CA  . SER A 1 118 ? -9.979  -9.253  4.897   1.00 26.52 ? 449 SER A CA  1 
ATOM   836  C C   . SER A 1 118 ? -9.766  -9.786  3.502   1.00 25.63 ? 449 SER A C   1 
ATOM   837  O O   . SER A 1 118 ? -9.707  -10.983 3.290   1.00 28.17 ? 449 SER A O   1 
ATOM   838  C CB  . SER A 1 118 ? -11.456 -9.024  5.131   1.00 29.13 ? 449 SER A CB  1 
ATOM   839  O OG  . SER A 1 118 ? -11.914 -8.037  4.227   1.00 42.38 ? 449 SER A OG  1 
ATOM   840  N N   . ASP A 1 119 ? -9.597  -8.880  2.556   1.00 25.76 ? 450 ASP A N   1 
ATOM   841  C CA  . ASP A 1 119 ? -9.351  -9.245  1.171   1.00 27.18 ? 450 ASP A CA  1 
ATOM   842  C C   . ASP A 1 119 ? -7.962  -9.849  0.949   1.00 26.27 ? 450 ASP A C   1 
ATOM   843  O O   . ASP A 1 119 ? -7.791  -10.797 0.197   1.00 27.45 ? 450 ASP A O   1 
ATOM   844  C CB  . ASP A 1 119 ? -9.512  -8.013  0.280   1.00 31.05 ? 450 ASP A CB  1 
ATOM   845  C CG  . ASP A 1 119 ? -10.932 -7.809  -0.190  1.00 32.81 ? 450 ASP A CG  1 
ATOM   846  O OD1 . ASP A 1 119 ? -11.117 -7.077  -1.180  1.00 37.35 ? 450 ASP A OD1 1 
ATOM   847  O OD2 . ASP A 1 119 ? -11.864 -8.387  0.404   1.00 36.75 ? 450 ASP A OD2 1 
ATOM   848  N N   . ILE A 1 120 ? -6.959  -9.237  1.545   1.00 23.35 ? 451 ILE A N   1 
ATOM   849  C CA  . ILE A 1 120 ? -5.608  -9.713  1.424   1.00 20.59 ? 451 ILE A CA  1 
ATOM   850  C C   . ILE A 1 120 ? -5.515  -11.067 2.074   1.00 20.33 ? 451 ILE A C   1 
ATOM   851  O O   . ILE A 1 120 ? -4.833  -11.925 1.566   1.00 22.46 ? 451 ILE A O   1 
ATOM   852  C CB  . ILE A 1 120 ? -4.646  -8.733  2.100   1.00 19.08 ? 451 ILE A CB  1 
ATOM   853  C CG1 . ILE A 1 120 ? -4.534  -7.483  1.227   1.00 20.37 ? 451 ILE A CG1 1 
ATOM   854  C CG2 . ILE A 1 120 ? -3.299  -9.359  2.319   1.00 18.86 ? 451 ILE A CG2 1 
ATOM   855  C CD1 . ILE A 1 120 ? -3.803  -6.323  1.857   1.00 17.47 ? 451 ILE A CD1 1 
ATOM   856  N N   . LEU A 1 121 ? -6.215  -11.260 3.186   1.00 22.18 ? 452 LEU A N   1 
ATOM   857  C CA  . LEU A 1 121 ? -6.210  -12.540 3.894   1.00 23.08 ? 452 LEU A CA  1 
ATOM   858  C C   . LEU A 1 121 ? -6.690  -13.677 2.985   1.00 25.95 ? 452 LEU A C   1 
ATOM   859  O O   . LEU A 1 121 ? -6.091  -14.775 2.943   1.00 26.09 ? 452 LEU A O   1 
ATOM   860  C CB  . LEU A 1 121 ? -7.058  -12.466 5.157   1.00 18.94 ? 452 LEU A CB  1 
ATOM   861  C CG  . LEU A 1 121 ? -6.369  -11.656 6.257   1.00 20.43 ? 452 LEU A CG  1 
ATOM   862  C CD1 . LEU A 1 121 ? -7.328  -11.336 7.363   1.00 19.84 ? 452 LEU A CD1 1 
ATOM   863  C CD2 . LEU A 1 121 ? -5.162  -12.383 6.786   1.00 20.65 ? 452 LEU A CD2 1 
ATOM   864  N N   . LYS A 1 122 ? -7.737  -13.427 2.216   1.00 25.26 ? 453 LYS A N   1 
ATOM   865  C CA  . LYS A 1 122 ? -8.195  -14.465 1.308   1.00 25.85 ? 453 LYS A CA  1 
ATOM   866  C C   . LYS A 1 122 ? -7.061  -14.971 0.385   1.00 26.83 ? 453 LYS A C   1 
ATOM   867  O O   . LYS A 1 122 ? -7.023  -16.149 0.060   1.00 30.09 ? 453 LYS A O   1 
ATOM   868  C CB  . LYS A 1 122 ? -9.353  -13.951 0.469   1.00 26.18 ? 453 LYS A CB  1 
ATOM   869  C CG  . LYS A 1 122 ? -10.583 -13.641 1.277   1.00 33.81 ? 453 LYS A CG  1 
ATOM   870  C CD  . LYS A 1 122 ? -11.609 -12.906 0.427   1.00 39.40 ? 453 LYS A CD  1 
ATOM   871  C CE  . LYS A 1 122 ? -12.815 -12.453 1.263   1.00 43.75 ? 453 LYS A CE  1 
ATOM   872  N NZ  . LYS A 1 122 ? -13.720 -11.544 0.469   1.00 48.04 ? 453 LYS A NZ  1 
ATOM   873  N N   . ILE A 1 123 ? -6.106  -14.107 0.025   1.00 26.40 ? 454 ILE A N   1 
ATOM   874  C CA  . ILE A 1 123 ? -5.003  -14.465 -0.869  1.00 23.22 ? 454 ILE A CA  1 
ATOM   875  C C   . ILE A 1 123 ? -4.109  -15.549 -0.318  1.00 25.83 ? 454 ILE A C   1 
ATOM   876  O O   . ILE A 1 123 ? -3.512  -16.302 -1.088  1.00 25.32 ? 454 ILE A O   1 
ATOM   877  C CB  . ILE A 1 123 ? -4.126  -13.248 -1.220  1.00 23.02 ? 454 ILE A CB  1 
ATOM   878  C CG1 . ILE A 1 123 ? -4.986  -12.118 -1.813  1.00 25.95 ? 454 ILE A CG1 1 
ATOM   879  C CG2 . ILE A 1 123 ? -3.085  -13.626 -2.276  1.00 22.44 ? 454 ILE A CG2 1 
ATOM   880  C CD1 . ILE A 1 123 ? -4.216  -10.853 -2.151  1.00 18.78 ? 454 ILE A CD1 1 
ATOM   881  N N   . LYS A 1 124 ? -4.027  -15.658 1.005   1.00 29.50 ? 455 LYS A N   1 
ATOM   882  C CA  . LYS A 1 124 ? -3.185  -16.673 1.606   1.00 34.14 ? 455 LYS A CA  1 
ATOM   883  C C   . LYS A 1 124 ? -3.487  -18.041 1.039   1.00 39.82 ? 455 LYS A C   1 
ATOM   884  O O   . LYS A 1 124 ? -2.589  -18.866 0.852   1.00 41.19 ? 455 LYS A O   1 
ATOM   885  C CB  . LYS A 1 124 ? -3.381  -16.748 3.101   1.00 34.81 ? 455 LYS A CB  1 
ATOM   886  C CG  . LYS A 1 124 ? -2.684  -17.955 3.679   1.00 33.58 ? 455 LYS A CG  1 
ATOM   887  C CD  . LYS A 1 124 ? -2.553  -17.848 5.154   1.00 37.74 ? 455 LYS A CD  1 
ATOM   888  C CE  . LYS A 1 124 ? -1.864  -19.071 5.688   1.00 40.89 ? 455 LYS A CE  1 
ATOM   889  N NZ  . LYS A 1 124 ? -1.750  -18.983 7.172   1.00 45.51 ? 455 LYS A NZ  1 
ATOM   890  N N   . ASP A 1 125 ? -4.753  -18.285 0.754   1.00 43.38 ? 456 ASP A N   1 
ATOM   891  C CA  . ASP A 1 125 ? -5.122  -19.581 0.237   1.00 48.87 ? 456 ASP A CA  1 
ATOM   892  C C   . ASP A 1 125 ? -5.084  -19.714 -1.269  1.00 49.25 ? 456 ASP A C   1 
ATOM   893  O O   . ASP A 1 125 ? -4.567  -20.699 -1.787  1.00 49.80 ? 456 ASP A O   1 
ATOM   894  C CB  . ASP A 1 125 ? -6.484  -19.990 0.794   1.00 54.72 ? 456 ASP A CB  1 
ATOM   895  C CG  . ASP A 1 125 ? -6.432  -20.272 2.297   1.00 59.24 ? 456 ASP A CG  1 
ATOM   896  O OD1 . ASP A 1 125 ? -5.493  -20.993 2.735   1.00 60.77 ? 456 ASP A OD1 1 
ATOM   897  O OD2 . ASP A 1 125 ? -7.315  -19.763 3.034   1.00 60.49 ? 456 ASP A OD2 1 
ATOM   898  N N   . THR A 1 126 ? -5.591  -18.707 -1.967  1.00 48.06 ? 457 THR A N   1 
ATOM   899  C CA  . THR A 1 126 ? -5.641  -18.736 -3.419  1.00 47.18 ? 457 THR A CA  1 
ATOM   900  C C   . THR A 1 126 ? -4.341  -18.393 -4.162  1.00 47.98 ? 457 THR A C   1 
ATOM   901  O O   . THR A 1 126 ? -3.970  -19.057 -5.144  1.00 51.35 ? 457 THR A O   1 
ATOM   902  C CB  . THR A 1 126 ? -6.768  -17.825 -3.941  1.00 45.64 ? 457 THR A CB  1 
ATOM   903  O OG1 . THR A 1 126 ? -6.405  -16.448 -3.791  1.00 49.46 ? 457 THR A OG1 1 
ATOM   904  C CG2 . THR A 1 126 ? -8.003  -18.039 -3.149  1.00 45.02 ? 457 THR A CG2 1 
ATOM   905  N N   . GLY A 1 127 ? -3.641  -17.368 -3.690  1.00 46.42 ? 458 GLY A N   1 
ATOM   906  C CA  . GLY A 1 127 ? -2.433  -16.929 -4.372  1.00 42.06 ? 458 GLY A CA  1 
ATOM   907  C C   . GLY A 1 127 ? -2.798  -16.007 -5.538  1.00 40.41 ? 458 GLY A C   1 
ATOM   908  O O   . GLY A 1 127 ? -1.919  -15.587 -6.304  1.00 37.85 ? 458 GLY A O   1 
ATOM   909  N N   . ASP A 1 128 ? -4.093  -15.665 -5.637  1.00 40.68 ? 459 ASP A N   1 
ATOM   910  C CA  . ASP A 1 128 ? -4.665  -14.806 -6.697  1.00 39.52 ? 459 ASP A CA  1 
ATOM   911  C C   . ASP A 1 128 ? -4.909  -13.361 -6.269  1.00 37.34 ? 459 ASP A C   1 
ATOM   912  O O   . ASP A 1 128 ? -5.769  -13.078 -5.422  1.00 36.85 ? 459 ASP A O   1 
ATOM   913  C CB  . ASP A 1 128 ? -5.981  -15.402 -7.202  1.00 42.27 ? 459 ASP A CB  1 
ATOM   914  C CG  . ASP A 1 128 ? -6.392  -14.849 -8.554  1.00 46.10 ? 459 ASP A CG  1 
ATOM   915  O OD1 . ASP A 1 128 ? -5.555  -14.189 -9.239  1.00 45.69 ? 459 ASP A OD1 1 
ATOM   916  O OD2 . ASP A 1 128 ? -7.566  -15.101 -8.931  1.00 49.68 ? 459 ASP A OD2 1 
ATOM   917  N N   . TRP A 1 129 ? -4.198  -12.460 -6.944  1.00 35.09 ? 460 TRP A N   1 
ATOM   918  C CA  . TRP A 1 129 ? -4.236  -11.034 -6.679  1.00 33.24 ? 460 TRP A CA  1 
ATOM   919  C C   . TRP A 1 129 ? -5.173  -10.250 -7.559  1.00 34.37 ? 460 TRP A C   1 
ATOM   920  O O   . TRP A 1 129 ? -5.435  -9.079  -7.291  1.00 35.58 ? 460 TRP A O   1 
ATOM   921  C CB  . TRP A 1 129 ? -2.828  -10.454 -6.806  1.00 30.86 ? 460 TRP A CB  1 
ATOM   922  C CG  . TRP A 1 129 ? -1.932  -10.955 -5.740  1.00 32.12 ? 460 TRP A CG  1 
ATOM   923  C CD1 . TRP A 1 129 ? -1.305  -12.160 -5.713  1.00 33.33 ? 460 TRP A CD1 1 
ATOM   924  C CD2 . TRP A 1 129 ? -1.620  -10.313 -4.491  1.00 30.61 ? 460 TRP A CD2 1 
ATOM   925  N NE1 . TRP A 1 129 ? -0.631  -12.321 -4.524  1.00 35.57 ? 460 TRP A NE1 1 
ATOM   926  C CE2 . TRP A 1 129 ? -0.809  -11.206 -3.754  1.00 32.05 ? 460 TRP A CE2 1 
ATOM   927  C CE3 . TRP A 1 129 ? -1.948  -9.077  -3.925  1.00 28.96 ? 460 TRP A CE3 1 
ATOM   928  C CZ2 . TRP A 1 129 ? -0.328  -10.908 -2.488  1.00 32.89 ? 460 TRP A CZ2 1 
ATOM   929  C CZ3 . TRP A 1 129 ? -1.467  -8.773  -2.665  1.00 28.58 ? 460 TRP A CZ3 1 
ATOM   930  C CH2 . TRP A 1 129 ? -0.666  -9.687  -1.957  1.00 32.76 ? 460 TRP A CH2 1 
ATOM   931  N N   . LYS A 1 130 ? -5.663  -10.894 -8.613  1.00 35.56 ? 461 LYS A N   1 
ATOM   932  C CA  . LYS A 1 130 ? -6.571  -10.282 -9.572  1.00 34.89 ? 461 LYS A CA  1 
ATOM   933  C C   . LYS A 1 130 ? -7.754  -9.627  -8.852  1.00 34.17 ? 461 LYS A C   1 
ATOM   934  O O   . LYS A 1 130 ? -7.943  -8.415  -8.961  1.00 36.13 ? 461 LYS A O   1 
ATOM   935  C CB  . LYS A 1 130 ? -7.060  -11.342 -10.573 1.00 39.11 ? 461 LYS A CB  1 
ATOM   936  C CG  . LYS A 1 130 ? -7.736  -10.783 -11.814 1.00 45.00 ? 461 LYS A CG  1 
ATOM   937  C CD  . LYS A 1 130 ? -8.805  -11.730 -12.335 1.00 50.79 ? 461 LYS A CD  1 
ATOM   938  C CE  . LYS A 1 130 ? -9.354  -11.226 -13.672 1.00 57.60 ? 461 LYS A CE  1 
ATOM   939  N NZ  . LYS A 1 130 ? -10.555 -11.981 -14.172 1.00 63.03 ? 461 LYS A NZ  1 
ATOM   940  N N   . PRO A 1 131 ? -8.529  -10.403 -8.063  1.00 32.40 ? 462 PRO A N   1 
ATOM   941  C CA  . PRO A 1 131 ? -9.673  -9.822  -7.355  1.00 31.75 ? 462 PRO A CA  1 
ATOM   942  C C   . PRO A 1 131 ? -9.315  -8.522  -6.632  1.00 33.28 ? 462 PRO A C   1 
ATOM   943  O O   . PRO A 1 131 ? -9.921  -7.490  -6.885  1.00 36.16 ? 462 PRO A O   1 
ATOM   944  C CB  . PRO A 1 131 ? -10.050 -10.923 -6.353  1.00 32.38 ? 462 PRO A CB  1 
ATOM   945  C CG  . PRO A 1 131 ? -9.662  -12.175 -7.048  1.00 30.79 ? 462 PRO A CG  1 
ATOM   946  C CD  . PRO A 1 131 ? -8.335  -11.810 -7.657  1.00 31.66 ? 462 PRO A CD  1 
ATOM   947  N N   . LEU A 1 132 ? -8.278  -8.553  -5.800  1.00 33.01 ? 463 LEU A N   1 
ATOM   948  C CA  . LEU A 1 132 ? -7.863  -7.373  -5.051  1.00 30.57 ? 463 LEU A CA  1 
ATOM   949  C C   . LEU A 1 132 ? -7.703  -6.124  -5.900  1.00 30.60 ? 463 LEU A C   1 
ATOM   950  O O   . LEU A 1 132 ? -8.158  -5.039  -5.515  1.00 31.97 ? 463 LEU A O   1 
ATOM   951  C CB  . LEU A 1 132 ? -6.556  -7.636  -4.311  1.00 29.82 ? 463 LEU A CB  1 
ATOM   952  C CG  . LEU A 1 132 ? -6.099  -6.468  -3.421  1.00 29.14 ? 463 LEU A CG  1 
ATOM   953  C CD1 . LEU A 1 132 ? -7.080  -6.237  -2.255  1.00 27.49 ? 463 LEU A CD1 1 
ATOM   954  C CD2 . LEU A 1 132 ? -4.721  -6.755  -2.886  1.00 26.75 ? 463 LEU A CD2 1 
ATOM   955  N N   . PHE A 1 133 ? -7.035  -6.271  -7.037  1.00 30.20 ? 464 PHE A N   1 
ATOM   956  C CA  . PHE A 1 133 ? -6.795  -5.141  -7.912  1.00 30.35 ? 464 PHE A CA  1 
ATOM   957  C C   . PHE A 1 133 ? -8.064  -4.637  -8.480  1.00 31.84 ? 464 PHE A C   1 
ATOM   958  O O   . PHE A 1 133 ? -8.305  -3.429  -8.526  1.00 34.03 ? 464 PHE A O   1 
ATOM   959  C CB  . PHE A 1 133 ? -5.838  -5.497  -9.030  1.00 26.78 ? 464 PHE A CB  1 
ATOM   960  C CG  . PHE A 1 133 ? -4.405  -5.298  -8.659  1.00 28.30 ? 464 PHE A CG  1 
ATOM   961  C CD1 . PHE A 1 133 ? -3.828  -6.048  -7.634  1.00 25.90 ? 464 PHE A CD1 1 
ATOM   962  C CD2 . PHE A 1 133 ? -3.630  -4.340  -9.308  1.00 26.85 ? 464 PHE A CD2 1 
ATOM   963  C CE1 . PHE A 1 133 ? -2.516  -5.848  -7.270  1.00 26.31 ? 464 PHE A CE1 1 
ATOM   964  C CE2 . PHE A 1 133 ? -2.306  -4.134  -8.941  1.00 26.17 ? 464 PHE A CE2 1 
ATOM   965  C CZ  . PHE A 1 133 ? -1.750  -4.889  -7.924  1.00 25.35 ? 464 PHE A CZ  1 
ATOM   966  N N   . LEU A 1 134 ? -8.889  -5.557  -8.925  1.00 32.12 ? 465 LEU A N   1 
ATOM   967  C CA  . LEU A 1 134 ? -10.135 -5.120  -9.480  1.00 36.07 ? 465 LEU A CA  1 
ATOM   968  C C   . LEU A 1 134 ? -10.924 -4.393  -8.395  1.00 38.17 ? 465 LEU A C   1 
ATOM   969  O O   . LEU A 1 134 ? -11.451 -3.315  -8.670  1.00 42.22 ? 465 LEU A O   1 
ATOM   970  C CB  . LEU A 1 134 ? -10.945 -6.280  -10.050 1.00 36.04 ? 465 LEU A CB  1 
ATOM   971  C CG  . LEU A 1 134 ? -10.308 -7.163  -11.123 1.00 37.08 ? 465 LEU A CG  1 
ATOM   972  C CD1 . LEU A 1 134 ? -11.380 -8.106  -11.647 1.00 37.41 ? 465 LEU A CD1 1 
ATOM   973  C CD2 . LEU A 1 134 ? -9.716  -6.348  -12.244 1.00 35.33 ? 465 LEU A CD2 1 
ATOM   974  N N   . THR A 1 135 ? -10.962 -4.899  -7.156  1.00 35.14 ? 466 THR A N   1 
ATOM   975  C CA  . THR A 1 135 ? -11.759 -4.177  -6.169  1.00 32.45 ? 466 THR A CA  1 
ATOM   976  C C   . THR A 1 135 ? -11.117 -2.872  -5.746  1.00 33.36 ? 466 THR A C   1 
ATOM   977  O O   . THR A 1 135 ? -11.821 -1.896  -5.518  1.00 35.91 ? 466 THR A O   1 
ATOM   978  C CB  . THR A 1 135 ? -12.363 -5.027  -4.989  1.00 29.23 ? 466 THR A CB  1 
ATOM   979  O OG1 . THR A 1 135 ? -11.931 -4.510  -3.731  1.00 29.24 ? 466 THR A OG1 1 
ATOM   980  C CG2 . THR A 1 135 ? -12.048 -6.479  -5.104  1.00 25.01 ? 466 THR A CG2 1 
ATOM   981  N N   . LEU A 1 136 ? -9.795  -2.791  -5.745  1.00 33.66 ? 467 LEU A N   1 
ATOM   982  C CA  . LEU A 1 136 ? -9.193  -1.504  -5.417  1.00 34.63 ? 467 LEU A CA  1 
ATOM   983  C C   . LEU A 1 136 ? -9.647  -0.467  -6.465  1.00 36.99 ? 467 LEU A C   1 
ATOM   984  O O   . LEU A 1 136 ? -9.871  0.690   -6.130  1.00 36.89 ? 467 LEU A O   1 
ATOM   985  C CB  . LEU A 1 136 ? -7.674  -1.583  -5.407  1.00 31.51 ? 467 LEU A CB  1 
ATOM   986  C CG  . LEU A 1 136 ? -7.049  -2.022  -4.096  1.00 28.88 ? 467 LEU A CG  1 
ATOM   987  C CD1 . LEU A 1 136 ? -5.537  -2.052  -4.256  1.00 24.63 ? 467 LEU A CD1 1 
ATOM   988  C CD2 . LEU A 1 136 ? -7.470  -1.055  -3.020  1.00 25.06 ? 467 LEU A CD2 1 
ATOM   989  N N   . GLU A 1 137 ? -9.783  -0.874  -7.727  1.00 39.23 ? 468 GLU A N   1 
ATOM   990  C CA  . GLU A 1 137 ? -10.225 0.060   -8.765  1.00 43.15 ? 468 GLU A CA  1 
ATOM   991  C C   . GLU A 1 137 ? -11.654 0.513   -8.444  1.00 43.77 ? 468 GLU A C   1 
ATOM   992  O O   . GLU A 1 137 ? -11.941 1.709   -8.334  1.00 43.29 ? 468 GLU A O   1 
ATOM   993  C CB  . GLU A 1 137 ? -10.191 -0.587  -10.154 1.00 46.65 ? 468 GLU A CB  1 
ATOM   994  C CG  . GLU A 1 137 ? -9.759  0.391   -11.244 1.00 54.46 ? 468 GLU A CG  1 
ATOM   995  C CD  . GLU A 1 137 ? -10.360 0.133   -12.641 1.00 59.38 ? 468 GLU A CD  1 
ATOM   996  O OE1 . GLU A 1 137 ? -11.151 -0.837  -12.811 1.00 58.92 ? 468 GLU A OE1 1 
ATOM   997  O OE2 . GLU A 1 137 ? -10.029 0.929   -13.566 1.00 59.16 ? 468 GLU A OE2 1 
ATOM   998  N N   . LYS A 1 138 ? -12.529 -0.456  -8.208  1.00 44.30 ? 469 LYS A N   1 
ATOM   999  C CA  . LYS A 1 138 ? -13.933 -0.184  -7.906  1.00 44.53 ? 469 LYS A CA  1 
ATOM   1000 C C   . LYS A 1 138 ? -14.202 0.723   -6.699  1.00 44.02 ? 469 LYS A C   1 
ATOM   1001 O O   . LYS A 1 138 ? -15.048 1.616   -6.777  1.00 45.97 ? 469 LYS A O   1 
ATOM   1002 C CB  . LYS A 1 138 ? -14.714 -1.500  -7.763  1.00 45.79 ? 469 LYS A CB  1 
ATOM   1003 C CG  . LYS A 1 138 ? -15.364 -2.011  -9.053  1.00 48.88 ? 469 LYS A CG  1 
ATOM   1004 C CD  . LYS A 1 138 ? -14.374 -2.237  -10.210 1.00 54.12 ? 469 LYS A CD  1 
ATOM   1005 C CE  . LYS A 1 138 ? -14.089 -3.738  -10.435 1.00 56.63 ? 469 LYS A CE  1 
ATOM   1006 N NZ  . LYS A 1 138 ? -13.270 -4.033  -11.665 1.00 59.89 ? 469 LYS A NZ  1 
ATOM   1007 N N   . LYS A 1 139 ? -13.496 0.500   -5.592  1.00 42.46 ? 470 LYS A N   1 
ATOM   1008 C CA  . LYS A 1 139 ? -13.696 1.310   -4.388  1.00 42.61 ? 470 LYS A CA  1 
ATOM   1009 C C   . LYS A 1 139 ? -13.128 2.725   -4.518  1.00 44.36 ? 470 LYS A C   1 
ATOM   1010 O O   . LYS A 1 139 ? -13.634 3.654   -3.865  1.00 45.93 ? 470 LYS A O   1 
ATOM   1011 C CB  . LYS A 1 139 ? -13.118 0.617   -3.145  1.00 39.92 ? 470 LYS A CB  1 
ATOM   1012 C CG  . LYS A 1 139 ? -13.881 -0.627  -2.727  1.00 42.27 ? 470 LYS A CG  1 
ATOM   1013 C CD  . LYS A 1 139 ? -15.096 -0.289  -1.889  1.00 45.83 ? 470 LYS A CD  1 
ATOM   1014 C CE  . LYS A 1 139 ? -16.029 -1.477  -1.723  1.00 46.99 ? 470 LYS A CE  1 
ATOM   1015 N NZ  . LYS A 1 139 ? -17.018 -1.570  -2.854  1.00 54.01 ? 470 LYS A NZ  1 
ATOM   1016 N N   . ALA A 1 140 ? -12.090 2.889   -5.347  1.00 44.05 ? 471 ALA A N   1 
ATOM   1017 C CA  . ALA A 1 140 ? -11.464 4.194   -5.553  1.00 44.98 ? 471 ALA A CA  1 
ATOM   1018 C C   . ALA A 1 140 ? -12.475 5.069   -6.231  1.00 46.54 ? 471 ALA A C   1 
ATOM   1019 O O   . ALA A 1 140 ? -12.524 6.283   -5.982  1.00 46.97 ? 471 ALA A O   1 
ATOM   1020 C CB  . ALA A 1 140 ? -10.238 4.079   -6.427  1.00 45.24 ? 471 ALA A CB  1 
ATOM   1021 N N   . ALA A 1 141 ? -13.283 4.432   -7.086  1.00 46.68 ? 472 ALA A N   1 
ATOM   1022 C CA  . ALA A 1 141 ? -14.332 5.106   -7.837  1.00 48.31 ? 472 ALA A CA  1 
ATOM   1023 C C   . ALA A 1 141 ? -13.732 6.371   -8.460  1.00 49.50 ? 472 ALA A C   1 
ATOM   1024 O O   . ALA A 1 141 ? -12.595 6.355   -8.976  1.00 51.16 ? 472 ALA A O   1 
ATOM   1025 C CB  . ALA A 1 141 ? -15.532 5.439   -6.911  1.00 46.28 ? 472 ALA A CB  1 
ATOM   1026 N N   . ASP A 1 142 ? -14.451 7.482   -8.328  1.00 49.84 ? 473 ASP A N   1 
ATOM   1027 C CA  . ASP A 1 142 ? -14.012 8.762   -8.879  1.00 45.51 ? 473 ASP A CA  1 
ATOM   1028 C C   . ASP A 1 142 ? -12.856 9.421   -8.153  1.00 42.99 ? 473 ASP A C   1 
ATOM   1029 O O   . ASP A 1 142 ? -12.375 10.431  -8.622  1.00 42.70 ? 473 ASP A O   1 
ATOM   1030 C CB  . ASP A 1 142 ? -15.194 9.746   -8.966  1.00 45.45 ? 473 ASP A CB  1 
ATOM   1031 C CG  . ASP A 1 142 ? -15.744 10.147  -7.599  1.00 43.25 ? 473 ASP A CG  1 
ATOM   1032 O OD1 . ASP A 1 142 ? -15.520 11.307  -7.177  1.00 42.57 ? 473 ASP A OD1 1 
ATOM   1033 O OD2 . ASP A 1 142 ? -16.422 9.311   -6.971  1.00 42.59 ? 473 ASP A OD2 1 
ATOM   1034 N N   . ALA A 1 143 ? -12.426 8.877   -7.015  1.00 42.08 ? 474 ALA A N   1 
ATOM   1035 C CA  . ALA A 1 143 ? -11.318 9.464   -6.254  1.00 42.83 ? 474 ALA A CA  1 
ATOM   1036 C C   . ALA A 1 143 ? -9.907  9.195   -6.826  1.00 43.17 ? 474 ALA A C   1 
ATOM   1037 O O   . ALA A 1 143 ? -8.949  9.913   -6.480  1.00 44.56 ? 474 ALA A O   1 
ATOM   1038 C CB  . ALA A 1 143 ? -11.394 9.056   -4.787  1.00 39.66 ? 474 ALA A CB  1 
ATOM   1039 N N   . GLY A 1 144 ? -9.781  8.199   -7.712  1.00 42.63 ? 475 GLY A N   1 
ATOM   1040 C CA  . GLY A 1 144 ? -8.484  7.897   -8.304  1.00 43.34 ? 475 GLY A CA  1 
ATOM   1041 C C   . GLY A 1 144 ? -7.450  7.074   -7.513  1.00 43.62 ? 475 GLY A C   1 
ATOM   1042 O O   . GLY A 1 144 ? -7.791  6.282   -6.622  1.00 42.67 ? 475 GLY A O   1 
ATOM   1043 N N   . VAL A 1 145 ? -6.174  7.275   -7.848  1.00 41.16 ? 476 VAL A N   1 
ATOM   1044 C CA  . VAL A 1 145 ? -5.072  6.545   -7.241  1.00 41.64 ? 476 VAL A CA  1 
ATOM   1045 C C   . VAL A 1 145 ? -4.750  6.957   -5.816  1.00 42.13 ? 476 VAL A C   1 
ATOM   1046 O O   . VAL A 1 145 ? -4.214  6.150   -5.047  1.00 44.62 ? 476 VAL A O   1 
ATOM   1047 C CB  . VAL A 1 145 ? -3.791  6.662   -8.084  1.00 41.31 ? 476 VAL A CB  1 
ATOM   1048 C CG1 . VAL A 1 145 ? -2.698  5.819   -7.488  1.00 42.30 ? 476 VAL A CG1 1 
ATOM   1049 C CG2 . VAL A 1 145 ? -4.054  6.195   -9.484  1.00 41.95 ? 476 VAL A CG2 1 
ATOM   1050 N N   . SER A 1 146 ? -5.070  8.200   -5.461  1.00 40.76 ? 477 SER A N   1 
ATOM   1051 C CA  . SER A 1 146 ? -4.805  8.716   -4.110  1.00 36.41 ? 477 SER A CA  1 
ATOM   1052 C C   . SER A 1 146 ? -5.617  8.004   -3.040  1.00 32.04 ? 477 SER A C   1 
ATOM   1053 O O   . SER A 1 146 ? -5.273  8.060   -1.876  1.00 34.14 ? 477 SER A O   1 
ATOM   1054 C CB  . SER A 1 146 ? -5.020  10.242  -4.031  1.00 35.34 ? 477 SER A CB  1 
ATOM   1055 O OG  . SER A 1 146 ? -5.624  10.759  -5.215  1.00 41.55 ? 477 SER A OG  1 
ATOM   1056 N N   . TYR A 1 147 ? -6.716  7.366   -3.418  1.00 30.02 ? 478 TYR A N   1 
ATOM   1057 C CA  . TYR A 1 147 ? -7.509  6.632   -2.444  1.00 28.39 ? 478 TYR A CA  1 
ATOM   1058 C C   . TYR A 1 147 ? -6.689  5.391   -2.063  1.00 29.68 ? 478 TYR A C   1 
ATOM   1059 O O   . TYR A 1 147 ? -6.565  5.069   -0.882  1.00 32.81 ? 478 TYR A O   1 
ATOM   1060 C CB  . TYR A 1 147 ? -8.849  6.213   -3.024  1.00 27.23 ? 478 TYR A CB  1 
ATOM   1061 C CG  . TYR A 1 147 ? -9.527  5.120   -2.213  1.00 29.50 ? 478 TYR A CG  1 
ATOM   1062 C CD1 . TYR A 1 147 ? -10.324 5.427   -1.103  1.00 29.66 ? 478 TYR A CD1 1 
ATOM   1063 C CD2 . TYR A 1 147 ? -9.384  3.779   -2.551  1.00 23.68 ? 478 TYR A CD2 1 
ATOM   1064 C CE1 . TYR A 1 147 ? -10.961 4.417   -0.359  1.00 24.25 ? 478 TYR A CE1 1 
ATOM   1065 C CE2 . TYR A 1 147 ? -10.016 2.780   -1.817  1.00 22.72 ? 478 TYR A CE2 1 
ATOM   1066 C CZ  . TYR A 1 147 ? -10.804 3.099   -0.732  1.00 23.74 ? 478 TYR A CZ  1 
ATOM   1067 O OH  . TYR A 1 147 ? -11.475 2.100   -0.048  1.00 25.80 ? 478 TYR A OH  1 
ATOM   1068 N N   . VAL A 1 148 ? -6.095  4.731   -3.055  1.00 25.07 ? 479 VAL A N   1 
ATOM   1069 C CA  . VAL A 1 148 ? -5.274  3.558   -2.815  1.00 23.57 ? 479 VAL A CA  1 
ATOM   1070 C C   . VAL A 1 148 ? -4.139  3.881   -1.827  1.00 27.06 ? 479 VAL A C   1 
ATOM   1071 O O   . VAL A 1 148 ? -3.839  3.087   -0.931  1.00 28.98 ? 479 VAL A O   1 
ATOM   1072 C CB  . VAL A 1 148 ? -4.718  3.000   -4.146  1.00 24.33 ? 479 VAL A CB  1 
ATOM   1073 C CG1 . VAL A 1 148 ? -3.940  1.720   -3.922  1.00 24.39 ? 479 VAL A CG1 1 
ATOM   1074 C CG2 . VAL A 1 148 ? -5.851  2.703   -5.080  1.00 21.64 ? 479 VAL A CG2 1 
ATOM   1075 N N   . VAL A 1 149 ? -3.553  5.072   -1.948  1.00 29.53 ? 480 VAL A N   1 
ATOM   1076 C CA  . VAL A 1 149 ? -2.459  5.525   -1.059  1.00 27.62 ? 480 VAL A CA  1 
ATOM   1077 C C   . VAL A 1 149 ? -2.953  5.789   0.361   1.00 27.90 ? 480 VAL A C   1 
ATOM   1078 O O   . VAL A 1 149 ? -2.301  5.428   1.345   1.00 29.91 ? 480 VAL A O   1 
ATOM   1079 C CB  . VAL A 1 149 ? -1.806  6.849   -1.570  1.00 27.59 ? 480 VAL A CB  1 
ATOM   1080 C CG1 . VAL A 1 149 ? -0.755  7.341   -0.581  1.00 24.67 ? 480 VAL A CG1 1 
ATOM   1081 C CG2 . VAL A 1 149 ? -1.200  6.648   -2.950  1.00 26.37 ? 480 VAL A CG2 1 
ATOM   1082 N N   . ALA A 1 150 ? -4.069  6.490   0.466   1.00 24.86 ? 481 ALA A N   1 
ATOM   1083 C CA  . ALA A 1 150 ? -4.627  6.790   1.770   1.00 26.10 ? 481 ALA A CA  1 
ATOM   1084 C C   . ALA A 1 150 ? -4.906  5.468   2.503   1.00 26.83 ? 481 ALA A C   1 
ATOM   1085 O O   . ALA A 1 150 ? -4.489  5.290   3.660   1.00 27.34 ? 481 ALA A O   1 
ATOM   1086 C CB  . ALA A 1 150 ? -5.899  7.583   1.599   1.00 25.16 ? 481 ALA A CB  1 
ATOM   1087 N N   . LEU A 1 151 ? -5.553  4.540   1.785   1.00 23.94 ? 482 LEU A N   1 
ATOM   1088 C CA  . LEU A 1 151 ? -5.921  3.226   2.287   1.00 21.29 ? 482 LEU A CA  1 
ATOM   1089 C C   . LEU A 1 151 ? -4.692  2.460   2.822   1.00 23.88 ? 482 LEU A C   1 
ATOM   1090 O O   . LEU A 1 151 ? -4.561  2.242   4.026   1.00 24.43 ? 482 LEU A O   1 
ATOM   1091 C CB  . LEU A 1 151 ? -6.579  2.437   1.152   1.00 20.86 ? 482 LEU A CB  1 
ATOM   1092 C CG  . LEU A 1 151 ? -7.804  1.505   1.320   1.00 22.06 ? 482 LEU A CG  1 
ATOM   1093 C CD1 . LEU A 1 151 ? -7.462  0.176   0.750   1.00 17.73 ? 482 LEU A CD1 1 
ATOM   1094 C CD2 . LEU A 1 151 ? -8.316  1.349   2.745   1.00 17.69 ? 482 LEU A CD2 1 
ATOM   1095 N N   . LEU A 1 152 ? -3.754  2.128   1.940   1.00 23.76 ? 483 LEU A N   1 
ATOM   1096 C CA  . LEU A 1 152 ? -2.570  1.380   2.315   1.00 19.76 ? 483 LEU A CA  1 
ATOM   1097 C C   . LEU A 1 152 ? -1.619  2.069   3.277   1.00 20.24 ? 483 LEU A C   1 
ATOM   1098 O O   . LEU A 1 152 ? -0.968  1.417   4.090   1.00 21.81 ? 483 LEU A O   1 
ATOM   1099 C CB  . LEU A 1 152 ? -1.856  0.905   1.058   1.00 21.51 ? 483 LEU A CB  1 
ATOM   1100 C CG  . LEU A 1 152 ? -2.316  -0.412  0.385   1.00 22.88 ? 483 LEU A CG  1 
ATOM   1101 C CD1 . LEU A 1 152 ? -3.604  -0.912  0.932   1.00 22.29 ? 483 LEU A CD1 1 
ATOM   1102 C CD2 . LEU A 1 152 ? -2.443  -0.252  -1.105  1.00 19.60 ? 483 LEU A CD2 1 
ATOM   1103 N N   . PHE A 1 153 ? -1.551  3.388   3.226   1.00 22.45 ? 484 PHE A N   1 
ATOM   1104 C CA  . PHE A 1 153 ? -0.682  4.144   4.138   1.00 22.48 ? 484 PHE A CA  1 
ATOM   1105 C C   . PHE A 1 153 ? -1.258  4.083   5.533   1.00 20.53 ? 484 PHE A C   1 
ATOM   1106 O O   . PHE A 1 153 ? -0.510  4.129   6.522   1.00 15.71 ? 484 PHE A O   1 
ATOM   1107 C CB  . PHE A 1 153 ? -0.608  5.604   3.709   1.00 26.69 ? 484 PHE A CB  1 
ATOM   1108 C CG  . PHE A 1 153 ? 0.567   5.921   2.821   1.00 32.69 ? 484 PHE A CG  1 
ATOM   1109 C CD1 . PHE A 1 153 ? 1.259   4.904   2.158   1.00 32.69 ? 484 PHE A CD1 1 
ATOM   1110 C CD2 . PHE A 1 153 ? 1.003   7.245   2.666   1.00 34.00 ? 484 PHE A CD2 1 
ATOM   1111 C CE1 . PHE A 1 153 ? 2.372   5.189   1.353   1.00 30.07 ? 484 PHE A CE1 1 
ATOM   1112 C CE2 . PHE A 1 153 ? 2.105   7.539   1.871   1.00 33.75 ? 484 PHE A CE2 1 
ATOM   1113 C CZ  . PHE A 1 153 ? 2.794   6.498   1.208   1.00 33.47 ? 484 PHE A CZ  1 
ATOM   1114 N N   . SER A 1 154 ? -2.597  4.054   5.594   1.00 19.77 ? 485 SER A N   1 
ATOM   1115 C CA  . SER A 1 154 ? -3.320  3.946   6.859   1.00 23.26 ? 485 SER A CA  1 
ATOM   1116 C C   . SER A 1 154 ? -2.982  2.567   7.482   1.00 25.56 ? 485 SER A C   1 
ATOM   1117 O O   . SER A 1 154 ? -2.787  2.446   8.707   1.00 26.76 ? 485 SER A O   1 
ATOM   1118 C CB  . SER A 1 154 ? -4.844  4.067   6.642   1.00 23.45 ? 485 SER A CB  1 
ATOM   1119 O OG  . SER A 1 154 ? -5.232  5.320   6.080   1.00 27.65 ? 485 SER A OG  1 
ATOM   1120 N N   . LEU A 1 155 ? -2.898  1.540   6.623   1.00 26.13 ? 486 LEU A N   1 
ATOM   1121 C CA  . LEU A 1 155 ? -2.555  0.166   7.020   1.00 23.03 ? 486 LEU A CA  1 
ATOM   1122 C C   . LEU A 1 155 ? -1.134  0.142   7.599   1.00 25.19 ? 486 LEU A C   1 
ATOM   1123 O O   . LEU A 1 155 ? -0.889  -0.385  8.675   1.00 26.76 ? 486 LEU A O   1 
ATOM   1124 C CB  . LEU A 1 155 ? -2.649  -0.748  5.801   1.00 19.90 ? 486 LEU A CB  1 
ATOM   1125 C CG  . LEU A 1 155 ? -2.311  -2.215  6.075   1.00 18.44 ? 486 LEU A CG  1 
ATOM   1126 C CD1 . LEU A 1 155 ? -3.082  -2.733  7.313   1.00 19.23 ? 486 LEU A CD1 1 
ATOM   1127 C CD2 . LEU A 1 155 ? -2.610  -3.034  4.851   1.00 13.77 ? 486 LEU A CD2 1 
ATOM   1128 N N   . LEU A 1 156 ? -0.196  0.730   6.871   1.00 26.74 ? 487 LEU A N   1 
ATOM   1129 C CA  . LEU A 1 156 ? 1.181   0.839   7.327   1.00 26.11 ? 487 LEU A CA  1 
ATOM   1130 C C   . LEU A 1 156 ? 1.276   1.630   8.639   1.00 25.99 ? 487 LEU A C   1 
ATOM   1131 O O   . LEU A 1 156 ? 2.145   1.369   9.489   1.00 28.47 ? 487 LEU A O   1 
ATOM   1132 C CB  . LEU A 1 156 ? 1.964   1.598   6.282   1.00 27.68 ? 487 LEU A CB  1 
ATOM   1133 C CG  . LEU A 1 156 ? 1.945   1.027   4.882   1.00 29.65 ? 487 LEU A CG  1 
ATOM   1134 C CD1 . LEU A 1 156 ? 2.720   1.994   4.040   1.00 31.99 ? 487 LEU A CD1 1 
ATOM   1135 C CD2 . LEU A 1 156 ? 2.580   -0.364  4.832   1.00 28.01 ? 487 LEU A CD2 1 
ATOM   1136 N N   . ALA A 1 157 ? 0.445   2.668   8.749   1.00 25.63 ? 488 ALA A N   1 
ATOM   1137 C CA  . ALA A 1 157 ? 0.413   3.525   9.927   1.00 23.18 ? 488 ALA A CA  1 
ATOM   1138 C C   . ALA A 1 157 ? 0.048   2.759   11.179  1.00 23.01 ? 488 ALA A C   1 
ATOM   1139 O O   . ALA A 1 157 ? 0.609   3.013   12.226  1.00 23.32 ? 488 ALA A O   1 
ATOM   1140 C CB  . ALA A 1 157 ? -0.543  4.649   9.714   1.00 22.54 ? 488 ALA A CB  1 
ATOM   1141 N N   . GLY A 1 158 ? -0.864  1.792   11.059  1.00 25.58 ? 489 GLY A N   1 
ATOM   1142 C CA  . GLY A 1 158 ? -1.297  1.005   12.210  1.00 23.55 ? 489 GLY A CA  1 
ATOM   1143 C C   . GLY A 1 158 ? -0.751  -0.406  12.404  1.00 23.90 ? 489 GLY A C   1 
ATOM   1144 O O   . GLY A 1 158 ? -1.356  -1.191  13.140  1.00 24.43 ? 489 GLY A O   1 
ATOM   1145 N N   . THR A 1 159 ? 0.384   -0.731  11.784  1.00 22.73 ? 490 THR A N   1 
ATOM   1146 C CA  . THR A 1 159 ? 0.980   -2.062  11.906  1.00 20.82 ? 490 THR A CA  1 
ATOM   1147 C C   . THR A 1 159 ? 2.482   -2.012  11.784  1.00 22.39 ? 490 THR A C   1 
ATOM   1148 O O   . THR A 1 159 ? 3.044   -0.987  11.421  1.00 23.68 ? 490 THR A O   1 
ATOM   1149 C CB  . THR A 1 159 ? 0.514   -3.005  10.766  1.00 21.47 ? 490 THR A CB  1 
ATOM   1150 O OG1 . THR A 1 159 ? 1.067   -2.574  9.502   1.00 18.73 ? 490 THR A OG1 1 
ATOM   1151 C CG2 . THR A 1 159 ? -1.026  -3.055  10.693  1.00 19.12 ? 490 THR A CG2 1 
ATOM   1152 N N   . THR A 1 160 ? 3.130   -3.128  12.086  1.00 23.19 ? 491 THR A N   1 
ATOM   1153 C CA  . THR A 1 160 ? 4.578   -3.264  11.936  1.00 25.98 ? 491 THR A CA  1 
ATOM   1154 C C   . THR A 1 160 ? 4.699   -4.608  11.244  1.00 27.32 ? 491 THR A C   1 
ATOM   1155 O O   . THR A 1 160 ? 4.541   -5.639  11.887  1.00 32.50 ? 491 THR A O   1 
ATOM   1156 C CB  . THR A 1 160 ? 5.300   -3.335  13.273  1.00 25.85 ? 491 THR A CB  1 
ATOM   1157 O OG1 . THR A 1 160 ? 5.061   -2.132  13.997  1.00 28.79 ? 491 THR A OG1 1 
ATOM   1158 C CG2 . THR A 1 160 ? 6.770   -3.461  13.059  1.00 24.69 ? 491 THR A CG2 1 
ATOM   1159 N N   . LEU A 1 161 ? 4.871   -4.593  9.927   1.00 26.85 ? 492 LEU A N   1 
ATOM   1160 C CA  . LEU A 1 161 ? 4.952   -5.819  9.130   1.00 24.60 ? 492 LEU A CA  1 
ATOM   1161 C C   . LEU A 1 161 ? 6.362   -6.167  8.783   1.00 23.24 ? 492 LEU A C   1 
ATOM   1162 O O   . LEU A 1 161 ? 7.240   -5.344  8.904   1.00 29.40 ? 492 LEU A O   1 
ATOM   1163 C CB  . LEU A 1 161 ? 4.169   -5.674  7.827   1.00 24.81 ? 492 LEU A CB  1 
ATOM   1164 C CG  . LEU A 1 161 ? 2.691   -5.338  7.979   1.00 26.27 ? 492 LEU A CG  1 
ATOM   1165 C CD1 . LEU A 1 161 ? 2.144   -4.788  6.695   1.00 22.88 ? 492 LEU A CD1 1 
ATOM   1166 C CD2 . LEU A 1 161 ? 1.941   -6.566  8.448   1.00 27.77 ? 492 LEU A CD2 1 
ATOM   1167 N N   . GLY A 1 162 ? 6.565   -7.406  8.354   1.00 26.45 ? 493 GLY A N   1 
ATOM   1168 C CA  . GLY A 1 162 ? 7.880   -7.895  7.969   1.00 21.19 ? 493 GLY A CA  1 
ATOM   1169 C C   . GLY A 1 162 ? 8.154   -7.393  6.583   1.00 21.22 ? 493 GLY A C   1 
ATOM   1170 O O   . GLY A 1 162 ? 7.227   -7.057  5.850   1.00 22.37 ? 493 GLY A O   1 
ATOM   1171 N N   . ILE A 1 163 ? 9.421   -7.371  6.215   1.00 20.75 ? 494 ILE A N   1 
ATOM   1172 C CA  . ILE A 1 163 ? 9.836   -6.879  4.913   1.00 22.10 ? 494 ILE A CA  1 
ATOM   1173 C C   . ILE A 1 163 ? 8.993   -7.361  3.747   1.00 20.88 ? 494 ILE A C   1 
ATOM   1174 O O   . ILE A 1 163 ? 8.570   -6.557  2.924   1.00 23.52 ? 494 ILE A O   1 
ATOM   1175 C CB  . ILE A 1 163 ? 11.347  -7.170  4.657   1.00 25.53 ? 494 ILE A CB  1 
ATOM   1176 C CG1 . ILE A 1 163 ? 12.204  -6.518  5.756   1.00 27.95 ? 494 ILE A CG1 1 
ATOM   1177 C CG2 . ILE A 1 163 ? 11.789  -6.551  3.355   1.00 29.02 ? 494 ILE A CG2 1 
ATOM   1178 C CD1 . ILE A 1 163 ? 12.017  -4.998  5.857   1.00 24.21 ? 494 ILE A CD1 1 
ATOM   1179 N N   . TRP A 1 164 ? 8.687   -8.649  3.700   1.00 20.64 ? 495 TRP A N   1 
ATOM   1180 C CA  . TRP A 1 164 ? 7.899   -9.182  2.597   1.00 19.39 ? 495 TRP A CA  1 
ATOM   1181 C C   . TRP A 1 164 ? 6.569   -8.440  2.422   1.00 18.86 ? 495 TRP A C   1 
ATOM   1182 O O   . TRP A 1 164 ? 6.147   -8.131  1.302   1.00 19.70 ? 495 TRP A O   1 
ATOM   1183 C CB  . TRP A 1 164 ? 7.648   -10.694 2.775   1.00 19.26 ? 495 TRP A CB  1 
ATOM   1184 C CG  . TRP A 1 164 ? 6.919   -11.280 1.593   1.00 17.05 ? 495 TRP A CG  1 
ATOM   1185 C CD1 . TRP A 1 164 ? 7.452   -11.576 0.363   1.00 14.71 ? 495 TRP A CD1 1 
ATOM   1186 C CD2 . TRP A 1 164 ? 5.502   -11.492 1.478   1.00 15.83 ? 495 TRP A CD2 1 
ATOM   1187 N NE1 . TRP A 1 164 ? 6.454   -11.941 -0.510  1.00 17.87 ? 495 TRP A NE1 1 
ATOM   1188 C CE2 . TRP A 1 164 ? 5.246   -11.898 0.151   1.00 18.42 ? 495 TRP A CE2 1 
ATOM   1189 C CE3 . TRP A 1 164 ? 4.423   -11.371 2.365   1.00 15.89 ? 495 TRP A CE3 1 
ATOM   1190 C CZ2 . TRP A 1 164 ? 3.940   -12.183 -0.305  1.00 12.52 ? 495 TRP A CZ2 1 
ATOM   1191 C CZ3 . TRP A 1 164 ? 3.145   -11.654 1.916   1.00 11.28 ? 495 TRP A CZ3 1 
ATOM   1192 C CH2 . TRP A 1 164 ? 2.916   -12.055 0.599   1.00 11.69 ? 495 TRP A CH2 1 
ATOM   1193 N N   . GLY A 1 165 ? 5.913   -8.158  3.540   1.00 19.63 ? 496 GLY A N   1 
ATOM   1194 C CA  . GLY A 1 165 ? 4.638   -7.455  3.504   1.00 20.13 ? 496 GLY A CA  1 
ATOM   1195 C C   . GLY A 1 165 ? 4.791   -6.014  3.067   1.00 20.19 ? 496 GLY A C   1 
ATOM   1196 O O   . GLY A 1 165 ? 3.918   -5.496  2.370   1.00 22.40 ? 496 GLY A O   1 
ATOM   1197 N N   . ILE A 1 166 ? 5.884   -5.362  3.476   1.00 20.30 ? 497 ILE A N   1 
ATOM   1198 C CA  . ILE A 1 166 ? 6.154   -3.970  3.091   1.00 21.29 ? 497 ILE A CA  1 
ATOM   1199 C C   . ILE A 1 166 ? 6.392   -3.936  1.586   1.00 22.16 ? 497 ILE A C   1 
ATOM   1200 O O   . ILE A 1 166 ? 5.815   -3.111  0.883   1.00 24.23 ? 497 ILE A O   1 
ATOM   1201 C CB  . ILE A 1 166 ? 7.393   -3.389  3.813   1.00 20.71 ? 497 ILE A CB  1 
ATOM   1202 C CG1 . ILE A 1 166 ? 7.151   -3.390  5.307   1.00 21.19 ? 497 ILE A CG1 1 
ATOM   1203 C CG2 . ILE A 1 166 ? 7.605   -1.947  3.432   1.00 18.69 ? 497 ILE A CG2 1 
ATOM   1204 C CD1 . ILE A 1 166 ? 5.936   -2.565  5.678   1.00 25.32 ? 497 ILE A CD1 1 
ATOM   1205 N N   . ALA A 1 167 ? 7.150   -4.912  1.094   1.00 18.10 ? 498 ALA A N   1 
ATOM   1206 C CA  . ALA A 1 167 ? 7.483   -5.021  -0.317  1.00 17.23 ? 498 ALA A CA  1 
ATOM   1207 C C   . ALA A 1 167 ? 6.247   -5.216  -1.162  1.00 20.02 ? 498 ALA A C   1 
ATOM   1208 O O   . ALA A 1 167 ? 6.108   -4.645  -2.249  1.00 23.64 ? 498 ALA A O   1 
ATOM   1209 C CB  . ALA A 1 167 ? 8.443   -6.178  -0.534  1.00 17.11 ? 498 ALA A CB  1 
ATOM   1210 N N   . ILE A 1 168 ? 5.371   -6.095  -0.704  1.00 22.92 ? 499 ILE A N   1 
ATOM   1211 C CA  . ILE A 1 168 ? 4.143   -6.365  -1.428  1.00 21.94 ? 499 ILE A CA  1 
ATOM   1212 C C   . ILE A 1 168 ? 3.264   -5.120  -1.455  1.00 20.75 ? 499 ILE A C   1 
ATOM   1213 O O   . ILE A 1 168 ? 2.824   -4.717  -2.523  1.00 21.74 ? 499 ILE A O   1 
ATOM   1214 C CB  . ILE A 1 168 ? 3.419   -7.599  -0.824  1.00 21.23 ? 499 ILE A CB  1 
ATOM   1215 C CG1 . ILE A 1 168 ? 4.077   -8.882  -1.332  1.00 27.45 ? 499 ILE A CG1 1 
ATOM   1216 C CG2 . ILE A 1 168 ? 1.994   -7.663  -1.234  1.00 19.05 ? 499 ILE A CG2 1 
ATOM   1217 C CD1 . ILE A 1 168 ? 3.940   -9.144  -2.847  1.00 29.80 ? 499 ILE A CD1 1 
ATOM   1218 N N   . VAL A 1 169 ? 3.056   -4.483  -0.301  1.00 21.19 ? 500 VAL A N   1 
ATOM   1219 C CA  . VAL A 1 169 ? 2.218   -3.280  -0.234  1.00 22.59 ? 500 VAL A CA  1 
ATOM   1220 C C   . VAL A 1 169 ? 2.783   -2.170  -1.105  1.00 24.41 ? 500 VAL A C   1 
ATOM   1221 O O   . VAL A 1 169 ? 2.031   -1.430  -1.722  1.00 26.40 ? 500 VAL A O   1 
ATOM   1222 C CB  . VAL A 1 169 ? 2.047   -2.733  1.199   1.00 20.78 ? 500 VAL A CB  1 
ATOM   1223 C CG1 . VAL A 1 169 ? 1.583   -1.316  1.136   1.00 15.88 ? 500 VAL A CG1 1 
ATOM   1224 C CG2 . VAL A 1 169 ? 1.029   -3.548  1.949   1.00 18.84 ? 500 VAL A CG2 1 
ATOM   1225 N N   . THR A 1 170 ? 4.107   -2.031  -1.114  1.00 24.73 ? 501 THR A N   1 
ATOM   1226 C CA  . THR A 1 170 ? 4.753   -1.028  -1.927  1.00 25.13 ? 501 THR A CA  1 
ATOM   1227 C C   . THR A 1 170 ? 4.580   -1.395  -3.384  1.00 26.54 ? 501 THR A C   1 
ATOM   1228 O O   . THR A 1 170 ? 4.340   -0.531  -4.210  1.00 29.07 ? 501 THR A O   1 
ATOM   1229 C CB  . THR A 1 170 ? 6.210   -0.964  -1.609  1.00 26.11 ? 501 THR A CB  1 
ATOM   1230 O OG1 . THR A 1 170 ? 6.365   -0.750  -0.199  1.00 28.86 ? 501 THR A OG1 1 
ATOM   1231 C CG2 . THR A 1 170 ? 6.868   0.170   -2.375  1.00 27.94 ? 501 THR A CG2 1 
ATOM   1232 N N   . GLY A 1 171 ? 4.689   -2.684  -3.698  1.00 27.90 ? 502 GLY A N   1 
ATOM   1233 C CA  . GLY A 1 171 ? 4.525   -3.143  -5.060  1.00 25.39 ? 502 GLY A CA  1 
ATOM   1234 C C   . GLY A 1 171 ? 3.178   -2.750  -5.637  1.00 26.47 ? 502 GLY A C   1 
ATOM   1235 O O   . GLY A 1 171 ? 3.081   -2.381  -6.807  1.00 28.63 ? 502 GLY A O   1 
ATOM   1236 N N   . ILE A 1 172 ? 2.124   -2.814  -4.833  1.00 25.04 ? 503 ILE A N   1 
ATOM   1237 C CA  . ILE A 1 172 ? 0.800   -2.444  -5.321  1.00 23.43 ? 503 ILE A CA  1 
ATOM   1238 C C   . ILE A 1 172 ? 0.766   -0.945  -5.655  1.00 26.51 ? 503 ILE A C   1 
ATOM   1239 O O   . ILE A 1 172 ? 0.184   -0.527  -6.670  1.00 30.04 ? 503 ILE A O   1 
ATOM   1240 C CB  . ILE A 1 172 ? -0.275  -2.800  -4.311  1.00 18.55 ? 503 ILE A CB  1 
ATOM   1241 C CG1 . ILE A 1 172 ? -0.229  -4.298  -4.041  1.00 15.74 ? 503 ILE A CG1 1 
ATOM   1242 C CG2 . ILE A 1 172 ? -1.639  -2.440  -4.862  1.00 20.48 ? 503 ILE A CG2 1 
ATOM   1243 C CD1 . ILE A 1 172 ? -1.054  -4.732  -2.854  1.00 11.17 ? 503 ILE A CD1 1 
ATOM   1244 N N   . LEU A 1 173 ? 1.419   -0.149  -4.811  1.00 28.14 ? 504 LEU A N   1 
ATOM   1245 C CA  . LEU A 1 173 ? 1.531   1.294   -4.993  1.00 27.69 ? 504 LEU A CA  1 
ATOM   1246 C C   . LEU A 1 173 ? 2.294   1.617   -6.274  1.00 29.68 ? 504 LEU A C   1 
ATOM   1247 O O   . LEU A 1 173 ? 1.764   2.335   -7.116  1.00 30.47 ? 504 LEU A O   1 
ATOM   1248 C CB  . LEU A 1 173 ? 2.213   1.944   -3.788  1.00 25.74 ? 504 LEU A CB  1 
ATOM   1249 C CG  . LEU A 1 173 ? 1.232   2.007   -2.617  1.00 26.51 ? 504 LEU A CG  1 
ATOM   1250 C CD1 . LEU A 1 173 ? 1.836   2.601   -1.378  1.00 23.97 ? 504 LEU A CD1 1 
ATOM   1251 C CD2 . LEU A 1 173 ? 0.012   2.783   -3.049  1.00 24.22 ? 504 LEU A CD2 1 
ATOM   1252 N N   . CYS A 1 174 ? 3.501   1.074   -6.464  1.00 29.72 ? 505 CYS A N   1 
ATOM   1253 C CA  . CYS A 1 174 ? 4.220   1.353   -7.705  1.00 29.68 ? 505 CYS A CA  1 
ATOM   1254 C C   . CYS A 1 174 ? 3.437   0.914   -8.927  1.00 32.54 ? 505 CYS A C   1 
ATOM   1255 O O   . CYS A 1 174 ? 3.338   1.666   -9.883  1.00 36.66 ? 505 CYS A O   1 
ATOM   1256 C CB  . CYS A 1 174 ? 5.568   0.689   -7.738  1.00 22.86 ? 505 CYS A CB  1 
ATOM   1257 S SG  . CYS A 1 174 ? 6.653   1.305   -6.484  1.00 29.62 ? 505 CYS A SG  1 
ATOM   1258 N N   . SER A 1 175 ? 2.803   -0.251  -8.881  1.00 34.13 ? 506 SER A N   1 
ATOM   1259 C CA  . SER A 1 175 ? 2.070   -0.711  -10.047 1.00 37.23 ? 506 SER A CA  1 
ATOM   1260 C C   . SER A 1 175 ? 0.916   0.209   -10.528 1.00 41.53 ? 506 SER A C   1 
ATOM   1261 O O   . SER A 1 175 ? 0.690   0.325   -11.734 1.00 45.42 ? 506 SER A O   1 
ATOM   1262 C CB  . SER A 1 175 ? 1.623   -2.172  -9.865  1.00 37.36 ? 506 SER A CB  1 
ATOM   1263 O OG  . SER A 1 175 ? 0.422   -2.281  -9.125  1.00 39.16 ? 506 SER A OG  1 
ATOM   1264 N N   . TYR A 1 176 ? 0.200   0.864   -9.608  1.00 44.47 ? 507 TYR A N   1 
ATOM   1265 C CA  . TYR A 1 176 ? -0.911  1.781   -9.955  1.00 44.06 ? 507 TYR A CA  1 
ATOM   1266 C C   . TYR A 1 176 ? -0.400  3.200   -10.301 1.00 46.98 ? 507 TYR A C   1 
ATOM   1267 O O   . TYR A 1 176 ? -0.961  3.874   -11.180 1.00 47.49 ? 507 TYR A O   1 
ATOM   1268 C CB  . TYR A 1 176 ? -1.910  1.896   -8.775  1.00 41.73 ? 507 TYR A CB  1 
ATOM   1269 C CG  . TYR A 1 176 ? -2.959  0.809   -8.683  1.00 39.64 ? 507 TYR A CG  1 
ATOM   1270 C CD1 . TYR A 1 176 ? -2.952  -0.123  -7.639  1.00 38.49 ? 507 TYR A CD1 1 
ATOM   1271 C CD2 . TYR A 1 176 ? -3.980  0.726   -9.627  1.00 40.30 ? 507 TYR A CD2 1 
ATOM   1272 C CE1 . TYR A 1 176 ? -3.955  -1.120  -7.544  1.00 39.24 ? 507 TYR A CE1 1 
ATOM   1273 C CE2 . TYR A 1 176 ? -4.983  -0.263  -9.544  1.00 41.67 ? 507 TYR A CE2 1 
ATOM   1274 C CZ  . TYR A 1 176 ? -4.970  -1.179  -8.503  1.00 40.66 ? 507 TYR A CZ  1 
ATOM   1275 O OH  . TYR A 1 176 ? -5.991  -2.116  -8.433  1.00 41.17 ? 507 TYR A OH  1 
ATOM   1276 N N   . ILE A 1 177 ? 0.611   3.651   -9.541  1.00 49.20 ? 508 ILE A N   1 
ATOM   1277 C CA  . ILE A 1 177 ? 1.260   4.967   -9.647  1.00 51.14 ? 508 ILE A CA  1 
ATOM   1278 C C   . ILE A 1 177 ? 2.456   4.880   -10.591 1.00 58.85 ? 508 ILE A C   1 
ATOM   1279 O O   . ILE A 1 177 ? 3.598   4.654   -10.186 1.00 58.73 ? 508 ILE A O   1 
ATOM   1280 C CB  . ILE A 1 177 ? 1.739   5.478   -8.244  1.00 45.89 ? 508 ILE A CB  1 
ATOM   1281 C CG1 . ILE A 1 177 ? 0.544   5.649   -7.308  1.00 40.16 ? 508 ILE A CG1 1 
ATOM   1282 C CG2 . ILE A 1 177 ? 2.541   6.779   -8.363  1.00 41.90 ? 508 ILE A CG2 1 
ATOM   1283 C CD1 . ILE A 1 177 ? 0.924   6.032   -5.916  1.00 39.82 ? 508 ILE A CD1 1 
ATOM   1284 N N   . ASP A 1 178 ? 2.154   5.119   -11.857 1.00 67.72 ? 509 ASP A N   1 
ATOM   1285 C CA  . ASP A 1 178 ? 3.083   5.087   -12.992 1.00 75.99 ? 509 ASP A CA  1 
ATOM   1286 C C   . ASP A 1 178 ? 4.620   4.938   -12.886 1.00 77.47 ? 509 ASP A C   1 
ATOM   1287 O O   . ASP A 1 178 ? 5.264   4.447   -13.844 1.00 79.04 ? 509 ASP A O   1 
ATOM   1288 C CB  . ASP A 1 178 ? 2.718   6.227   -13.955 1.00 79.60 ? 509 ASP A CB  1 
ATOM   1289 C CG  . ASP A 1 178 ? 1.287   6.113   -14.455 1.00 83.76 ? 509 ASP A CG  1 
ATOM   1290 O OD1 . ASP A 1 178 ? 0.878   4.984   -14.835 1.00 85.58 ? 509 ASP A OD1 1 
ATOM   1291 O OD2 . ASP A 1 178 ? 0.568   7.138   -14.439 1.00 87.22 ? 509 ASP A OD2 1 
ATOM   1292 N N   . LYS A 1 179 ? 5.234   5.405   -11.801 1.00 75.70 ? 510 LYS A N   1 
ATOM   1293 C CA  . LYS A 1 179 ? 6.660   5.232   -11.730 1.00 71.64 ? 510 LYS A CA  1 
ATOM   1294 C C   . LYS A 1 179 ? 6.867   3.807   -11.302 1.00 69.53 ? 510 LYS A C   1 
ATOM   1295 O O   . LYS A 1 179 ? 6.652   3.426   -10.153 1.00 66.32 ? 510 LYS A O   1 
ATOM   1296 C CB  . LYS A 1 179 ? 7.314   6.203   -10.782 1.00 73.67 ? 510 LYS A CB  1 
ATOM   1297 C CG  . LYS A 1 179 ? 8.563   6.817   -11.377 1.00 76.64 ? 510 LYS A CG  1 
ATOM   1298 C CD  . LYS A 1 179 ? 9.085   7.921   -10.460 1.00 81.76 ? 510 LYS A CD  1 
ATOM   1299 C CE  . LYS A 1 179 ? 7.974   8.961   -10.145 1.00 83.13 ? 510 LYS A CE  1 
ATOM   1300 N NZ  . LYS A 1 179 ? 8.270   9.987   -9.073  1.00 80.89 ? 510 LYS A NZ  1 
ATOM   1301 N N   . ASN A 1 180 ? 7.146   2.992   -12.304 1.00 66.70 ? 511 ASN A N   1 
ATOM   1302 C CA  . ASN A 1 180 ? 7.394   1.607   -12.079 1.00 61.99 ? 511 ASN A CA  1 
ATOM   1303 C C   . ASN A 1 180 ? 8.847   1.523   -11.669 1.00 59.33 ? 511 ASN A C   1 
ATOM   1304 O O   . ASN A 1 180 ? 9.767   1.394   -12.472 1.00 56.02 ? 511 ASN A O   1 
ATOM   1305 C CB  . ASN A 1 180 ? 6.953   0.803   -13.289 1.00 59.45 ? 511 ASN A CB  1 
ATOM   1306 C CG  . ASN A 1 180 ? 5.447   0.942   -13.514 1.00 60.67 ? 511 ASN A CG  1 
ATOM   1307 O OD1 . ASN A 1 180 ? 4.787   1.626   -12.740 1.00 61.34 ? 511 ASN A OD1 1 
ATOM   1308 N ND2 . ASN A 1 180 ? 4.904   0.315   -14.553 1.00 60.19 ? 511 ASN A ND2 1 
ATOM   1309 N N   . LYS A 1 181 ? 8.994   1.890   -10.397 1.00 56.63 ? 512 LYS A N   1 
ATOM   1310 C CA  . LYS A 1 181 ? 10.241  1.892   -9.672  1.00 53.73 ? 512 LYS A CA  1 
ATOM   1311 C C   . LYS A 1 181 ? 10.226  0.586   -8.910  1.00 49.22 ? 512 LYS A C   1 
ATOM   1312 O O   . LYS A 1 181 ? 10.827  0.453   -7.841  1.00 47.81 ? 512 LYS A O   1 
ATOM   1313 C CB  . LYS A 1 181 ? 10.303  3.053   -8.677  1.00 57.96 ? 512 LYS A CB  1 
ATOM   1314 C CG  . LYS A 1 181 ? 9.046   3.884   -8.543  1.00 62.78 ? 512 LYS A CG  1 
ATOM   1315 C CD  . LYS A 1 181 ? 9.213   5.020   -7.524  1.00 66.63 ? 512 LYS A CD  1 
ATOM   1316 C CE  . LYS A 1 181 ? 10.363  5.986   -7.867  1.00 69.58 ? 512 LYS A CE  1 
ATOM   1317 N NZ  . LYS A 1 181 ? 11.740  5.467   -7.603  1.00 72.22 ? 512 LYS A NZ  1 
ATOM   1318 N N   . LEU A 1 182 ? 9.516   -0.378  -9.479  1.00 45.80 ? 513 LEU A N   1 
ATOM   1319 C CA  . LEU A 1 182 ? 9.396   -1.703  -8.923  1.00 43.53 ? 513 LEU A CA  1 
ATOM   1320 C C   . LEU A 1 182 ? 10.794  -2.293  -8.718  1.00 46.86 ? 513 LEU A C   1 
ATOM   1321 O O   . LEU A 1 182 ? 11.063  -2.903  -7.682  1.00 48.43 ? 513 LEU A O   1 
ATOM   1322 C CB  . LEU A 1 182 ? 8.577   -2.554  -9.881  1.00 39.75 ? 513 LEU A CB  1 
ATOM   1323 C CG  . LEU A 1 182 ? 7.102   -2.155  -10.000 1.00 37.48 ? 513 LEU A CG  1 
ATOM   1324 C CD1 . LEU A 1 182 ? 6.402   -2.874  -11.146 1.00 35.07 ? 513 LEU A CD1 1 
ATOM   1325 C CD2 . LEU A 1 182 ? 6.408   -2.466  -8.692  1.00 34.43 ? 513 LEU A CD2 1 
ATOM   1326 N N   . ASN A 1 183 ? 11.705  -2.012  -9.658  1.00 49.04 ? 514 ASN A N   1 
ATOM   1327 C CA  . ASN A 1 183 ? 13.104  -2.499  -9.625  1.00 50.53 ? 514 ASN A CA  1 
ATOM   1328 C C   . ASN A 1 183 ? 13.944  -1.894  -8.516  1.00 48.95 ? 514 ASN A C   1 
ATOM   1329 O O   . ASN A 1 183 ? 15.051  -2.372  -8.250  1.00 50.96 ? 514 ASN A O   1 
ATOM   1330 C CB  . ASN A 1 183 ? 13.821  -2.172  -10.935 1.00 52.06 ? 514 ASN A CB  1 
ATOM   1331 C CG  . ASN A 1 183 ? 12.904  -2.268  -12.126 1.00 57.33 ? 514 ASN A CG  1 
ATOM   1332 O OD1 . ASN A 1 183 ? 12.833  -3.305  -12.786 1.00 59.82 ? 514 ASN A OD1 1 
ATOM   1333 N ND2 . ASN A 1 183 ? 12.153  -1.198  -12.389 1.00 58.58 ? 514 ASN A ND2 1 
ATOM   1334 N N   . THR A 1 184 ? 13.414  -0.856  -7.876  1.00 46.59 ? 515 THR A N   1 
ATOM   1335 C CA  . THR A 1 184 ? 14.113  -0.134  -6.828  1.00 44.12 ? 515 THR A CA  1 
ATOM   1336 C C   . THR A 1 184 ? 13.704  -0.500  -5.432  1.00 42.64 ? 515 THR A C   1 
ATOM   1337 O O   . THR A 1 184 ? 14.421  -0.211  -4.465  1.00 42.28 ? 515 THR A O   1 
ATOM   1338 C CB  . THR A 1 184 ? 13.870  1.330   -6.985  1.00 45.53 ? 515 THR A CB  1 
ATOM   1339 O OG1 . THR A 1 184 ? 13.898  1.658   -8.386  1.00 49.63 ? 515 THR A OG1 1 
ATOM   1340 C CG2 . THR A 1 184 ? 14.952  2.092   -6.272  1.00 47.03 ? 515 THR A CG2 1 
ATOM   1341 N N   . ILE A 1 185 ? 12.543  -1.133  -5.328  1.00 40.86 ? 516 ILE A N   1 
ATOM   1342 C CA  . ILE A 1 185 ? 12.000  -1.558  -4.044  1.00 37.38 ? 516 ILE A CA  1 
ATOM   1343 C C   . ILE A 1 185 ? 12.982  -2.415  -3.243  1.00 35.38 ? 516 ILE A C   1 
ATOM   1344 O O   . ILE A 1 185 ? 13.327  -2.091  -2.107  1.00 34.84 ? 516 ILE A O   1 
ATOM   1345 C CB  . ILE A 1 185 ? 10.695  -2.355  -4.241  1.00 36.21 ? 516 ILE A CB  1 
ATOM   1346 C CG1 . ILE A 1 185 ? 9.698   -1.544  -5.072  1.00 37.63 ? 516 ILE A CG1 1 
ATOM   1347 C CG2 . ILE A 1 185 ? 10.081  -2.698  -2.892  1.00 37.62 ? 516 ILE A CG2 1 
ATOM   1348 C CD1 . ILE A 1 185 ? 8.324   -2.193  -5.232  1.00 35.34 ? 516 ILE A CD1 1 
ATOM   1349 N N   . ASN A 1 186 ? 13.455  -3.485  -3.865  1.00 34.97 ? 517 ASN A N   1 
ATOM   1350 C CA  . ASN A 1 186 ? 14.364  -4.408  -3.218  1.00 36.23 ? 517 ASN A CA  1 
ATOM   1351 C C   . ASN A 1 186 ? 15.590  -3.724  -2.698  1.00 39.13 ? 517 ASN A C   1 
ATOM   1352 O O   . ASN A 1 186 ? 16.079  -4.056  -1.613  1.00 39.72 ? 517 ASN A O   1 
ATOM   1353 C CB  . ASN A 1 186 ? 14.734  -5.534  -4.167  1.00 35.63 ? 517 ASN A CB  1 
ATOM   1354 C CG  . ASN A 1 186 ? 13.561  -6.432  -4.460  1.00 36.46 ? 517 ASN A CG  1 
ATOM   1355 O OD1 . ASN A 1 186 ? 12.702  -6.605  -3.624  1.00 37.68 ? 517 ASN A OD1 1 
ATOM   1356 N ND2 . ASN A 1 186 ? 13.504  -6.984  -5.657  1.00 41.13 ? 517 ASN A ND2 1 
ATOM   1357 N N   . GLU A 1 187 ? 16.017  -2.704  -3.438  1.00 42.40 ? 518 GLU A N   1 
ATOM   1358 C CA  . GLU A 1 187 ? 17.202  -1.911  -3.114  1.00 45.38 ? 518 GLU A CA  1 
ATOM   1359 C C   . GLU A 1 187 ? 16.965  -0.997  -1.926  1.00 42.88 ? 518 GLU A C   1 
ATOM   1360 O O   . GLU A 1 187 ? 17.813  -0.868  -1.039  1.00 42.04 ? 518 GLU A O   1 
ATOM   1361 C CB  . GLU A 1 187 ? 17.587  -1.045  -4.311  1.00 54.93 ? 518 GLU A CB  1 
ATOM   1362 C CG  . GLU A 1 187 ? 17.646  -1.805  -5.642  1.00 67.83 ? 518 GLU A CG  1 
ATOM   1363 C CD  . GLU A 1 187 ? 18.290  -0.988  -6.770  1.00 73.56 ? 518 GLU A CD  1 
ATOM   1364 O OE1 . GLU A 1 187 ? 18.291  -1.477  -7.932  1.00 77.35 ? 518 GLU A OE1 1 
ATOM   1365 O OE2 . GLU A 1 187 ? 18.797  0.132   -6.492  1.00 76.12 ? 518 GLU A OE2 1 
ATOM   1366 N N   . VAL A 1 188 ? 15.836  -0.303  -1.977  1.00 39.07 ? 519 VAL A N   1 
ATOM   1367 C CA  . VAL A 1 188 ? 15.430  0.597   -0.936  1.00 35.22 ? 519 VAL A CA  1 
ATOM   1368 C C   . VAL A 1 188 ? 15.256  -0.214  0.369   1.00 36.22 ? 519 VAL A C   1 
ATOM   1369 O O   . VAL A 1 188 ? 15.546  0.298   1.450   1.00 36.80 ? 519 VAL A O   1 
ATOM   1370 C CB  . VAL A 1 188 ? 14.139  1.328   -1.391  1.00 34.95 ? 519 VAL A CB  1 
ATOM   1371 C CG1 . VAL A 1 188 ? 13.423  1.932   -0.249  1.00 34.40 ? 519 VAL A CG1 1 
ATOM   1372 C CG2 . VAL A 1 188 ? 14.476  2.413   -2.378  1.00 29.92 ? 519 VAL A CG2 1 
ATOM   1373 N N   . LEU A 1 189 ? 14.889  -1.500  0.258   1.00 36.54 ? 520 LEU A N   1 
ATOM   1374 C CA  . LEU A 1 189 ? 14.660  -2.371  1.429   1.00 35.42 ? 520 LEU A CA  1 
ATOM   1375 C C   . LEU A 1 189 ? 15.802  -3.274  1.849   1.00 37.35 ? 520 LEU A C   1 
ATOM   1376 O O   . LEU A 1 189 ? 15.794  -3.836  2.950   1.00 39.47 ? 520 LEU A O   1 
ATOM   1377 C CB  . LEU A 1 189 ? 13.434  -3.247  1.211   1.00 32.20 ? 520 LEU A CB  1 
ATOM   1378 C CG  . LEU A 1 189 ? 12.111  -2.498  1.232   1.00 32.58 ? 520 LEU A CG  1 
ATOM   1379 C CD1 . LEU A 1 189 ? 10.968  -3.402  0.827   1.00 30.25 ? 520 LEU A CD1 1 
ATOM   1380 C CD2 . LEU A 1 189 ? 11.871  -1.924  2.604   1.00 28.46 ? 520 LEU A CD2 1 
ATOM   1381 N N   . GLY A 1 190 ? 16.722  -3.515  0.932   1.00 38.10 ? 521 GLY A N   1 
ATOM   1382 C CA  . GLY A 1 190 ? 17.861  -4.355  1.244   1.00 38.79 ? 521 GLY A CA  1 
ATOM   1383 C C   . GLY A 1 190 ? 17.604  -5.844  1.115   1.00 40.01 ? 521 GLY A C   1 
ATOM   1384 O O   . GLY A 1 190 ? 18.086  -6.607  1.948   1.00 41.08 ? 521 GLY A O   1 
ATOM   1385 N N   . ILE A 1 191 ? 16.927  -6.272  0.046   1.00 39.56 ? 522 ILE A N   1 
ATOM   1386 C CA  . ILE A 1 191 ? 16.618  -7.696  -0.144  1.00 38.86 ? 522 ILE A CA  1 
ATOM   1387 C C   . ILE A 1 191 ? 16.984  -8.156  -1.542  1.00 40.14 ? 522 ILE A C   1 
ATOM   1388 O O   . ILE A 1 191 ? 17.152  -7.325  -2.436  1.00 44.20 ? 522 ILE A O   1 
ATOM   1389 C CB  . ILE A 1 191 ? 15.120  -7.968  0.084   1.00 35.42 ? 522 ILE A CB  1 
ATOM   1390 C CG1 . ILE A 1 191 ? 14.289  -7.213  -0.948  1.00 30.43 ? 522 ILE A CG1 1 
ATOM   1391 C CG2 . ILE A 1 191 ? 14.730  -7.527  1.489   1.00 33.94 ? 522 ILE A CG2 1 
ATOM   1392 C CD1 . ILE A 1 191 ? 12.852  -7.028  -0.572  1.00 27.14 ? 522 ILE A CD1 1 
HETATM 1393 O O   . HOH B 2 .   ? 1.784   -14.855 -2.935  1.00 23.82 ? 1   HOH A O   1 
HETATM 1394 O O   . HOH B 2 .   ? -10.264 10.470  13.081  1.00 64.22 ? 2   HOH A O   1 
HETATM 1395 O O   . HOH B 2 .   ? 10.662  -19.130 -2.746  1.00 22.69 ? 3   HOH A O   1 
HETATM 1396 O O   . HOH B 2 .   ? 2.087   1.354   -14.303 0.00 30.04 ? 4   HOH A O   1 
HETATM 1397 O O   . HOH B 2 .   ? 8.656   -21.686 -2.710  1.00 56.39 ? 5   HOH A O   1 
HETATM 1398 O O   . HOH B 2 .   ? 15.962  -1.188  10.785  1.00 83.63 ? 6   HOH A O   1 
HETATM 1399 O O   . HOH B 2 .   ? -10.828 -13.084 5.417   1.00 40.08 ? 7   HOH A O   1 
HETATM 1400 O O   . HOH B 2 .   ? -14.925 -6.238  7.935   1.00 62.84 ? 8   HOH A O   1 
HETATM 1401 O O   . HOH B 2 .   ? 1.891   -18.071 1.352   1.00 52.52 ? 9   HOH A O   1 
HETATM 1402 O O   . HOH B 2 .   ? -4.166  -16.302 8.596   1.00 48.03 ? 10  HOH A O   1 
HETATM 1403 O O   . HOH B 2 .   ? -8.833  -11.146 -2.530  1.00 46.72 ? 11  HOH A O   1 
HETATM 1404 O O   . HOH B 2 .   ? -16.412 -3.788  4.723   1.00 55.44 ? 12  HOH A O   1 
HETATM 1405 O O   . HOH B 2 .   ? -9.577  13.239  -6.046  1.00 70.89 ? 13  HOH A O   1 
HETATM 1406 O O   . HOH B 2 .   ? -11.141 -11.465 7.847   1.00 37.44 ? 14  HOH A O   1 
HETATM 1407 O O   . HOH B 2 .   ? -17.372 2.430   -8.444  1.00 53.75 ? 15  HOH A O   1 
HETATM 1408 O O   . HOH B 2 .   ? 1.337   -5.438  13.160  1.00 49.45 ? 16  HOH A O   1 
HETATM 1409 O O   . HOH B 2 .   ? -6.203  -9.764  17.495  1.00 59.03 ? 17  HOH A O   1 
HETATM 1410 O O   . HOH B 2 .   ? 4.746   -19.503 8.924   1.00 47.45 ? 18  HOH A O   1 
HETATM 1411 O O   . HOH B 2 .   ? 3.414   -17.529 11.428  1.00 70.03 ? 19  HOH A O   1 
HETATM 1412 O O   . HOH B 2 .   ? 9.222   -17.102 8.707   1.00 72.32 ? 20  HOH A O   1 
HETATM 1413 O O   . HOH B 2 .   ? -5.854  14.453  -4.652  1.00 49.14 ? 21  HOH A O   1 
HETATM 1414 O O   . HOH B 2 .   ? 13.540  3.667   17.729  1.00 82.56 ? 22  HOH A O   1 
# 
